data_4A2U
#
_entry.id   4A2U
#
_cell.length_a   67.328
_cell.length_b   67.801
_cell.length_c   104.877
_cell.angle_alpha   84.41
_cell.angle_beta   83.46
_cell.angle_gamma   80.14
#
_symmetry.space_group_name_H-M   'P 1'
#
loop_
_entity.id
_entity.type
_entity.pdbx_description
1 polymer 'PROBABLE TRANSCRIPTIONAL REGULATORY PROTEIN (PROBABLY CRP/ FNR-FAMILY)'
2 non-polymer "ADENOSINE-3',5'-CYCLIC-MONOPHOSPHATE"
3 water water
#
_entity_poly.entity_id   1
_entity_poly.type   'polypeptide(L)'
_entity_poly.pdbx_seq_one_letter_code
;GSHMDEILARAGIFQGVEPSAIAALTKQLQPVDFPRGHTVFAEGEPGDRLYIIISGKVKIGRRAPDGRENLLTIMGPSDM
FGELSIFDPGPRTSSATTITEVRAVSMDRDALRSWIADRPEISEQLLRVLARRLRRTNNNLADLIFTDVPGRVAKQLLQL
AQRFGTQEGGALRVTHDLTQEEIAQLVGASRETVNKALADFAHRGWIRLEGKSVLISDSERLARRAR
;
_entity_poly.pdbx_strand_id   A,B,C,D,E,F,G,H
#
loop_
_chem_comp.id
_chem_comp.type
_chem_comp.name
_chem_comp.formula
CMP non-polymer ADENOSINE-3',5'-CYCLIC-MONOPHOSPHATE 'C10 H12 N5 O6 P'
#
# COMPACT_ATOMS: atom_id res chain seq x y z
N MET A 4 15.50 30.58 -29.84
CA MET A 4 15.42 31.96 -29.24
C MET A 4 14.40 32.05 -28.11
N ASP A 5 13.20 31.52 -28.36
CA ASP A 5 12.01 31.63 -27.51
C ASP A 5 12.10 30.90 -26.16
N GLU A 6 13.06 29.98 -26.04
CA GLU A 6 13.27 29.27 -24.77
C GLU A 6 14.26 30.02 -23.85
N ILE A 7 15.04 30.94 -24.43
CA ILE A 7 15.83 31.92 -23.64
C ILE A 7 14.90 33.04 -23.16
N LEU A 8 13.95 33.38 -24.02
CA LEU A 8 12.93 34.34 -23.66
C LEU A 8 11.94 33.78 -22.62
N ALA A 9 11.89 32.46 -22.50
CA ALA A 9 11.00 31.80 -21.55
C ALA A 9 11.53 31.90 -20.13
N ARG A 10 12.84 32.02 -20.00
CA ARG A 10 13.47 32.04 -18.69
C ARG A 10 13.77 33.48 -18.27
N ALA A 11 12.93 34.42 -18.69
CA ALA A 11 13.21 35.85 -18.56
C ALA A 11 13.04 36.38 -17.15
N GLY A 12 12.00 35.91 -16.48
CA GLY A 12 11.71 36.40 -15.15
C GLY A 12 10.33 37.02 -15.14
N ILE A 13 10.07 37.93 -16.09
CA ILE A 13 8.71 38.45 -16.31
C ILE A 13 7.79 37.25 -16.56
N PHE A 14 8.33 36.28 -17.28
CA PHE A 14 7.49 35.22 -17.83
C PHE A 14 7.30 33.95 -16.98
N GLN A 15 8.05 33.84 -15.89
CA GLN A 15 8.02 32.69 -14.99
C GLN A 15 6.66 32.44 -14.35
N GLY A 16 5.62 33.07 -14.88
CA GLY A 16 4.32 32.96 -14.23
C GLY A 16 3.14 32.80 -15.17
N VAL A 17 3.44 32.70 -16.46
CA VAL A 17 2.38 32.65 -17.46
C VAL A 17 2.25 31.27 -18.14
N GLU A 18 1.09 31.01 -18.74
CA GLU A 18 0.83 29.75 -19.45
C GLU A 18 1.87 29.55 -20.56
N PRO A 19 2.24 28.28 -20.85
CA PRO A 19 3.08 27.99 -22.01
C PRO A 19 2.45 28.51 -23.29
N SER A 20 1.13 28.31 -23.40
CA SER A 20 0.34 28.80 -24.53
C SER A 20 0.03 30.31 -24.42
N ALA A 21 0.82 31.02 -23.60
CA ALA A 21 0.65 32.47 -23.47
C ALA A 21 1.94 33.22 -23.81
N ILE A 22 3.08 32.66 -23.38
CA ILE A 22 4.39 33.29 -23.64
C ILE A 22 4.49 33.61 -25.13
N ALA A 23 3.96 32.71 -25.95
CA ALA A 23 3.91 32.89 -27.39
C ALA A 23 3.12 34.16 -27.72
N ALA A 24 1.91 34.27 -27.17
CA ALA A 24 1.13 35.53 -27.25
C ALA A 24 1.95 36.78 -26.92
N LEU A 25 2.72 36.73 -25.84
CA LEU A 25 3.48 37.88 -25.39
C LEU A 25 4.77 38.04 -26.14
N THR A 26 5.17 36.98 -26.84
CA THR A 26 6.43 36.97 -27.58
C THR A 26 6.28 37.69 -28.93
N LYS A 27 5.12 37.57 -29.58
CA LYS A 27 4.80 38.27 -30.85
C LYS A 27 4.90 39.78 -30.64
N GLN A 28 4.13 40.25 -29.67
CA GLN A 28 4.09 41.66 -29.26
C GLN A 28 5.48 42.26 -29.10
N LEU A 29 6.46 41.44 -28.75
CA LEU A 29 7.83 41.93 -28.53
C LEU A 29 8.59 42.30 -29.80
N GLN A 30 9.52 43.24 -29.62
CA GLN A 30 10.24 43.90 -30.70
C GLN A 30 11.74 43.57 -30.71
N PRO A 31 12.17 42.69 -31.64
CA PRO A 31 13.58 42.25 -31.74
C PRO A 31 14.52 43.39 -32.12
N VAL A 32 15.74 43.36 -31.59
CA VAL A 32 16.71 44.42 -31.80
C VAL A 32 18.10 43.82 -31.72
N ASP A 33 19.05 44.41 -32.45
CA ASP A 33 20.43 43.92 -32.52
C ASP A 33 21.45 45.04 -32.29
N PHE A 34 21.84 45.24 -31.04
CA PHE A 34 22.88 46.20 -30.72
C PHE A 34 24.25 45.58 -30.98
N PRO A 35 25.21 46.39 -31.46
CA PRO A 35 26.62 45.99 -31.63
C PRO A 35 27.37 46.09 -30.31
N ARG A 36 28.57 45.50 -30.25
CA ARG A 36 29.47 45.71 -29.10
C ARG A 36 29.73 47.21 -28.93
N GLY A 37 29.89 47.61 -27.67
CA GLY A 37 30.10 49.02 -27.29
C GLY A 37 29.01 49.95 -27.76
N HIS A 38 27.77 49.55 -27.59
CA HIS A 38 26.65 50.43 -27.85
C HIS A 38 26.02 50.81 -26.55
N THR A 39 25.63 52.08 -26.46
CA THR A 39 24.89 52.61 -25.31
C THR A 39 23.39 52.55 -25.62
N VAL A 40 22.68 51.64 -24.96
CA VAL A 40 21.23 51.43 -25.20
C VAL A 40 20.43 52.65 -24.72
N PHE A 41 20.89 53.21 -23.61
CA PHE A 41 20.39 54.46 -23.08
C PHE A 41 21.40 54.88 -22.05
N ALA A 42 21.20 56.04 -21.45
CA ALA A 42 22.22 56.51 -20.53
C ALA A 42 21.63 57.11 -19.28
N GLU A 43 22.30 56.82 -18.16
CA GLU A 43 21.96 57.43 -16.90
C GLU A 43 21.52 58.86 -17.15
N GLY A 44 20.23 59.15 -16.93
CA GLY A 44 19.73 60.51 -17.01
C GLY A 44 18.61 60.70 -17.98
N GLU A 45 18.62 59.91 -19.05
CA GLU A 45 17.60 60.00 -20.10
C GLU A 45 16.20 59.58 -19.64
N PRO A 46 15.15 60.11 -20.31
CA PRO A 46 13.80 59.59 -20.07
C PRO A 46 13.72 58.12 -20.47
N GLY A 47 12.73 57.40 -19.93
CA GLY A 47 12.69 55.97 -20.14
C GLY A 47 11.27 55.47 -20.17
N ASP A 48 10.91 54.88 -21.30
CA ASP A 48 9.57 54.33 -21.48
C ASP A 48 9.66 52.86 -21.91
N ARG A 49 10.82 52.24 -21.67
CA ARG A 49 11.22 51.05 -22.42
C ARG A 49 12.08 50.15 -21.55
N LEU A 50 11.78 48.85 -21.63
CA LEU A 50 12.38 47.80 -20.83
C LEU A 50 12.91 46.72 -21.81
N TYR A 51 13.97 46.01 -21.44
CA TYR A 51 14.65 45.13 -22.37
C TYR A 51 14.89 43.75 -21.84
N ILE A 52 14.73 42.76 -22.70
CA ILE A 52 15.16 41.40 -22.38
C ILE A 52 16.22 40.95 -23.38
N ILE A 53 17.41 40.69 -22.85
CA ILE A 53 18.53 40.19 -23.62
C ILE A 53 18.31 38.76 -24.07
N ILE A 54 18.13 38.58 -25.38
CA ILE A 54 18.22 37.26 -26.01
C ILE A 54 19.63 36.68 -25.87
N SER A 55 20.65 37.44 -26.30
CA SER A 55 22.02 37.00 -26.15
C SER A 55 22.99 38.16 -26.30
N GLY A 56 24.19 37.96 -25.76
CA GLY A 56 25.16 39.01 -25.57
C GLY A 56 25.19 39.30 -24.08
N LYS A 57 26.12 40.14 -23.66
CA LYS A 57 26.11 40.62 -22.30
C LYS A 57 26.09 42.14 -22.33
N VAL A 58 25.55 42.73 -21.26
CA VAL A 58 25.44 44.17 -21.15
C VAL A 58 25.87 44.60 -19.75
N LYS A 59 26.58 45.73 -19.65
CA LYS A 59 26.95 46.25 -18.33
C LYS A 59 26.07 47.42 -17.93
N ILE A 60 25.55 47.36 -16.71
CA ILE A 60 24.78 48.47 -16.17
C ILE A 60 25.70 49.31 -15.29
N GLY A 61 25.86 50.58 -15.62
CA GLY A 61 26.90 51.41 -15.00
C GLY A 61 26.52 52.79 -14.51
N ARG A 62 27.27 53.25 -13.52
CA ARG A 62 27.05 54.55 -13.00
C ARG A 62 28.35 55.28 -13.05
N ARG A 63 28.29 56.55 -13.47
CA ARG A 63 29.47 57.38 -13.60
C ARG A 63 29.56 58.39 -12.46
N ALA A 64 30.73 58.50 -11.85
CA ALA A 64 30.98 59.49 -10.80
C ALA A 64 31.21 60.86 -11.42
N PRO A 65 30.84 61.93 -10.68
CA PRO A 65 31.30 63.29 -11.01
C PRO A 65 32.80 63.35 -11.40
N ASP A 66 33.68 62.65 -10.67
CA ASP A 66 35.11 62.51 -11.01
C ASP A 66 35.41 61.80 -12.33
N GLY A 67 34.38 61.42 -13.07
CA GLY A 67 34.54 60.62 -14.30
C GLY A 67 34.71 59.13 -14.06
N ARG A 68 34.94 58.73 -12.81
CA ARG A 68 35.03 57.30 -12.43
C ARG A 68 33.64 56.66 -12.48
N GLU A 69 33.63 55.33 -12.56
CA GLU A 69 32.44 54.60 -12.98
C GLU A 69 32.34 53.32 -12.15
N ASN A 70 31.23 53.11 -11.44
CA ASN A 70 31.03 51.82 -10.78
C ASN A 70 30.00 50.95 -11.50
N LEU A 71 30.36 49.68 -11.72
CA LEU A 71 29.49 48.78 -12.47
C LEU A 71 28.54 48.06 -11.55
N LEU A 72 27.27 48.34 -11.77
CA LEU A 72 26.25 47.81 -10.92
C LEU A 72 26.08 46.32 -11.09
N THR A 73 26.01 45.84 -12.35
CA THR A 73 25.96 44.39 -12.64
C THR A 73 26.27 44.09 -14.11
N ILE A 74 26.54 42.82 -14.41
CA ILE A 74 26.63 42.37 -15.81
C ILE A 74 25.42 41.48 -16.18
N MET A 75 24.90 41.66 -17.40
CA MET A 75 23.62 41.07 -17.79
C MET A 75 23.69 40.25 -19.06
N GLY A 76 23.09 39.07 -19.02
CA GLY A 76 23.18 38.13 -20.12
C GLY A 76 21.83 37.61 -20.55
N PRO A 77 21.83 36.51 -21.31
CA PRO A 77 20.58 35.95 -21.86
C PRO A 77 19.51 35.72 -20.80
N SER A 78 18.29 36.18 -21.10
CA SER A 78 17.14 36.10 -20.16
C SER A 78 16.97 37.30 -19.21
N ASP A 79 18.02 38.11 -19.03
CA ASP A 79 17.98 39.24 -18.11
C ASP A 79 17.05 40.34 -18.59
N MET A 80 16.30 40.94 -17.66
CA MET A 80 15.49 42.13 -17.94
C MET A 80 16.16 43.40 -17.41
N PHE A 81 16.24 44.45 -18.23
CA PHE A 81 16.83 45.72 -17.74
C PHE A 81 16.14 46.97 -18.29
N GLY A 82 16.17 48.04 -17.50
CA GLY A 82 15.50 49.28 -17.85
C GLY A 82 14.05 49.28 -17.39
N GLU A 83 13.76 48.46 -16.38
CA GLU A 83 12.43 48.38 -15.75
C GLU A 83 12.18 49.47 -14.71
N LEU A 84 13.25 50.04 -14.15
CA LEU A 84 13.12 50.94 -13.02
C LEU A 84 12.45 52.26 -13.39
N SER A 85 12.50 52.66 -14.64
CA SER A 85 11.89 53.93 -15.03
C SER A 85 10.45 53.76 -15.45
N ILE A 86 10.03 52.52 -15.66
CA ILE A 86 8.62 52.19 -15.80
C ILE A 86 7.86 52.26 -14.46
N PHE A 87 8.45 51.71 -13.39
CA PHE A 87 7.70 51.52 -12.15
C PHE A 87 7.68 52.75 -11.25
N ASP A 88 8.62 53.65 -11.49
CA ASP A 88 8.78 54.85 -10.70
C ASP A 88 9.30 55.88 -11.67
N PRO A 89 8.40 56.35 -12.56
CA PRO A 89 8.80 57.06 -13.77
C PRO A 89 9.71 58.22 -13.45
N GLY A 90 10.75 58.34 -14.28
CA GLY A 90 11.82 59.28 -14.03
C GLY A 90 12.96 58.91 -14.95
N PRO A 91 14.17 59.38 -14.64
CA PRO A 91 15.30 59.10 -15.51
C PRO A 91 15.85 57.69 -15.26
N ARG A 92 16.65 57.22 -16.19
CA ARG A 92 17.44 56.03 -15.96
C ARG A 92 18.39 56.27 -14.77
N THR A 93 18.52 55.28 -13.88
CA THR A 93 19.42 55.41 -12.72
C THR A 93 20.86 55.09 -13.09
N SER A 94 21.09 54.65 -14.31
CA SER A 94 22.34 54.03 -14.71
C SER A 94 22.35 53.74 -16.21
N SER A 95 23.53 53.70 -16.81
CA SER A 95 23.64 53.43 -18.24
C SER A 95 23.62 51.92 -18.51
N ALA A 96 23.28 51.57 -19.75
CA ALA A 96 23.25 50.20 -20.16
C ALA A 96 24.02 50.09 -21.46
N THR A 97 25.18 49.45 -21.37
CA THR A 97 26.15 49.44 -22.47
C THR A 97 26.66 48.04 -22.72
N THR A 98 26.53 47.61 -23.98
CA THR A 98 26.99 46.30 -24.41
C THR A 98 28.50 46.13 -24.24
N ILE A 99 28.88 44.88 -24.04
CA ILE A 99 30.28 44.49 -23.95
C ILE A 99 30.46 43.32 -24.92
N THR A 100 29.49 43.17 -25.83
CA THR A 100 29.53 42.26 -26.93
C THR A 100 28.46 42.73 -27.90
N GLU A 101 28.42 42.14 -29.09
CA GLU A 101 27.22 42.28 -29.90
C GLU A 101 26.06 41.71 -29.08
N VAL A 102 24.88 42.27 -29.26
CA VAL A 102 23.71 41.86 -28.51
C VAL A 102 22.49 41.79 -29.42
N ARG A 103 21.70 40.74 -29.27
CA ARG A 103 20.33 40.77 -29.76
C ARG A 103 19.44 40.69 -28.54
N ALA A 104 18.48 41.61 -28.52
CA ALA A 104 17.63 41.86 -27.38
C ALA A 104 16.20 42.08 -27.85
N VAL A 105 15.31 42.31 -26.89
CA VAL A 105 13.87 42.42 -27.14
C VAL A 105 13.29 43.44 -26.15
N SER A 106 12.46 44.32 -26.68
CA SER A 106 12.01 45.47 -25.94
C SER A 106 10.52 45.52 -25.88
N MET A 107 10.01 46.22 -24.86
CA MET A 107 8.58 46.38 -24.56
C MET A 107 8.52 47.68 -23.78
N ASP A 108 7.37 48.36 -23.83
CA ASP A 108 7.33 49.73 -23.33
C ASP A 108 6.22 49.92 -22.31
N ARG A 109 6.21 51.07 -21.64
CA ARG A 109 5.35 51.27 -20.46
C ARG A 109 3.90 50.85 -20.70
N ASP A 110 3.33 51.25 -21.83
CA ASP A 110 1.96 50.91 -22.14
C ASP A 110 1.79 49.44 -22.49
N ALA A 111 2.72 48.90 -23.27
CA ALA A 111 2.74 47.48 -23.57
C ALA A 111 2.79 46.74 -22.24
N LEU A 112 3.67 47.22 -21.35
CA LEU A 112 3.86 46.53 -20.11
C LEU A 112 2.62 46.56 -19.24
N ARG A 113 1.96 47.72 -19.17
CA ARG A 113 0.81 47.95 -18.32
C ARG A 113 -0.37 47.15 -18.80
N SER A 114 -0.46 47.00 -20.12
CA SER A 114 -1.53 46.21 -20.73
C SER A 114 -1.40 44.75 -20.30
N TRP A 115 -0.18 44.23 -20.42
CA TRP A 115 0.13 42.89 -19.95
C TRP A 115 -0.20 42.61 -18.54
N ILE A 116 0.06 43.58 -17.66
CA ILE A 116 -0.20 43.43 -16.22
C ILE A 116 -1.68 43.41 -15.87
N ALA A 117 -2.49 44.10 -16.67
CA ALA A 117 -3.92 44.11 -16.41
C ALA A 117 -4.48 42.80 -16.99
N ASP A 118 -3.79 42.32 -18.02
CA ASP A 118 -4.12 41.06 -18.66
C ASP A 118 -3.74 39.85 -17.77
N ARG A 119 -2.59 39.94 -17.09
CA ARG A 119 -2.05 38.82 -16.33
C ARG A 119 -1.27 39.28 -15.10
N PRO A 120 -2.00 39.49 -14.01
CA PRO A 120 -1.48 39.97 -12.74
C PRO A 120 -0.21 39.24 -12.25
N GLU A 121 0.02 38.02 -12.77
CA GLU A 121 1.16 37.16 -12.37
C GLU A 121 2.49 37.80 -12.72
N ILE A 122 2.47 38.59 -13.80
CA ILE A 122 3.61 39.36 -14.20
C ILE A 122 4.06 40.33 -13.13
N SER A 123 3.10 40.90 -12.40
CA SER A 123 3.40 41.78 -11.29
C SER A 123 4.14 40.99 -10.24
N GLU A 124 3.65 39.78 -9.98
CA GLU A 124 4.17 38.99 -8.88
C GLU A 124 5.59 38.64 -9.20
N GLN A 125 5.85 38.38 -10.47
CA GLN A 125 7.21 38.10 -10.91
C GLN A 125 8.23 39.26 -10.91
N LEU A 126 7.81 40.47 -11.29
CA LEU A 126 8.75 41.60 -11.27
C LEU A 126 9.03 42.03 -9.83
N LEU A 127 8.13 41.71 -8.91
CA LEU A 127 8.41 41.98 -7.52
C LEU A 127 9.56 41.10 -7.05
N ARG A 128 9.50 39.81 -7.41
CA ARG A 128 10.53 38.82 -7.11
C ARG A 128 11.88 39.25 -7.64
N VAL A 129 11.91 39.54 -8.94
CA VAL A 129 13.07 40.18 -9.60
C VAL A 129 13.59 41.44 -8.87
N LEU A 130 12.71 42.39 -8.53
CA LEU A 130 13.16 43.62 -7.84
C LEU A 130 13.71 43.33 -6.48
N ALA A 131 12.92 42.70 -5.63
CA ALA A 131 13.40 42.25 -4.33
C ALA A 131 14.76 41.51 -4.39
N ARG A 132 14.90 40.56 -5.31
CA ARG A 132 16.16 39.86 -5.45
C ARG A 132 17.29 40.86 -5.83
N ARG A 133 17.09 41.67 -6.85
CA ARG A 133 18.01 42.78 -7.14
C ARG A 133 18.37 43.60 -5.90
N LEU A 134 17.39 43.84 -5.04
CA LEU A 134 17.66 44.64 -3.87
C LEU A 134 18.45 43.89 -2.84
N ARG A 135 18.23 42.58 -2.74
CA ARG A 135 19.01 41.69 -1.89
C ARG A 135 20.49 41.68 -2.33
N ARG A 136 20.73 41.64 -3.63
CA ARG A 136 22.10 41.54 -4.08
C ARG A 136 22.82 42.81 -3.72
N THR A 137 22.18 43.94 -3.97
CA THR A 137 22.76 45.25 -3.79
C THR A 137 23.08 45.52 -2.31
N ASN A 138 22.24 45.08 -1.39
CA ASN A 138 22.58 45.20 0.01
C ASN A 138 23.83 44.46 0.32
N ASN A 139 24.06 43.35 -0.36
CA ASN A 139 25.29 42.55 -0.17
C ASN A 139 26.45 43.31 -0.74
N ASN A 140 26.34 43.86 -1.95
CA ASN A 140 27.49 44.62 -2.47
C ASN A 140 27.78 45.89 -1.65
N LEU A 141 26.71 46.62 -1.33
CA LEU A 141 26.83 47.84 -0.55
C LEU A 141 27.62 47.55 0.70
N ALA A 142 27.18 46.52 1.45
CA ALA A 142 27.80 46.14 2.73
C ALA A 142 29.19 45.58 2.52
N ASP A 143 29.41 44.92 1.40
CA ASP A 143 30.77 44.53 1.02
C ASP A 143 31.74 45.73 1.05
N LEU A 144 31.24 46.91 0.70
CA LEU A 144 32.04 48.12 0.67
C LEU A 144 32.46 48.68 2.04
N ILE A 145 31.60 48.56 3.05
CA ILE A 145 31.97 48.99 4.40
C ILE A 145 32.70 47.89 5.13
N PHE A 146 32.31 46.65 4.85
CA PHE A 146 32.70 45.54 5.72
C PHE A 146 33.82 44.65 5.19
N THR A 147 33.95 44.56 3.88
CA THR A 147 34.82 43.54 3.33
C THR A 147 36.03 44.16 2.68
N ASP A 148 37.17 43.52 2.94
CA ASP A 148 38.44 43.96 2.42
C ASP A 148 38.47 43.81 0.91
N VAL A 149 39.47 44.44 0.30
CA VAL A 149 39.47 44.74 -1.11
C VAL A 149 39.61 43.50 -2.01
N PRO A 150 40.61 42.62 -1.78
CA PRO A 150 40.53 41.38 -2.57
C PRO A 150 39.46 40.42 -2.02
N GLY A 151 39.13 40.56 -0.74
CA GLY A 151 37.99 39.83 -0.17
C GLY A 151 36.74 39.97 -1.02
N ARG A 152 36.53 41.16 -1.58
CA ARG A 152 35.41 41.42 -2.50
C ARG A 152 35.63 40.84 -3.91
N VAL A 153 36.87 40.88 -4.40
CA VAL A 153 37.19 40.33 -5.74
C VAL A 153 36.90 38.82 -5.80
N ALA A 154 36.85 38.21 -4.62
CA ALA A 154 36.50 36.79 -4.51
C ALA A 154 35.05 36.58 -4.86
N LYS A 155 34.15 37.06 -3.98
CA LYS A 155 32.70 36.94 -4.13
C LYS A 155 32.22 37.34 -5.52
N GLN A 156 32.94 38.28 -6.14
CA GLN A 156 32.64 38.86 -7.46
C GLN A 156 32.91 37.91 -8.61
N LEU A 157 34.05 37.21 -8.53
CA LEU A 157 34.44 36.27 -9.57
C LEU A 157 33.51 35.07 -9.57
N LEU A 158 33.26 34.56 -8.37
CA LEU A 158 32.34 33.46 -8.11
C LEU A 158 30.92 33.79 -8.56
N GLN A 159 30.51 35.03 -8.38
CA GLN A 159 29.15 35.43 -8.72
C GLN A 159 29.03 35.45 -10.23
N LEU A 160 30.02 36.07 -10.89
CA LEU A 160 30.15 35.95 -12.33
C LEU A 160 30.03 34.49 -12.74
N ALA A 161 30.72 33.62 -11.99
CA ALA A 161 30.71 32.18 -12.20
C ALA A 161 29.30 31.59 -12.07
N GLN A 162 28.72 31.69 -10.87
CA GLN A 162 27.33 31.24 -10.60
C GLN A 162 26.41 31.46 -11.79
N ARG A 163 26.64 32.58 -12.48
CA ARG A 163 25.77 33.06 -13.54
C ARG A 163 26.32 32.72 -14.94
N PHE A 164 27.63 32.67 -15.10
CA PHE A 164 28.24 32.44 -16.41
C PHE A 164 29.16 31.21 -16.48
N GLY A 165 29.54 30.68 -15.32
CA GLY A 165 30.47 29.54 -15.19
C GLY A 165 30.09 28.23 -15.84
N THR A 166 30.99 27.75 -16.69
CA THR A 166 30.88 26.50 -17.41
C THR A 166 31.91 25.54 -16.83
N GLN A 167 31.49 24.35 -16.38
CA GLN A 167 32.48 23.34 -15.96
C GLN A 167 33.37 22.97 -17.16
N GLU A 168 34.67 23.22 -17.01
CA GLU A 168 35.67 22.95 -18.05
C GLU A 168 36.87 22.17 -17.48
N GLY A 169 36.69 20.85 -17.39
CA GLY A 169 37.69 19.95 -16.84
C GLY A 169 37.90 20.20 -15.37
N GLY A 170 36.90 19.82 -14.57
CA GLY A 170 36.97 19.96 -13.12
C GLY A 170 37.01 21.40 -12.63
N ALA A 171 37.34 22.32 -13.55
CA ALA A 171 37.41 23.74 -13.27
C ALA A 171 36.11 24.46 -13.68
N LEU A 172 36.14 25.80 -13.70
CA LEU A 172 35.00 26.63 -14.16
C LEU A 172 35.37 27.65 -15.26
N ARG A 173 34.70 27.53 -16.41
CA ARG A 173 34.89 28.44 -17.56
C ARG A 173 33.94 29.65 -17.56
N VAL A 174 34.51 30.80 -17.20
CA VAL A 174 33.79 32.06 -17.13
C VAL A 174 34.31 33.01 -18.19
N THR A 175 33.52 33.22 -19.22
CA THR A 175 33.87 34.15 -20.28
C THR A 175 33.16 35.46 -20.03
N HIS A 176 33.47 36.09 -18.89
CA HIS A 176 32.81 37.31 -18.46
C HIS A 176 32.75 38.39 -19.53
N ASP A 177 33.77 38.42 -20.38
CA ASP A 177 33.91 39.43 -21.45
C ASP A 177 34.15 40.83 -20.89
N LEU A 178 34.77 40.88 -19.70
CA LEU A 178 35.16 42.13 -19.05
C LEU A 178 36.65 42.37 -19.17
N THR A 179 37.00 43.54 -19.71
CA THR A 179 38.36 44.07 -19.64
C THR A 179 38.83 44.13 -18.19
N GLN A 180 40.12 44.41 -18.01
CA GLN A 180 40.73 44.58 -16.69
C GLN A 180 39.90 45.57 -15.84
N GLU A 181 39.71 46.77 -16.37
CA GLU A 181 39.05 47.84 -15.63
C GLU A 181 37.61 47.50 -15.22
N GLU A 182 36.86 46.93 -16.16
CA GLU A 182 35.44 46.52 -15.96
C GLU A 182 35.22 45.59 -14.75
N ILE A 183 36.17 44.69 -14.51
CA ILE A 183 36.11 43.82 -13.34
C ILE A 183 36.32 44.69 -12.10
N ALA A 184 37.21 45.68 -12.22
CA ALA A 184 37.58 46.57 -11.12
C ALA A 184 36.37 47.34 -10.63
N GLN A 185 35.66 47.88 -11.62
CA GLN A 185 34.49 48.68 -11.37
C GLN A 185 33.38 47.87 -10.67
N LEU A 186 33.22 46.60 -11.03
CA LEU A 186 32.28 45.75 -10.28
C LEU A 186 32.60 45.71 -8.78
N VAL A 187 33.89 45.64 -8.46
CA VAL A 187 34.38 45.56 -7.08
C VAL A 187 34.34 46.96 -6.43
N GLY A 188 34.24 47.99 -7.27
CA GLY A 188 34.11 49.34 -6.78
C GLY A 188 35.46 49.68 -6.19
N ALA A 189 36.45 49.78 -7.09
CA ALA A 189 37.86 49.94 -6.72
C ALA A 189 38.69 50.39 -7.92
N SER A 190 39.94 50.80 -7.64
CA SER A 190 40.94 51.19 -8.65
C SER A 190 41.72 49.98 -9.18
N ARG A 191 41.84 49.89 -10.51
CA ARG A 191 42.66 48.87 -11.19
C ARG A 191 43.90 48.56 -10.37
N GLU A 192 44.58 49.61 -9.92
CA GLU A 192 45.79 49.55 -9.13
C GLU A 192 45.77 48.45 -8.05
N THR A 193 44.75 48.46 -7.20
CA THR A 193 44.64 47.46 -6.11
C THR A 193 43.89 46.20 -6.55
N VAL A 194 43.22 46.29 -7.70
CA VAL A 194 42.50 45.16 -8.30
C VAL A 194 43.46 44.22 -9.06
N ASN A 195 44.35 44.82 -9.85
CA ASN A 195 45.36 44.05 -10.57
C ASN A 195 46.50 43.49 -9.67
N LYS A 196 46.49 43.84 -8.37
CA LYS A 196 47.31 43.19 -7.34
C LYS A 196 46.62 41.92 -6.84
N ALA A 197 45.33 41.80 -7.14
CA ALA A 197 44.60 40.55 -6.94
C ALA A 197 44.56 39.78 -8.27
N LEU A 198 44.96 40.43 -9.35
CA LEU A 198 45.27 39.74 -10.60
C LEU A 198 46.51 38.89 -10.41
N ALA A 199 47.55 39.52 -9.85
CA ALA A 199 48.86 38.89 -9.67
C ALA A 199 48.94 37.90 -8.49
N ASP A 200 48.20 38.16 -7.41
CA ASP A 200 48.18 37.24 -6.28
C ASP A 200 47.47 35.93 -6.62
N PHE A 201 46.41 36.03 -7.42
CA PHE A 201 45.68 34.86 -7.87
C PHE A 201 46.35 34.28 -9.11
N ALA A 202 47.38 34.99 -9.60
CA ALA A 202 48.23 34.53 -10.71
C ALA A 202 49.42 33.67 -10.23
N HIS A 203 49.97 33.97 -9.06
CA HIS A 203 51.00 33.10 -8.44
C HIS A 203 50.56 32.40 -7.16
N ARG A 204 49.25 32.29 -6.99
CA ARG A 204 48.63 31.28 -6.12
C ARG A 204 47.82 30.31 -6.99
N GLY A 205 47.86 30.54 -8.30
CA GLY A 205 47.32 29.63 -9.32
C GLY A 205 45.91 29.08 -9.12
N TRP A 206 44.93 29.99 -9.00
CA TRP A 206 43.53 29.59 -8.90
C TRP A 206 42.75 29.90 -10.15
N ILE A 207 43.28 30.83 -10.96
CA ILE A 207 42.69 31.24 -12.24
C ILE A 207 43.76 31.43 -13.33
N ARG A 208 43.39 32.04 -14.45
CA ARG A 208 44.35 32.58 -15.43
C ARG A 208 43.66 33.39 -16.53
N LEU A 209 44.18 34.60 -16.78
CA LEU A 209 43.61 35.54 -17.77
C LEU A 209 43.74 35.05 -19.22
N GLU A 210 42.70 34.36 -19.68
CA GLU A 210 42.68 33.79 -21.04
C GLU A 210 41.59 34.46 -21.88
N GLY A 211 42.00 35.27 -22.85
CA GLY A 211 41.09 36.11 -23.64
C GLY A 211 40.43 37.11 -22.72
N LYS A 212 39.19 37.52 -23.05
CA LYS A 212 38.40 38.30 -22.09
C LYS A 212 37.94 37.40 -20.94
N SER A 213 37.68 36.14 -21.27
CA SER A 213 37.39 35.06 -20.32
C SER A 213 38.42 34.89 -19.18
N VAL A 214 38.15 33.96 -18.27
CA VAL A 214 39.01 33.59 -17.14
C VAL A 214 38.61 32.17 -16.70
N LEU A 215 39.61 31.32 -16.46
CA LEU A 215 39.38 29.93 -16.04
C LEU A 215 39.60 29.71 -14.54
N ILE A 216 38.56 29.27 -13.83
CA ILE A 216 38.63 29.12 -12.38
C ILE A 216 38.85 27.66 -11.99
N SER A 217 39.91 27.39 -11.22
CA SER A 217 40.22 26.02 -10.79
C SER A 217 40.05 25.77 -9.29
N ASP A 218 39.80 26.84 -8.54
CA ASP A 218 39.51 26.73 -7.11
C ASP A 218 38.05 27.10 -6.79
N SER A 219 37.66 26.88 -5.53
CA SER A 219 36.29 27.15 -5.07
C SER A 219 36.25 27.43 -3.56
N GLU A 220 36.95 26.59 -2.78
CA GLU A 220 36.90 26.64 -1.32
C GLU A 220 37.80 27.73 -0.75
N ARG A 221 39.03 27.83 -1.27
CA ARG A 221 39.95 28.89 -0.90
C ARG A 221 39.52 30.20 -1.57
N LEU A 222 38.23 30.26 -1.88
CA LEU A 222 37.52 31.47 -2.31
C LEU A 222 36.35 31.78 -1.36
N ALA A 223 35.46 30.80 -1.16
CA ALA A 223 34.34 30.93 -0.21
C ALA A 223 34.83 31.08 1.24
N ARG A 224 36.11 30.77 1.45
CA ARG A 224 36.84 31.10 2.68
C ARG A 224 37.47 32.49 2.51
N ARG A 225 38.01 32.74 1.31
CA ARG A 225 38.69 33.99 0.97
C ARG A 225 37.73 35.19 0.83
N ALA A 226 36.44 34.90 0.56
CA ALA A 226 35.41 35.93 0.53
C ALA A 226 34.82 36.15 1.93
N ARG A 227 34.19 35.10 2.48
CA ARG A 227 33.58 35.16 3.82
C ARG A 227 34.65 35.31 4.89
N MET B 4 -5.85 56.60 13.01
CA MET B 4 -4.67 55.78 12.57
C MET B 4 -4.85 55.10 11.21
N ASP B 5 -6.11 54.97 10.80
CA ASP B 5 -6.46 54.55 9.44
C ASP B 5 -5.90 55.55 8.44
N GLU B 6 -5.78 56.80 8.89
CA GLU B 6 -5.24 57.89 8.07
C GLU B 6 -3.77 57.62 7.76
N ILE B 7 -3.00 57.27 8.77
CA ILE B 7 -1.59 56.91 8.59
C ILE B 7 -1.43 55.66 7.72
N LEU B 8 -2.27 54.65 7.94
CA LEU B 8 -2.26 53.45 7.10
C LEU B 8 -2.53 53.74 5.62
N ALA B 9 -3.53 54.57 5.34
CA ALA B 9 -3.89 54.95 3.96
C ALA B 9 -2.74 55.57 3.15
N ARG B 10 -1.72 56.05 3.85
CA ARG B 10 -0.52 56.65 3.24
C ARG B 10 0.53 55.59 2.85
N ALA B 11 0.15 54.31 2.91
CA ALA B 11 1.10 53.24 2.67
C ALA B 11 1.51 53.15 1.20
N GLY B 12 2.49 52.29 0.93
CA GLY B 12 2.82 51.95 -0.44
C GLY B 12 1.72 51.06 -0.99
N ILE B 13 1.13 50.25 -0.12
CA ILE B 13 0.02 49.39 -0.52
C ILE B 13 -1.28 50.18 -0.64
N PHE B 14 -1.72 50.83 0.45
CA PHE B 14 -3.03 51.49 0.47
C PHE B 14 -3.17 52.72 -0.46
N GLN B 15 -2.05 53.32 -0.85
CA GLN B 15 -1.99 54.25 -1.99
C GLN B 15 -2.39 53.49 -3.25
N GLY B 16 -3.45 53.94 -3.90
CA GLY B 16 -3.89 53.31 -5.13
C GLY B 16 -4.95 52.26 -4.94
N VAL B 17 -5.53 52.19 -3.74
CA VAL B 17 -6.79 51.46 -3.54
C VAL B 17 -7.87 52.45 -3.10
N GLU B 18 -8.93 52.53 -3.91
CA GLU B 18 -10.03 53.48 -3.71
C GLU B 18 -10.21 53.84 -2.22
N PRO B 19 -9.87 55.11 -1.87
CA PRO B 19 -9.81 55.65 -0.50
C PRO B 19 -10.99 55.33 0.43
N SER B 20 -12.20 55.24 -0.13
CA SER B 20 -13.37 54.87 0.67
C SER B 20 -13.32 53.39 1.05
N ALA B 21 -12.83 52.60 0.11
CA ALA B 21 -12.72 51.17 0.28
C ALA B 21 -11.54 50.79 1.17
N ILE B 22 -10.61 51.73 1.41
CA ILE B 22 -9.48 51.47 2.33
C ILE B 22 -9.98 51.19 3.75
N ALA B 23 -11.17 51.73 4.06
CA ALA B 23 -11.88 51.43 5.30
C ALA B 23 -12.29 49.95 5.37
N ALA B 24 -12.89 49.45 4.29
CA ALA B 24 -13.46 48.10 4.25
C ALA B 24 -12.47 46.92 4.39
N LEU B 25 -11.17 47.22 4.41
CA LEU B 25 -10.13 46.16 4.43
C LEU B 25 -9.15 46.17 5.61
N THR B 26 -8.99 47.34 6.24
CA THR B 26 -8.02 47.57 7.34
C THR B 26 -8.38 46.91 8.68
N LYS B 27 -9.27 45.94 8.68
CA LYS B 27 -9.86 45.42 9.92
C LYS B 27 -8.99 44.46 10.75
N GLN B 28 -8.94 43.19 10.35
CA GLN B 28 -8.44 42.10 11.21
C GLN B 28 -6.91 41.86 11.17
N LEU B 29 -6.14 42.90 10.84
CA LEU B 29 -4.68 42.83 10.89
C LEU B 29 -4.21 42.83 12.33
N GLN B 30 -3.12 42.13 12.57
CA GLN B 30 -2.50 42.07 13.89
C GLN B 30 -1.75 43.40 14.16
N PRO B 31 -2.20 44.18 15.17
CA PRO B 31 -1.52 45.44 15.49
C PRO B 31 -0.55 45.29 16.67
N VAL B 32 0.71 45.66 16.47
CA VAL B 32 1.73 45.37 17.46
C VAL B 32 2.30 46.61 18.17
N ASP B 33 2.92 46.34 19.31
CA ASP B 33 3.61 47.38 20.04
C ASP B 33 4.99 46.94 20.35
N PHE B 34 5.89 47.92 20.34
CA PHE B 34 7.27 47.64 20.66
C PHE B 34 7.84 48.75 21.52
N PRO B 35 8.62 48.36 22.53
CA PRO B 35 9.40 49.32 23.30
C PRO B 35 10.62 49.81 22.47
N ARG B 36 11.14 51.01 22.74
CA ARG B 36 12.39 51.43 22.12
C ARG B 36 13.38 50.29 22.33
N GLY B 37 14.06 49.87 21.28
CA GLY B 37 15.20 48.97 21.44
C GLY B 37 14.95 47.53 21.09
N HIS B 38 13.74 47.26 20.61
CA HIS B 38 13.29 45.91 20.35
C HIS B 38 13.72 45.44 18.99
N THR B 39 14.46 44.36 18.95
CA THR B 39 14.65 43.65 17.70
C THR B 39 13.34 42.98 17.21
N VAL B 40 12.70 43.56 16.20
CA VAL B 40 11.48 43.00 15.62
C VAL B 40 11.82 41.74 14.84
N PHE B 41 12.87 41.80 14.04
CA PHE B 41 13.52 40.62 13.49
C PHE B 41 15.00 40.79 13.13
N ALA B 42 15.72 39.69 12.99
CA ALA B 42 17.16 39.78 12.86
C ALA B 42 17.59 39.43 11.46
N GLU B 43 18.76 39.91 11.04
CA GLU B 43 19.29 39.64 9.71
C GLU B 43 19.50 38.19 9.64
N GLY B 44 19.05 37.59 8.54
CA GLY B 44 19.48 36.24 8.18
C GLY B 44 18.41 35.20 8.43
N GLU B 45 17.56 35.49 9.40
CA GLU B 45 16.61 34.49 9.81
C GLU B 45 15.40 34.41 8.88
N PRO B 46 14.66 33.29 8.92
CA PRO B 46 13.49 33.33 8.05
C PRO B 46 12.42 34.26 8.61
N GLY B 47 11.42 34.60 7.81
CA GLY B 47 10.33 35.41 8.24
C GLY B 47 9.40 35.67 7.09
N ASP B 48 8.13 35.88 7.41
CA ASP B 48 7.04 35.80 6.46
C ASP B 48 6.16 37.01 6.67
N ARG B 49 6.52 37.83 7.65
CA ARG B 49 5.72 38.98 8.05
C ARG B 49 6.27 40.23 7.46
N LEU B 50 5.35 41.09 7.08
CA LEU B 50 5.67 42.37 6.57
C LEU B 50 4.95 43.29 7.50
N TYR B 51 5.60 44.38 7.89
CA TYR B 51 5.02 45.35 8.82
C TYR B 51 4.79 46.70 8.15
N ILE B 52 3.75 47.41 8.59
CA ILE B 52 3.59 48.86 8.32
C ILE B 52 3.65 49.62 9.63
N ILE B 53 4.48 50.68 9.70
CA ILE B 53 4.63 51.47 10.95
C ILE B 53 3.45 52.44 11.12
N ILE B 54 2.67 52.23 12.17
CA ILE B 54 1.67 53.22 12.56
C ILE B 54 2.31 54.49 13.18
N SER B 55 3.09 54.32 14.25
CA SER B 55 3.86 55.43 14.85
C SER B 55 5.27 55.01 15.27
N GLY B 56 6.19 55.96 15.42
CA GLY B 56 7.55 55.66 15.88
C GLY B 56 8.47 55.33 14.73
N LYS B 57 9.74 55.09 15.02
CA LYS B 57 10.73 54.87 13.98
C LYS B 57 11.51 53.55 14.16
N VAL B 58 11.75 52.89 13.04
CA VAL B 58 12.49 51.63 13.02
C VAL B 58 13.75 51.80 12.18
N LYS B 59 14.84 51.34 12.74
CA LYS B 59 16.10 51.40 12.04
C LYS B 59 16.43 50.03 11.42
N ILE B 60 16.99 50.05 10.21
CA ILE B 60 17.20 48.87 9.41
C ILE B 60 18.68 48.58 9.37
N GLY B 61 19.09 47.54 10.08
CA GLY B 61 20.49 47.35 10.36
C GLY B 61 21.07 46.15 9.68
N ARG B 62 22.37 46.26 9.44
CA ARG B 62 23.12 45.20 8.83
C ARG B 62 24.40 44.99 9.67
N ARG B 63 24.72 43.76 10.01
CA ARG B 63 25.77 43.49 11.01
C ARG B 63 26.88 42.63 10.46
N ALA B 64 28.13 43.07 10.64
CA ALA B 64 29.28 42.31 10.14
C ALA B 64 29.68 41.18 11.09
N PRO B 65 30.12 40.01 10.53
CA PRO B 65 30.73 38.95 11.34
C PRO B 65 31.74 39.51 12.33
N ASP B 66 32.52 40.50 11.87
CA ASP B 66 33.41 41.34 12.68
C ASP B 66 32.80 41.94 13.94
N GLY B 67 31.49 42.26 13.87
CA GLY B 67 30.78 42.89 14.99
C GLY B 67 30.39 44.33 14.68
N ARG B 68 30.92 44.87 13.57
CA ARG B 68 30.61 46.23 13.13
C ARG B 68 29.18 46.38 12.55
N GLU B 69 28.51 47.47 12.91
CA GLU B 69 27.13 47.71 12.49
C GLU B 69 26.99 48.74 11.36
N ASN B 70 25.88 48.66 10.66
CA ASN B 70 25.62 49.52 9.52
C ASN B 70 24.13 49.70 9.37
N LEU B 71 23.69 50.94 9.16
CA LEU B 71 22.26 51.20 9.00
C LEU B 71 21.94 51.51 7.54
N LEU B 72 20.95 50.80 6.98
CA LEU B 72 20.60 50.93 5.56
C LEU B 72 19.62 52.04 5.22
N THR B 73 18.87 52.50 6.22
CA THR B 73 17.71 53.38 6.06
C THR B 73 16.93 53.43 7.39
N ILE B 74 16.16 54.49 7.60
CA ILE B 74 15.34 54.61 8.81
C ILE B 74 13.88 54.75 8.40
N MET B 75 13.01 53.92 8.96
CA MET B 75 11.61 53.91 8.55
C MET B 75 10.80 54.63 9.60
N GLY B 76 9.70 55.23 9.18
CA GLY B 76 8.80 55.89 10.11
C GLY B 76 7.34 55.65 9.75
N PRO B 77 6.42 56.37 10.40
CA PRO B 77 5.01 56.33 10.13
C PRO B 77 4.68 56.08 8.67
N SER B 78 4.00 54.96 8.40
CA SER B 78 3.52 54.65 7.04
C SER B 78 4.49 53.87 6.15
N ASP B 79 5.72 53.66 6.61
CA ASP B 79 6.65 52.88 5.85
C ASP B 79 6.44 51.37 6.12
N MET B 80 6.50 50.58 5.06
CA MET B 80 6.48 49.16 5.11
C MET B 80 7.89 48.61 5.32
N PHE B 81 8.03 47.59 6.13
CA PHE B 81 9.31 46.89 6.15
C PHE B 81 9.14 45.39 6.37
N GLY B 82 10.07 44.59 5.86
CA GLY B 82 9.97 43.15 6.02
C GLY B 82 9.37 42.50 4.79
N GLU B 83 9.39 43.21 3.66
CA GLU B 83 8.79 42.67 2.44
C GLU B 83 9.76 41.94 1.53
N LEU B 84 11.06 42.17 1.69
CA LEU B 84 12.00 41.54 0.78
C LEU B 84 12.02 40.00 0.87
N SER B 85 12.10 39.45 2.08
CA SER B 85 12.05 38.04 2.31
C SER B 85 10.70 37.42 1.88
N ILE B 86 9.69 38.24 1.66
CA ILE B 86 8.44 37.74 1.09
C ILE B 86 8.48 37.67 -0.42
N PHE B 87 8.97 38.71 -1.08
CA PHE B 87 8.84 38.83 -2.52
C PHE B 87 9.90 38.05 -3.26
N ASP B 88 11.09 38.01 -2.70
CA ASP B 88 12.13 37.17 -3.23
C ASP B 88 12.42 36.20 -2.12
N PRO B 89 11.65 35.09 -2.07
CA PRO B 89 11.60 34.19 -0.94
C PRO B 89 12.98 33.77 -0.55
N GLY B 90 13.15 33.71 0.76
CA GLY B 90 14.46 33.68 1.38
C GLY B 90 14.42 34.37 2.73
N PRO B 91 15.58 34.55 3.34
CA PRO B 91 15.97 35.21 4.60
C PRO B 91 15.81 36.74 4.60
N ARG B 92 15.53 37.28 5.80
CA ARG B 92 15.58 38.73 6.06
C ARG B 92 16.90 39.25 5.63
N THR B 93 16.93 40.27 4.77
CA THR B 93 18.19 40.86 4.26
C THR B 93 18.91 41.73 5.30
N SER B 94 18.27 41.96 6.44
CA SER B 94 18.85 42.79 7.49
C SER B 94 18.04 42.75 8.75
N SER B 95 18.64 43.19 9.86
CA SER B 95 17.90 43.45 11.10
C SER B 95 16.94 44.66 11.02
N ALA B 96 15.88 44.60 11.84
CA ALA B 96 14.88 45.65 11.95
C ALA B 96 14.71 45.93 13.45
N THR B 97 15.11 47.10 13.91
CA THR B 97 15.19 47.37 15.35
C THR B 97 14.46 48.65 15.64
N THR B 98 13.65 48.68 16.70
CA THR B 98 12.89 49.90 17.00
C THR B 98 13.81 50.96 17.59
N ILE B 99 13.49 52.22 17.31
CA ILE B 99 14.29 53.37 17.74
C ILE B 99 13.50 54.24 18.74
N THR B 100 12.19 54.25 18.58
CA THR B 100 11.32 54.81 19.59
C THR B 100 10.36 53.67 19.99
N GLU B 101 9.31 53.99 20.73
CA GLU B 101 8.23 53.04 20.88
C GLU B 101 7.49 53.09 19.57
N VAL B 102 7.00 51.93 19.13
CA VAL B 102 6.50 51.75 17.78
C VAL B 102 5.17 51.01 17.75
N ARG B 103 4.17 51.65 17.16
CA ARG B 103 2.94 50.97 16.89
C ARG B 103 2.98 50.53 15.43
N ALA B 104 2.73 49.24 15.19
CA ALA B 104 2.67 48.70 13.83
C ALA B 104 1.55 47.66 13.65
N VAL B 105 1.55 47.11 12.44
CA VAL B 105 0.50 46.31 11.91
C VAL B 105 1.23 45.44 10.92
N SER B 106 1.05 44.14 11.03
CA SER B 106 1.77 43.17 10.21
C SER B 106 0.82 42.37 9.37
N MET B 107 1.32 41.82 8.28
CA MET B 107 0.57 40.83 7.56
C MET B 107 1.48 39.75 6.96
N ASP B 108 1.01 38.50 7.02
CA ASP B 108 1.76 37.39 6.49
C ASP B 108 1.57 37.11 5.01
N ARG B 109 2.39 36.21 4.51
CA ARG B 109 2.47 35.89 3.12
C ARG B 109 1.12 35.62 2.52
N ASP B 110 0.26 34.87 3.22
CA ASP B 110 -1.00 34.53 2.57
C ASP B 110 -1.99 35.66 2.64
N ALA B 111 -2.15 36.24 3.82
CA ALA B 111 -2.92 37.46 3.95
C ALA B 111 -2.57 38.44 2.80
N LEU B 112 -1.28 38.53 2.50
CA LEU B 112 -0.77 39.39 1.46
C LEU B 112 -1.17 38.89 0.09
N ARG B 113 -1.50 37.62 -0.04
CA ARG B 113 -1.93 37.08 -1.34
C ARG B 113 -3.36 37.44 -1.66
N SER B 114 -4.24 37.30 -0.66
CA SER B 114 -5.63 37.75 -0.77
C SER B 114 -5.67 39.13 -1.41
N TRP B 115 -4.91 40.02 -0.78
CA TRP B 115 -4.83 41.44 -1.06
C TRP B 115 -4.52 41.82 -2.44
N ILE B 116 -3.45 41.24 -2.97
CA ILE B 116 -3.12 41.52 -4.36
C ILE B 116 -4.18 40.97 -5.33
N ALA B 117 -4.66 39.76 -5.09
CA ALA B 117 -5.67 39.17 -5.95
C ALA B 117 -6.89 40.08 -6.04
N ASP B 118 -7.40 40.51 -4.87
CA ASP B 118 -8.63 41.32 -4.82
C ASP B 118 -8.40 42.77 -5.25
N ARG B 119 -7.27 43.33 -4.81
CA ARG B 119 -6.86 44.67 -5.20
C ARG B 119 -5.56 44.66 -5.99
N PRO B 120 -5.64 44.31 -7.28
CA PRO B 120 -4.47 44.29 -8.19
C PRO B 120 -3.64 45.55 -8.27
N GLU B 121 -4.20 46.68 -7.81
CA GLU B 121 -3.56 47.98 -7.92
C GLU B 121 -2.32 47.99 -7.06
N ILE B 122 -2.43 47.40 -5.89
CA ILE B 122 -1.33 47.30 -4.96
C ILE B 122 0.00 46.95 -5.65
N SER B 123 0.01 45.96 -6.53
CA SER B 123 1.26 45.48 -7.11
C SER B 123 2.10 46.56 -7.76
N GLU B 124 1.47 47.46 -8.51
CA GLU B 124 2.28 48.53 -9.10
C GLU B 124 2.78 49.59 -8.12
N GLN B 125 2.07 49.80 -7.01
CA GLN B 125 2.62 50.60 -5.93
C GLN B 125 3.75 49.89 -5.21
N LEU B 126 3.56 48.60 -4.93
CA LEU B 126 4.63 47.81 -4.37
C LEU B 126 5.81 47.90 -5.30
N LEU B 127 5.56 47.72 -6.59
CA LEU B 127 6.68 47.81 -7.54
C LEU B 127 7.33 49.15 -7.39
N ARG B 128 6.51 50.17 -7.17
CA ARG B 128 7.02 51.52 -7.11
C ARG B 128 7.93 51.70 -5.91
N VAL B 129 7.53 51.19 -4.74
CA VAL B 129 8.36 51.32 -3.52
C VAL B 129 9.74 50.66 -3.70
N LEU B 130 9.77 49.40 -4.12
CA LEU B 130 11.03 48.70 -4.32
C LEU B 130 11.88 49.46 -5.33
N ALA B 131 11.30 49.87 -6.47
CA ALA B 131 12.10 50.63 -7.45
C ALA B 131 12.71 51.87 -6.82
N ARG B 132 11.90 52.70 -6.16
CA ARG B 132 12.44 53.85 -5.42
C ARG B 132 13.54 53.43 -4.49
N ARG B 133 13.32 52.36 -3.70
CA ARG B 133 14.35 51.90 -2.74
C ARG B 133 15.64 51.47 -3.42
N LEU B 134 15.49 50.72 -4.51
CA LEU B 134 16.61 50.45 -5.38
C LEU B 134 17.40 51.72 -5.68
N ARG B 135 16.73 52.75 -6.21
CA ARG B 135 17.38 54.03 -6.57
C ARG B 135 18.12 54.62 -5.40
N ARG B 136 17.48 54.63 -4.23
CA ARG B 136 18.11 55.22 -3.08
C ARG B 136 19.37 54.43 -2.71
N THR B 137 19.27 53.10 -2.74
CA THR B 137 20.36 52.23 -2.30
C THR B 137 21.56 52.30 -3.28
N ASN B 138 21.26 52.21 -4.59
CA ASN B 138 22.19 52.55 -5.67
C ASN B 138 22.99 53.82 -5.37
N ASN B 139 22.30 54.92 -5.05
CA ASN B 139 22.94 56.18 -4.57
C ASN B 139 23.76 56.02 -3.29
N ASN B 140 23.22 55.33 -2.29
CA ASN B 140 23.95 55.17 -1.02
C ASN B 140 25.25 54.46 -1.31
N LEU B 141 25.15 53.43 -2.14
CA LEU B 141 26.30 52.63 -2.51
C LEU B 141 27.33 53.52 -3.20
N ALA B 142 26.97 54.17 -4.31
CA ALA B 142 27.93 55.04 -5.00
C ALA B 142 28.57 56.07 -4.05
N ASP B 143 27.77 56.68 -3.18
CA ASP B 143 28.32 57.56 -2.16
C ASP B 143 29.52 56.95 -1.43
N LEU B 144 29.48 55.67 -1.10
CA LEU B 144 30.65 55.03 -0.41
C LEU B 144 31.87 54.95 -1.29
N ILE B 145 31.69 54.63 -2.55
CA ILE B 145 32.82 54.58 -3.47
C ILE B 145 33.30 56.02 -3.81
N PHE B 146 32.40 57.01 -3.79
CA PHE B 146 32.74 58.30 -4.39
C PHE B 146 32.78 59.53 -3.50
N THR B 147 31.80 59.68 -2.62
CA THR B 147 31.65 60.87 -1.78
C THR B 147 32.41 60.79 -0.44
N ASP B 148 33.04 61.88 -0.05
CA ASP B 148 33.79 61.89 1.20
C ASP B 148 32.83 62.09 2.36
N VAL B 149 33.32 61.99 3.57
CA VAL B 149 32.44 61.89 4.72
C VAL B 149 31.56 63.11 4.91
N PRO B 150 32.12 64.33 4.90
CA PRO B 150 31.16 65.37 5.25
C PRO B 150 30.12 65.45 4.16
N GLY B 151 30.53 65.14 2.93
CA GLY B 151 29.63 65.16 1.79
C GLY B 151 28.50 64.20 2.03
N ARG B 152 28.87 63.02 2.55
CA ARG B 152 27.93 61.97 2.87
C ARG B 152 27.03 62.30 4.03
N VAL B 153 27.57 62.97 5.06
CA VAL B 153 26.74 63.40 6.19
C VAL B 153 25.67 64.38 5.73
N ALA B 154 26.07 65.25 4.79
CA ALA B 154 25.18 66.25 4.23
C ALA B 154 23.98 65.56 3.62
N LYS B 155 24.25 64.60 2.74
CA LYS B 155 23.20 63.83 2.08
C LYS B 155 22.25 63.20 3.10
N GLN B 156 22.81 62.49 4.08
CA GLN B 156 22.02 61.83 5.10
C GLN B 156 21.06 62.78 5.82
N LEU B 157 21.58 63.89 6.36
CA LEU B 157 20.73 64.87 7.00
C LEU B 157 19.68 65.36 6.04
N LEU B 158 20.07 65.55 4.79
CA LEU B 158 19.11 66.02 3.84
C LEU B 158 18.05 64.99 3.65
N GLN B 159 18.44 63.75 3.37
CA GLN B 159 17.48 62.67 3.21
C GLN B 159 16.61 62.55 4.43
N LEU B 160 17.22 62.51 5.61
CA LEU B 160 16.43 62.47 6.84
C LEU B 160 15.41 63.61 6.84
N ALA B 161 15.81 64.76 6.32
CA ALA B 161 14.97 65.97 6.40
C ALA B 161 13.80 65.96 5.44
N GLN B 162 13.98 65.51 4.20
CA GLN B 162 12.83 65.31 3.30
C GLN B 162 11.81 64.29 3.86
N ARG B 163 12.30 63.30 4.61
CA ARG B 163 11.48 62.25 5.14
C ARG B 163 10.81 62.60 6.45
N PHE B 164 11.53 63.21 7.39
CA PHE B 164 11.03 63.47 8.76
C PHE B 164 11.02 64.96 9.21
N GLY B 165 11.45 65.85 8.32
CA GLY B 165 11.55 67.24 8.67
C GLY B 165 10.22 67.93 8.77
N THR B 166 10.12 68.85 9.74
CA THR B 166 8.98 69.75 9.93
C THR B 166 9.50 71.18 9.78
N GLN B 167 8.61 72.15 9.62
CA GLN B 167 9.03 73.56 9.42
C GLN B 167 9.08 74.41 10.70
N GLU B 168 10.12 75.23 10.82
CA GLU B 168 10.12 76.22 11.86
C GLU B 168 10.00 77.63 11.25
N GLY B 169 10.34 77.74 9.97
CA GLY B 169 10.26 79.00 9.23
C GLY B 169 11.59 79.29 8.59
N GLY B 170 11.68 79.08 7.28
CA GLY B 170 12.95 79.15 6.55
C GLY B 170 13.84 77.95 6.88
N ALA B 171 13.84 77.58 8.15
CA ALA B 171 14.56 76.42 8.68
C ALA B 171 13.67 75.16 8.80
N LEU B 172 14.29 73.99 8.69
CA LEU B 172 13.61 72.71 8.76
C LEU B 172 14.05 71.96 10.04
N ARG B 173 13.08 71.53 10.84
CA ARG B 173 13.34 70.69 12.01
C ARG B 173 13.50 69.22 11.62
N VAL B 174 14.53 68.56 12.11
CA VAL B 174 14.65 67.12 11.88
C VAL B 174 14.84 66.34 13.16
N THR B 175 13.73 65.89 13.72
CA THR B 175 13.71 65.04 14.91
C THR B 175 13.99 63.59 14.48
N HIS B 176 15.25 63.26 14.32
CA HIS B 176 15.61 62.03 13.63
C HIS B 176 15.77 60.86 14.57
N ASP B 177 15.48 61.10 15.83
CA ASP B 177 15.49 60.12 16.91
C ASP B 177 16.73 59.25 17.04
N LEU B 178 17.82 59.71 16.43
CA LEU B 178 19.07 58.96 16.40
C LEU B 178 20.15 59.39 17.37
N THR B 179 20.96 58.40 17.68
CA THR B 179 22.16 58.51 18.44
C THR B 179 23.28 59.06 17.55
N GLN B 180 24.40 59.41 18.15
CA GLN B 180 25.49 59.87 17.36
C GLN B 180 26.12 58.71 16.58
N GLU B 181 26.10 57.52 17.16
CA GLU B 181 26.69 56.35 16.49
C GLU B 181 25.83 55.79 15.36
N GLU B 182 24.53 56.00 15.46
CA GLU B 182 23.63 55.49 14.41
C GLU B 182 23.70 56.37 13.15
N ILE B 183 23.86 57.67 13.40
CA ILE B 183 24.13 58.61 12.34
C ILE B 183 25.43 58.25 11.60
N ALA B 184 26.52 58.00 12.32
CA ALA B 184 27.71 57.52 11.63
C ALA B 184 27.40 56.20 10.90
N GLN B 185 26.54 55.39 11.50
CA GLN B 185 26.18 54.10 10.91
C GLN B 185 25.39 54.27 9.62
N LEU B 186 24.48 55.26 9.57
CA LEU B 186 23.82 55.57 8.28
C LEU B 186 24.89 56.09 7.29
N VAL B 187 25.77 56.95 7.77
CA VAL B 187 26.71 57.61 6.90
C VAL B 187 27.69 56.56 6.40
N GLY B 188 27.95 55.57 7.24
CA GLY B 188 28.85 54.49 6.87
C GLY B 188 30.29 54.91 7.01
N ALA B 189 30.58 55.68 8.05
CA ALA B 189 31.96 56.02 8.37
C ALA B 189 32.13 56.24 9.89
N SER B 190 33.40 56.39 10.31
CA SER B 190 33.81 56.60 11.71
C SER B 190 32.93 57.53 12.55
N ARG B 191 32.85 57.28 13.85
CA ARG B 191 32.00 58.12 14.72
C ARG B 191 32.54 59.52 15.02
N GLU B 192 33.85 59.63 15.27
CA GLU B 192 34.50 60.91 15.49
C GLU B 192 34.37 61.77 14.23
N THR B 193 34.70 61.14 13.10
CA THR B 193 34.70 61.77 11.79
C THR B 193 33.34 62.33 11.38
N VAL B 194 32.28 61.63 11.75
CA VAL B 194 30.94 62.07 11.46
C VAL B 194 30.65 63.23 12.40
N ASN B 195 31.25 63.23 13.57
CA ASN B 195 30.90 64.30 14.50
C ASN B 195 31.55 65.62 14.19
N LYS B 196 32.76 65.56 13.64
CA LYS B 196 33.43 66.77 13.23
C LYS B 196 32.75 67.36 12.00
N ALA B 197 32.49 66.51 11.01
CA ALA B 197 31.74 66.94 9.84
C ALA B 197 30.49 67.68 10.28
N LEU B 198 29.86 67.19 11.33
CA LEU B 198 28.67 67.79 11.90
C LEU B 198 29.01 69.05 12.68
N ALA B 199 30.18 69.07 13.31
CA ALA B 199 30.57 70.24 14.10
C ALA B 199 30.81 71.45 13.18
N ASP B 200 31.69 71.28 12.20
CA ASP B 200 31.88 72.25 11.12
C ASP B 200 30.54 72.84 10.60
N PHE B 201 29.59 72.00 10.21
CA PHE B 201 28.32 72.51 9.68
C PHE B 201 27.58 73.30 10.74
N ALA B 202 27.82 72.98 12.00
CA ALA B 202 27.16 73.71 13.07
C ALA B 202 27.85 75.07 13.21
N HIS B 203 29.18 75.01 13.37
CA HIS B 203 30.07 76.17 13.30
C HIS B 203 29.52 77.25 12.41
N ARG B 204 29.19 76.89 11.17
CA ARG B 204 28.73 77.88 10.16
C ARG B 204 27.26 78.18 10.23
N GLY B 205 26.61 77.70 11.29
CA GLY B 205 25.16 77.86 11.49
C GLY B 205 24.31 77.32 10.35
N TRP B 206 24.87 76.38 9.57
CA TRP B 206 24.08 75.62 8.60
C TRP B 206 23.08 74.76 9.30
N ILE B 207 23.53 74.05 10.34
CA ILE B 207 22.68 73.19 11.13
C ILE B 207 22.89 73.68 12.52
N ARG B 208 22.02 73.25 13.42
CA ARG B 208 22.29 73.35 14.84
C ARG B 208 21.75 72.08 15.51
N LEU B 209 22.65 71.31 16.12
CA LEU B 209 22.31 70.05 16.78
C LEU B 209 21.58 70.26 18.12
N GLU B 210 20.63 69.39 18.45
CA GLU B 210 19.91 69.40 19.74
C GLU B 210 19.32 68.03 20.06
N GLY B 211 19.94 67.31 21.01
CA GLY B 211 19.51 65.95 21.38
C GLY B 211 19.52 64.99 20.19
N LYS B 212 18.45 64.19 20.06
CA LYS B 212 18.28 63.30 18.89
C LYS B 212 17.60 64.10 17.81
N SER B 213 18.19 65.24 17.46
CA SER B 213 17.52 66.19 16.59
C SER B 213 18.47 67.22 16.02
N VAL B 214 18.14 67.68 14.82
CA VAL B 214 18.93 68.67 14.11
C VAL B 214 18.01 69.69 13.52
N LEU B 215 18.40 70.95 13.58
CA LEU B 215 17.68 72.05 12.88
C LEU B 215 18.51 72.56 11.70
N ILE B 216 17.95 72.48 10.50
CA ILE B 216 18.68 72.86 9.30
C ILE B 216 18.28 74.29 8.93
N SER B 217 19.23 75.21 9.09
CA SER B 217 19.06 76.62 8.75
C SER B 217 19.20 76.83 7.25
N ASP B 218 20.30 76.33 6.68
CA ASP B 218 20.72 76.72 5.33
C ASP B 218 20.77 75.56 4.34
N SER B 219 19.60 74.96 4.04
CA SER B 219 19.52 73.75 3.24
C SER B 219 20.27 73.91 1.91
N GLU B 220 20.22 75.12 1.36
CA GLU B 220 20.80 75.42 0.05
C GLU B 220 22.33 75.24 0.01
N ARG B 221 23.01 75.58 1.10
CA ARG B 221 24.44 75.31 1.18
C ARG B 221 24.65 73.86 1.55
N LEU B 222 23.80 73.36 2.45
CA LEU B 222 23.87 71.98 2.89
C LEU B 222 23.92 71.08 1.67
N ALA B 223 22.98 71.33 0.77
CA ALA B 223 22.85 70.58 -0.46
C ALA B 223 24.05 70.76 -1.38
N ARG B 224 24.79 71.83 -1.15
CA ARG B 224 26.04 72.05 -1.87
C ARG B 224 27.22 71.30 -1.27
N ARG B 225 27.19 70.95 0.02
CA ARG B 225 28.25 70.06 0.51
C ARG B 225 28.02 68.60 0.12
N ALA B 226 26.75 68.25 -0.18
CA ALA B 226 26.37 66.91 -0.63
C ALA B 226 27.27 66.43 -1.74
N ARG B 227 26.83 66.61 -2.98
CA ARG B 227 27.68 66.60 -4.19
C ARG B 227 29.20 66.51 -3.92
N MET C 4 -14.38 17.23 -9.71
CA MET C 4 -13.50 17.80 -8.64
C MET C 4 -13.35 16.89 -7.42
N ASP C 5 -14.30 15.98 -7.23
CA ASP C 5 -14.39 15.18 -5.99
C ASP C 5 -13.60 13.87 -5.92
N GLU C 6 -13.31 13.28 -7.07
CA GLU C 6 -12.57 12.01 -7.14
C GLU C 6 -11.08 12.25 -7.42
N ILE C 7 -10.75 13.50 -7.74
CA ILE C 7 -9.37 13.98 -7.80
C ILE C 7 -8.95 14.39 -6.39
N LEU C 8 -9.96 14.78 -5.61
CA LEU C 8 -9.77 15.13 -4.21
C LEU C 8 -9.82 13.87 -3.35
N ALA C 9 -10.58 12.86 -3.80
CA ALA C 9 -10.77 11.61 -3.06
C ALA C 9 -9.49 10.79 -2.89
N ARG C 10 -8.72 10.68 -3.98
CA ARG C 10 -7.45 9.96 -3.97
C ARG C 10 -6.46 10.53 -2.93
N ALA C 11 -6.61 11.83 -2.63
CA ALA C 11 -5.84 12.57 -1.61
C ALA C 11 -4.66 11.87 -0.91
N GLY C 12 -4.93 10.71 -0.33
CA GLY C 12 -4.00 10.04 0.57
C GLY C 12 -4.39 10.34 2.01
N ILE C 13 -5.49 11.08 2.16
CA ILE C 13 -6.00 11.44 3.48
C ILE C 13 -7.38 10.81 3.73
N PHE C 14 -8.07 10.44 2.65
CA PHE C 14 -9.28 9.62 2.73
C PHE C 14 -9.41 8.69 1.52
N GLN C 15 -8.44 7.79 1.37
CA GLN C 15 -8.33 6.93 0.18
C GLN C 15 -9.61 6.18 -0.21
N GLY C 16 -9.94 5.12 0.52
CA GLY C 16 -11.17 4.37 0.30
C GLY C 16 -12.04 4.45 1.53
N VAL C 17 -12.61 5.63 1.78
CA VAL C 17 -13.43 5.88 2.98
C VAL C 17 -14.94 5.65 2.79
N GLU C 18 -15.72 6.72 2.66
CA GLU C 18 -17.18 6.60 2.70
C GLU C 18 -17.87 7.32 1.53
N PRO C 19 -19.21 7.13 1.39
CA PRO C 19 -20.05 8.03 0.60
C PRO C 19 -20.34 9.35 1.31
N SER C 20 -20.58 9.26 2.63
CA SER C 20 -20.99 10.39 3.46
C SER C 20 -19.79 11.11 4.10
N ALA C 21 -18.58 10.65 3.76
CA ALA C 21 -17.33 11.30 4.18
C ALA C 21 -16.53 11.83 2.98
N ILE C 22 -17.09 11.68 1.78
CA ILE C 22 -16.44 12.12 0.54
C ILE C 22 -16.98 13.46 0.03
N ALA C 23 -18.30 13.64 0.07
CA ALA C 23 -18.94 14.89 -0.39
C ALA C 23 -19.25 15.88 0.75
N ALA C 24 -19.21 15.37 1.99
CA ALA C 24 -19.58 16.14 3.20
C ALA C 24 -18.38 16.73 3.95
N LEU C 25 -17.23 16.08 3.82
CA LEU C 25 -15.97 16.63 4.33
C LEU C 25 -15.35 17.59 3.33
N THR C 26 -15.16 17.09 2.11
CA THR C 26 -14.62 17.81 0.94
C THR C 26 -14.98 19.30 0.83
N LYS C 27 -16.11 19.67 1.43
CA LYS C 27 -16.64 21.03 1.38
C LYS C 27 -16.06 21.95 2.46
N GLN C 28 -15.95 21.42 3.68
CA GLN C 28 -15.59 22.24 4.86
C GLN C 28 -14.27 22.98 4.73
N LEU C 29 -13.26 22.27 4.22
CA LEU C 29 -12.01 22.84 3.77
C LEU C 29 -12.24 23.64 2.48
N GLN C 30 -11.77 24.88 2.44
CA GLN C 30 -12.09 25.79 1.34
C GLN C 30 -11.03 25.80 0.23
N PRO C 31 -11.45 26.03 -1.03
CA PRO C 31 -10.53 26.04 -2.18
C PRO C 31 -9.63 27.28 -2.26
N VAL C 32 -8.57 27.20 -3.07
CA VAL C 32 -7.56 28.26 -3.27
C VAL C 32 -6.98 28.05 -4.65
N ASP C 33 -6.82 29.13 -5.41
CA ASP C 33 -6.13 29.07 -6.71
C ASP C 33 -4.83 29.88 -6.79
N PHE C 34 -3.77 29.22 -7.23
CA PHE C 34 -2.48 29.85 -7.36
C PHE C 34 -2.12 29.87 -8.84
N PRO C 35 -1.42 30.92 -9.29
CA PRO C 35 -0.90 30.84 -10.66
C PRO C 35 0.44 30.13 -10.64
N ARG C 36 1.00 29.91 -11.82
CA ARG C 36 2.29 29.26 -11.98
C ARG C 36 3.34 30.16 -11.40
N GLY C 37 4.37 29.58 -10.78
CA GLY C 37 5.47 30.41 -10.28
C GLY C 37 5.24 31.10 -8.94
N HIS C 38 4.20 30.73 -8.21
CA HIS C 38 3.84 31.39 -6.96
C HIS C 38 4.41 30.65 -5.80
N THR C 39 4.97 31.37 -4.83
CA THR C 39 5.52 30.70 -3.65
C THR C 39 4.55 30.52 -2.51
N VAL C 40 3.72 29.46 -2.54
CA VAL C 40 2.73 29.23 -1.47
C VAL C 40 3.34 29.47 -0.10
N PHE C 41 4.51 28.90 0.13
CA PHE C 41 5.25 29.26 1.34
C PHE C 41 6.74 28.96 1.19
N ALA C 42 7.51 29.29 2.20
CA ALA C 42 8.92 29.25 2.05
C ALA C 42 9.53 28.57 3.27
N GLU C 43 10.76 28.14 3.08
CA GLU C 43 11.53 27.41 4.05
C GLU C 43 11.64 28.21 5.37
N GLY C 44 11.49 27.55 6.51
CA GLY C 44 11.72 28.20 7.81
C GLY C 44 10.55 28.99 8.34
N GLU C 45 9.57 29.28 7.50
CA GLU C 45 8.39 30.00 7.93
C GLU C 45 7.45 29.27 8.88
N PRO C 46 6.62 30.02 9.62
CA PRO C 46 5.56 29.30 10.34
C PRO C 46 4.48 28.79 9.37
N GLY C 47 3.71 27.80 9.85
CA GLY C 47 2.73 27.10 9.03
C GLY C 47 1.68 26.41 9.89
N ASP C 48 0.44 26.81 9.68
CA ASP C 48 -0.69 26.20 10.33
C ASP C 48 -1.63 25.56 9.32
N ARG C 49 -1.09 25.03 8.22
CA ARG C 49 -1.92 24.66 7.07
C ARG C 49 -1.29 23.64 6.13
N LEU C 50 -1.96 22.49 5.95
CA LEU C 50 -1.60 21.60 4.83
C LEU C 50 -2.49 21.87 3.65
N TYR C 51 -2.08 21.32 2.51
CA TYR C 51 -2.74 21.51 1.23
C TYR C 51 -2.91 20.17 0.57
N ILE C 52 -3.93 20.05 -0.27
CA ILE C 52 -4.08 18.88 -1.12
C ILE C 52 -4.37 19.45 -2.50
N ILE C 53 -3.54 19.07 -3.45
CA ILE C 53 -3.59 19.56 -4.82
C ILE C 53 -4.68 18.82 -5.61
N ILE C 54 -5.22 19.49 -6.61
CA ILE C 54 -6.33 18.97 -7.39
C ILE C 54 -6.03 19.11 -8.87
N SER C 55 -5.36 20.19 -9.24
CA SER C 55 -4.69 20.26 -10.54
C SER C 55 -3.37 21.02 -10.37
N GLY C 56 -2.53 20.97 -11.41
CA GLY C 56 -1.21 21.57 -11.38
C GLY C 56 -0.18 20.83 -10.53
N LYS C 57 1.09 21.19 -10.71
CA LYS C 57 2.17 20.56 -9.96
C LYS C 57 2.81 21.56 -8.98
N VAL C 58 3.69 21.08 -8.10
CA VAL C 58 4.39 21.92 -7.12
C VAL C 58 5.76 21.37 -6.69
N LYS C 59 6.84 22.03 -7.14
CA LYS C 59 8.17 21.72 -6.64
C LYS C 59 8.22 22.05 -5.16
N ILE C 60 8.99 21.24 -4.42
CA ILE C 60 9.20 21.32 -2.98
C ILE C 60 10.72 21.42 -2.94
N GLY C 61 11.22 22.55 -2.42
CA GLY C 61 12.59 23.00 -2.64
C GLY C 61 13.29 23.45 -1.36
N ARG C 62 14.62 23.61 -1.45
CA ARG C 62 15.47 24.19 -0.39
C ARG C 62 16.39 25.25 -1.01
N ARG C 63 16.41 26.45 -0.44
CA ARG C 63 17.34 27.47 -0.90
C ARG C 63 18.59 27.38 -0.05
N ALA C 64 19.74 27.68 -0.65
CA ALA C 64 20.99 27.77 0.11
C ALA C 64 21.32 29.22 0.53
N PRO C 65 22.29 29.39 1.46
CA PRO C 65 22.74 30.75 1.78
C PRO C 65 23.24 31.45 0.49
N ASP C 66 24.18 30.78 -0.21
CA ASP C 66 24.63 31.17 -1.55
C ASP C 66 23.47 31.37 -2.55
N GLY C 67 22.28 30.92 -2.18
CA GLY C 67 21.07 31.24 -2.94
C GLY C 67 20.72 30.27 -4.04
N ARG C 68 21.45 29.16 -4.14
CA ARG C 68 21.15 28.11 -5.12
C ARG C 68 20.18 27.08 -4.54
N GLU C 69 19.24 26.63 -5.38
CA GLU C 69 18.06 25.84 -4.96
C GLU C 69 18.21 24.32 -5.15
N ASN C 70 17.54 23.54 -4.31
CA ASN C 70 17.57 22.07 -4.42
C ASN C 70 16.17 21.49 -4.23
N LEU C 71 15.76 20.59 -5.12
CA LEU C 71 14.37 20.14 -5.07
C LEU C 71 14.22 18.74 -4.52
N LEU C 72 13.52 18.67 -3.39
CA LEU C 72 13.23 17.43 -2.67
C LEU C 72 12.28 16.47 -3.37
N THR C 73 11.42 17.00 -4.22
CA THR C 73 10.31 16.23 -4.77
C THR C 73 9.35 17.13 -5.51
N ILE C 74 8.43 16.52 -6.24
CA ILE C 74 7.58 17.25 -7.13
C ILE C 74 6.15 16.73 -7.03
N MET C 75 5.41 17.32 -6.10
CA MET C 75 4.01 17.03 -5.89
C MET C 75 3.17 17.31 -7.13
N GLY C 76 1.96 16.75 -7.11
CA GLY C 76 1.01 16.98 -8.15
C GLY C 76 -0.34 16.55 -7.66
N PRO C 77 -1.26 16.30 -8.60
CA PRO C 77 -2.68 16.22 -8.29
C PRO C 77 -2.90 15.09 -7.33
N SER C 78 -3.64 15.36 -6.25
CA SER C 78 -3.94 14.37 -5.20
C SER C 78 -2.90 14.29 -4.08
N ASP C 79 -1.72 14.89 -4.29
CA ASP C 79 -0.69 14.99 -3.24
C ASP C 79 -1.06 15.96 -2.10
N MET C 80 -0.63 15.61 -0.89
CA MET C 80 -0.74 16.49 0.28
C MET C 80 0.61 17.20 0.37
N PHE C 81 0.65 18.37 1.02
CA PHE C 81 1.93 19.08 1.33
C PHE C 81 1.81 20.10 2.45
N GLY C 82 2.87 20.29 3.21
CA GLY C 82 2.82 21.24 4.29
C GLY C 82 2.14 20.68 5.51
N GLU C 83 2.30 19.37 5.68
CA GLU C 83 1.75 18.68 6.84
C GLU C 83 2.79 18.48 7.92
N LEU C 84 4.07 18.51 7.53
CA LEU C 84 5.15 18.25 8.50
C LEU C 84 5.11 19.20 9.70
N SER C 85 4.96 20.49 9.44
CA SER C 85 4.94 21.47 10.53
C SER C 85 3.63 21.54 11.30
N ILE C 86 2.66 20.70 10.94
CA ILE C 86 1.50 20.49 11.81
C ILE C 86 1.75 19.29 12.74
N PHE C 87 2.27 18.21 12.16
CA PHE C 87 2.45 17.00 12.93
C PHE C 87 3.55 17.19 13.95
N ASP C 88 4.58 17.92 13.54
CA ASP C 88 5.71 18.29 14.40
C ASP C 88 5.82 19.80 14.39
N PRO C 89 5.05 20.46 15.27
CA PRO C 89 4.87 21.92 15.23
C PRO C 89 6.22 22.62 15.14
N GLY C 90 6.28 23.67 14.34
CA GLY C 90 7.56 24.24 14.02
C GLY C 90 7.49 24.93 12.68
N PRO C 91 8.66 25.28 12.14
CA PRO C 91 8.72 25.98 10.87
C PRO C 91 8.77 25.03 9.68
N ARG C 92 8.36 25.51 8.51
CA ARG C 92 8.48 24.74 7.30
C ARG C 92 9.90 24.20 7.12
N THR C 93 9.99 22.97 6.67
CA THR C 93 11.28 22.36 6.39
C THR C 93 11.67 22.71 4.98
N SER C 94 10.77 23.31 4.20
CA SER C 94 11.10 23.69 2.82
C SER C 94 10.11 24.56 2.07
N SER C 95 10.57 25.15 0.97
CA SER C 95 9.76 25.99 0.11
C SER C 95 8.78 25.19 -0.75
N ALA C 96 7.49 25.60 -0.77
CA ALA C 96 6.53 25.04 -1.72
C ALA C 96 6.19 26.10 -2.76
N THR C 97 6.33 25.72 -4.02
CA THR C 97 6.28 26.68 -5.12
C THR C 97 5.71 26.00 -6.33
N THR C 98 4.71 26.66 -6.91
CA THR C 98 3.88 26.07 -7.90
C THR C 98 4.69 26.16 -9.17
N ILE C 99 4.72 25.08 -9.96
CA ILE C 99 5.34 25.15 -11.29
C ILE C 99 4.30 25.20 -12.41
N THR C 100 3.02 25.19 -12.04
CA THR C 100 1.92 25.44 -12.96
C THR C 100 0.78 26.00 -12.14
N GLU C 101 -0.22 26.52 -12.86
CA GLU C 101 -1.47 26.94 -12.25
C GLU C 101 -2.01 25.76 -11.45
N VAL C 102 -2.25 25.99 -10.16
CA VAL C 102 -2.62 24.94 -9.25
C VAL C 102 -4.02 25.19 -8.74
N ARG C 103 -4.83 24.13 -8.70
CA ARG C 103 -6.06 24.17 -7.91
C ARG C 103 -5.77 23.37 -6.61
N ALA C 104 -6.19 23.88 -5.47
CA ALA C 104 -5.89 23.22 -4.21
C ALA C 104 -6.85 23.61 -3.10
N VAL C 105 -7.01 22.70 -2.15
CA VAL C 105 -7.84 22.87 -0.97
C VAL C 105 -6.88 22.91 0.21
N SER C 106 -7.24 23.65 1.27
CA SER C 106 -6.38 23.74 2.46
C SER C 106 -7.20 23.57 3.72
N MET C 107 -6.54 23.18 4.80
CA MET C 107 -7.15 23.14 6.12
C MET C 107 -6.09 23.41 7.18
N ASP C 108 -6.51 23.81 8.37
CA ASP C 108 -5.58 24.23 9.41
C ASP C 108 -5.39 23.15 10.49
N ARG C 109 -4.59 23.47 11.51
CA ARG C 109 -4.26 22.55 12.61
C ARG C 109 -5.52 22.05 13.32
N ASP C 110 -6.41 22.96 13.71
CA ASP C 110 -7.61 22.62 14.46
C ASP C 110 -8.55 21.70 13.66
N ALA C 111 -8.86 22.09 12.42
CA ALA C 111 -9.77 21.35 11.55
C ALA C 111 -9.32 19.91 11.25
N LEU C 112 -8.05 19.74 10.94
CA LEU C 112 -7.50 18.40 10.74
C LEU C 112 -7.52 17.61 12.04
N ARG C 113 -6.94 18.17 13.09
CA ARG C 113 -6.93 17.55 14.40
C ARG C 113 -8.30 16.98 14.74
N SER C 114 -9.30 17.88 14.75
CA SER C 114 -10.70 17.55 15.00
C SER C 114 -11.20 16.36 14.18
N TRP C 115 -10.54 16.13 13.04
CA TRP C 115 -10.99 15.22 12.01
C TRP C 115 -10.20 13.93 12.00
N ILE C 116 -9.00 14.00 12.57
CA ILE C 116 -8.16 12.83 12.76
C ILE C 116 -8.67 12.07 13.98
N ALA C 117 -8.90 12.78 15.09
CA ALA C 117 -9.57 12.21 16.24
C ALA C 117 -10.87 11.59 15.74
N ASP C 118 -11.72 12.43 15.15
CA ASP C 118 -12.99 12.01 14.53
C ASP C 118 -12.92 10.68 13.74
N ARG C 119 -11.96 10.55 12.81
CA ARG C 119 -11.82 9.31 12.03
C ARG C 119 -10.35 8.80 11.99
N PRO C 120 -9.94 7.97 12.98
CA PRO C 120 -8.54 7.55 13.19
C PRO C 120 -7.96 6.53 12.18
N GLU C 121 -8.32 6.69 10.92
CA GLU C 121 -8.01 5.78 9.84
C GLU C 121 -7.33 6.61 8.75
N ILE C 122 -7.53 7.92 8.88
CA ILE C 122 -6.75 8.92 8.19
C ILE C 122 -5.35 8.85 8.80
N SER C 123 -5.27 8.83 10.14
CA SER C 123 -4.01 8.69 10.89
C SER C 123 -3.07 7.71 10.22
N GLU C 124 -3.55 6.50 10.02
CA GLU C 124 -2.73 5.43 9.51
C GLU C 124 -2.26 5.70 8.11
N GLN C 125 -3.13 6.26 7.28
CA GLN C 125 -2.79 6.52 5.90
C GLN C 125 -1.78 7.67 5.81
N LEU C 126 -1.84 8.57 6.79
CA LEU C 126 -0.85 9.65 6.93
C LEU C 126 0.52 9.03 7.21
N LEU C 127 0.62 8.30 8.33
CA LEU C 127 1.78 7.44 8.61
C LEU C 127 2.27 6.72 7.37
N ARG C 128 1.37 6.17 6.58
CA ARG C 128 1.84 5.42 5.44
C ARG C 128 2.55 6.36 4.48
N VAL C 129 1.94 7.53 4.27
CA VAL C 129 2.47 8.50 3.29
C VAL C 129 3.85 9.04 3.68
N LEU C 130 3.98 9.31 4.98
CA LEU C 130 5.17 9.81 5.62
C LEU C 130 6.32 8.83 5.47
N ALA C 131 6.02 7.58 5.82
CA ALA C 131 6.93 6.46 5.72
C ALA C 131 7.51 6.41 4.33
N ARG C 132 6.65 6.41 3.33
CA ARG C 132 7.11 6.31 1.96
C ARG C 132 8.03 7.49 1.57
N ARG C 133 7.72 8.68 2.08
CA ARG C 133 8.49 9.88 1.81
C ARG C 133 9.90 9.85 2.42
N LEU C 134 9.95 9.46 3.69
CA LEU C 134 11.21 9.15 4.35
C LEU C 134 11.99 8.22 3.48
N ARG C 135 11.43 7.02 3.34
CA ARG C 135 11.96 5.98 2.51
C ARG C 135 12.46 6.60 1.24
N ARG C 136 11.73 7.58 0.72
CA ARG C 136 12.04 8.11 -0.61
C ARG C 136 13.27 9.01 -0.59
N THR C 137 13.26 9.95 0.37
CA THR C 137 14.39 10.83 0.59
C THR C 137 15.65 10.00 0.81
N ASN C 138 15.56 9.03 1.73
CA ASN C 138 16.67 8.10 2.02
C ASN C 138 17.42 7.65 0.78
N ASN C 139 16.70 7.33 -0.30
CA ASN C 139 17.34 6.91 -1.55
C ASN C 139 17.97 8.05 -2.32
N ASN C 140 17.31 9.21 -2.35
CA ASN C 140 17.86 10.40 -2.99
C ASN C 140 19.19 10.84 -2.37
N LEU C 141 19.19 10.90 -1.05
CA LEU C 141 20.39 11.16 -0.26
C LEU C 141 21.52 10.14 -0.57
N ALA C 142 21.20 8.86 -0.40
CA ALA C 142 22.10 7.81 -0.84
C ALA C 142 22.69 8.17 -2.18
N ASP C 143 21.83 8.58 -3.12
CA ASP C 143 22.26 8.71 -4.50
C ASP C 143 23.12 9.93 -4.73
N LEU C 144 23.01 10.92 -3.84
CA LEU C 144 23.92 12.06 -3.95
C LEU C 144 25.36 11.61 -3.70
N ILE C 145 25.52 10.68 -2.76
CA ILE C 145 26.82 10.18 -2.38
C ILE C 145 27.38 9.14 -3.37
N PHE C 146 26.59 8.12 -3.68
CA PHE C 146 27.07 6.91 -4.35
C PHE C 146 26.81 6.80 -5.84
N THR C 147 25.73 7.43 -6.32
CA THR C 147 25.32 7.37 -7.71
C THR C 147 25.93 8.52 -8.52
N ASP C 148 26.43 8.23 -9.72
CA ASP C 148 27.01 9.27 -10.60
C ASP C 148 25.87 10.12 -11.15
N VAL C 149 26.18 11.16 -11.93
CA VAL C 149 25.13 12.09 -12.34
C VAL C 149 24.13 11.51 -13.30
N PRO C 150 24.61 10.86 -14.38
CA PRO C 150 23.70 10.26 -15.37
C PRO C 150 22.85 9.14 -14.78
N GLY C 151 23.37 8.52 -13.72
CA GLY C 151 22.61 7.53 -13.00
C GLY C 151 21.45 8.24 -12.37
N ARG C 152 21.72 9.39 -11.74
CA ARG C 152 20.69 10.13 -10.98
C ARG C 152 19.62 10.70 -11.92
N VAL C 153 20.06 11.21 -13.06
CA VAL C 153 19.13 11.72 -14.10
C VAL C 153 18.19 10.59 -14.55
N ALA C 154 18.78 9.42 -14.83
CA ALA C 154 17.97 8.28 -15.23
C ALA C 154 17.02 7.95 -14.11
N LYS C 155 17.53 7.96 -12.91
CA LYS C 155 16.63 7.58 -11.82
C LYS C 155 15.52 8.60 -11.73
N GLN C 156 15.91 9.88 -11.81
CA GLN C 156 15.00 10.96 -11.58
C GLN C 156 13.92 10.98 -12.64
N LEU C 157 14.31 10.59 -13.85
CA LEU C 157 13.35 10.51 -14.92
C LEU C 157 12.35 9.39 -14.69
N LEU C 158 12.80 8.27 -14.16
CA LEU C 158 11.82 7.19 -13.96
C LEU C 158 10.97 7.45 -12.76
N GLN C 159 11.51 8.10 -11.73
CA GLN C 159 10.64 8.52 -10.61
C GLN C 159 9.54 9.45 -11.14
N LEU C 160 9.92 10.31 -12.09
CA LEU C 160 8.97 11.21 -12.72
C LEU C 160 7.95 10.36 -13.46
N ALA C 161 8.43 9.56 -14.41
CA ALA C 161 7.62 8.56 -15.12
C ALA C 161 6.68 7.78 -14.18
N GLN C 162 7.20 7.29 -13.05
CA GLN C 162 6.35 6.57 -12.09
C GLN C 162 5.17 7.42 -11.64
N ARG C 163 5.46 8.64 -11.20
CA ARG C 163 4.43 9.53 -10.68
C ARG C 163 3.48 10.14 -11.72
N PHE C 164 3.98 10.64 -12.87
CA PHE C 164 3.12 11.45 -13.79
C PHE C 164 3.07 10.98 -15.25
N GLY C 165 3.70 9.84 -15.52
CA GLY C 165 3.83 9.35 -16.89
C GLY C 165 2.62 8.58 -17.39
N THR C 166 2.40 8.67 -18.69
CA THR C 166 1.22 8.04 -19.27
C THR C 166 1.55 7.48 -20.67
N GLN C 167 0.89 6.38 -21.02
CA GLN C 167 1.26 5.59 -22.20
C GLN C 167 0.97 6.28 -23.52
N GLU C 168 1.85 6.07 -24.50
CA GLU C 168 1.65 6.62 -25.82
C GLU C 168 2.27 5.63 -26.79
N GLY C 169 1.49 4.60 -27.13
CA GLY C 169 1.91 3.57 -28.08
C GLY C 169 3.23 2.90 -27.80
N GLY C 170 3.32 2.18 -26.69
CA GLY C 170 4.53 1.41 -26.37
C GLY C 170 5.70 2.23 -25.84
N ALA C 171 5.49 3.54 -25.66
CA ALA C 171 6.46 4.44 -25.03
C ALA C 171 5.80 5.19 -23.88
N LEU C 172 6.59 5.80 -23.01
CA LEU C 172 6.02 6.52 -21.88
C LEU C 172 6.25 8.01 -21.98
N ARG C 173 5.13 8.73 -21.89
CA ARG C 173 5.12 10.18 -21.92
C ARG C 173 5.10 10.67 -20.49
N VAL C 174 6.13 11.45 -20.14
CA VAL C 174 6.24 12.13 -18.84
C VAL C 174 6.15 13.63 -19.06
N THR C 175 4.99 14.19 -18.74
CA THR C 175 4.80 15.62 -18.80
C THR C 175 5.02 16.21 -17.40
N HIS C 176 6.27 16.59 -17.14
CA HIS C 176 6.74 16.96 -15.82
C HIS C 176 6.57 18.43 -15.44
N ASP C 177 6.67 19.31 -16.44
CA ASP C 177 6.53 20.77 -16.28
C ASP C 177 7.74 21.40 -15.56
N LEU C 178 8.95 21.05 -16.01
CA LEU C 178 10.18 21.51 -15.37
C LEU C 178 11.18 22.07 -16.33
N THR C 179 11.95 23.00 -15.82
CA THR C 179 12.94 23.71 -16.58
C THR C 179 14.17 22.83 -16.53
N GLN C 180 14.96 22.89 -17.61
CA GLN C 180 16.23 22.20 -17.68
C GLN C 180 17.01 22.36 -16.39
N GLU C 181 16.76 23.48 -15.73
CA GLU C 181 17.49 23.82 -14.55
C GLU C 181 16.84 23.21 -13.32
N GLU C 182 15.51 23.11 -13.32
CA GLU C 182 14.75 22.52 -12.22
C GLU C 182 14.99 21.01 -12.12
N ILE C 183 14.96 20.33 -13.25
CA ILE C 183 15.41 18.94 -13.29
C ILE C 183 16.76 18.75 -12.57
N ALA C 184 17.74 19.56 -12.96
CA ALA C 184 19.08 19.56 -12.35
C ALA C 184 18.97 19.77 -10.85
N GLN C 185 18.04 20.62 -10.45
CA GLN C 185 17.86 20.85 -9.05
C GLN C 185 17.34 19.60 -8.32
N LEU C 186 16.50 18.81 -9.01
CA LEU C 186 16.00 17.52 -8.50
C LEU C 186 17.12 16.55 -8.31
N VAL C 187 17.99 16.50 -9.32
CA VAL C 187 19.13 15.60 -9.41
C VAL C 187 20.26 16.03 -8.48
N GLY C 188 20.43 17.33 -8.35
CA GLY C 188 21.47 17.90 -7.49
C GLY C 188 22.78 18.08 -8.21
N ALA C 189 22.75 18.63 -9.43
CA ALA C 189 24.00 18.95 -10.09
C ALA C 189 23.80 20.07 -11.06
N SER C 190 24.85 20.43 -11.79
CA SER C 190 24.84 21.59 -12.66
C SER C 190 23.69 21.54 -13.70
N ARG C 191 23.33 22.69 -14.26
CA ARG C 191 22.43 22.73 -15.40
C ARG C 191 23.09 22.02 -16.56
N GLU C 192 24.43 22.06 -16.57
CA GLU C 192 25.21 21.62 -17.72
C GLU C 192 25.35 20.09 -17.84
N THR C 193 26.16 19.50 -16.96
CA THR C 193 26.38 18.04 -16.85
C THR C 193 25.11 17.20 -16.94
N VAL C 194 24.07 17.62 -16.22
CA VAL C 194 22.74 17.04 -16.35
C VAL C 194 22.26 17.03 -17.80
N ASN C 195 22.24 18.19 -18.45
CA ASN C 195 21.82 18.26 -19.85
C ASN C 195 22.64 17.36 -20.81
N LYS C 196 23.94 17.27 -20.51
CA LYS C 196 24.83 16.35 -21.21
C LYS C 196 24.30 14.91 -21.06
N ALA C 197 23.98 14.50 -19.82
CA ALA C 197 23.41 13.18 -19.58
C ALA C 197 22.18 12.98 -20.45
N LEU C 198 21.19 13.87 -20.32
CA LEU C 198 19.98 13.65 -21.08
C LEU C 198 20.09 13.85 -22.59
N ALA C 199 21.16 14.50 -23.04
CA ALA C 199 21.47 14.57 -24.47
C ALA C 199 22.02 13.24 -24.97
N ASP C 200 22.87 12.60 -24.14
CA ASP C 200 23.42 11.30 -24.48
C ASP C 200 22.32 10.25 -24.53
N PHE C 201 21.44 10.30 -23.54
CA PHE C 201 20.29 9.39 -23.44
C PHE C 201 19.42 9.55 -24.67
N ALA C 202 19.10 10.81 -24.95
CA ALA C 202 18.32 11.20 -26.11
C ALA C 202 18.86 10.58 -27.37
N HIS C 203 20.17 10.76 -27.62
CA HIS C 203 20.93 10.22 -28.75
C HIS C 203 20.98 8.70 -28.81
N ARG C 204 20.68 8.02 -27.71
CA ARG C 204 20.65 6.55 -27.69
C ARG C 204 19.27 5.99 -27.92
N GLY C 205 18.26 6.86 -28.01
CA GLY C 205 16.89 6.42 -28.28
C GLY C 205 16.12 5.94 -27.07
N TRP C 206 16.69 6.13 -25.89
CA TRP C 206 16.00 5.73 -24.67
C TRP C 206 14.95 6.73 -24.33
N ILE C 207 15.25 7.99 -24.67
CA ILE C 207 14.36 9.10 -24.33
C ILE C 207 14.27 10.09 -25.46
N ARG C 208 13.14 10.78 -25.49
CA ARG C 208 12.91 11.88 -26.40
C ARG C 208 12.55 13.15 -25.58
N LEU C 209 13.37 14.20 -25.72
CA LEU C 209 13.12 15.53 -25.11
C LEU C 209 12.21 16.41 -25.98
N GLU C 210 11.11 16.88 -25.41
CA GLU C 210 10.20 17.83 -26.11
C GLU C 210 9.51 18.85 -25.16
N GLY C 211 10.26 19.86 -24.72
CA GLY C 211 9.73 20.85 -23.81
C GLY C 211 9.67 20.45 -22.36
N LYS C 212 8.56 20.73 -21.69
CA LYS C 212 8.45 20.38 -20.28
C LYS C 212 8.16 18.87 -20.16
N SER C 213 8.48 18.16 -21.25
CA SER C 213 7.99 16.81 -21.48
C SER C 213 9.07 15.90 -22.03
N VAL C 214 9.15 14.72 -21.47
CA VAL C 214 10.06 13.73 -22.04
C VAL C 214 9.29 12.53 -22.55
N LEU C 215 9.81 11.91 -23.61
CA LEU C 215 9.27 10.63 -24.06
C LEU C 215 10.24 9.50 -23.75
N ILE C 216 9.86 8.64 -22.81
CA ILE C 216 10.75 7.50 -22.52
C ILE C 216 10.33 6.35 -23.41
N SER C 217 11.24 5.97 -24.29
CA SER C 217 11.00 4.89 -25.22
C SER C 217 11.56 3.64 -24.53
N ASP C 218 12.89 3.56 -24.50
CA ASP C 218 13.57 2.41 -23.91
C ASP C 218 13.67 2.44 -22.39
N SER C 219 12.52 2.28 -21.72
CA SER C 219 12.49 2.22 -20.26
C SER C 219 13.59 1.31 -19.76
N GLU C 220 13.52 0.07 -20.20
CA GLU C 220 14.58 -0.93 -20.08
C GLU C 220 16.00 -0.35 -19.82
N ARG C 221 16.66 0.12 -20.88
CA ARG C 221 18.06 0.56 -20.80
C ARG C 221 18.31 1.68 -19.76
N LEU C 222 17.32 2.53 -19.60
CA LEU C 222 17.42 3.67 -18.71
C LEU C 222 17.30 3.18 -17.27
N ALA C 223 16.43 2.20 -17.06
CA ALA C 223 16.29 1.58 -15.74
C ALA C 223 17.59 0.90 -15.31
N ARG C 224 18.48 0.62 -16.27
CA ARG C 224 19.75 -0.07 -16.02
C ARG C 224 20.85 0.91 -15.82
N ARG C 225 20.88 1.93 -16.67
CA ARG C 225 21.80 3.06 -16.52
C ARG C 225 21.71 3.69 -15.13
N ALA C 226 20.51 3.75 -14.59
CA ALA C 226 20.28 4.21 -13.23
C ALA C 226 21.02 3.32 -12.24
N ARG C 227 20.52 2.09 -12.08
CA ARG C 227 21.05 1.04 -11.18
C ARG C 227 22.57 0.75 -11.25
N SER D 20 3.80 10.75 28.81
CA SER D 20 3.54 10.76 27.33
C SER D 20 2.57 9.65 26.92
N ALA D 21 2.70 9.19 25.67
CA ALA D 21 2.00 8.01 25.19
C ALA D 21 2.97 6.82 25.09
N ILE D 22 4.24 7.09 25.36
CA ILE D 22 5.28 6.07 25.51
C ILE D 22 4.98 5.23 26.75
N ALA D 23 4.31 5.86 27.71
CA ALA D 23 4.18 5.38 29.10
C ALA D 23 3.37 4.10 29.32
N ALA D 24 2.05 4.25 29.50
CA ALA D 24 1.16 3.13 29.88
C ALA D 24 1.08 1.98 28.86
N LEU D 25 1.98 2.00 27.86
CA LEU D 25 2.21 0.85 26.99
C LEU D 25 2.78 -0.31 27.81
N THR D 26 3.60 0.05 28.79
CA THR D 26 4.18 -0.91 29.73
C THR D 26 3.12 -1.61 30.56
N LYS D 27 1.90 -1.65 30.03
CA LYS D 27 0.85 -2.57 30.48
C LYS D 27 1.07 -3.90 29.73
N GLN D 28 1.74 -3.80 28.59
CA GLN D 28 2.22 -4.97 27.85
C GLN D 28 3.59 -4.66 27.25
N LEU D 29 4.52 -5.60 27.40
CA LEU D 29 5.89 -5.40 26.94
C LEU D 29 6.51 -6.70 26.47
N GLN D 30 7.56 -6.58 25.67
CA GLN D 30 8.39 -7.73 25.31
C GLN D 30 9.90 -7.40 25.42
N PRO D 31 10.45 -7.42 26.66
CA PRO D 31 11.88 -7.29 26.98
C PRO D 31 12.86 -7.98 26.01
N VAL D 32 13.97 -7.31 25.69
CA VAL D 32 14.99 -7.84 24.77
C VAL D 32 16.40 -7.49 25.27
N ASP D 33 17.31 -8.47 25.25
CA ASP D 33 18.64 -8.31 25.87
C ASP D 33 19.81 -8.57 24.90
N PHE D 34 19.82 -7.87 23.76
CA PHE D 34 20.89 -7.97 22.75
C PHE D 34 22.30 -7.77 23.33
N PRO D 35 23.33 -8.40 22.70
CA PRO D 35 24.72 -8.18 23.10
C PRO D 35 25.27 -6.83 22.64
N ARG D 36 26.54 -6.84 22.23
CA ARG D 36 27.14 -5.75 21.47
C ARG D 36 27.13 -6.18 20.00
N GLY D 37 27.36 -5.24 19.09
CA GLY D 37 27.48 -5.50 17.63
C GLY D 37 26.56 -6.49 16.94
N HIS D 38 25.32 -6.67 17.43
CA HIS D 38 24.37 -7.62 16.81
C HIS D 38 23.45 -6.98 15.82
N THR D 39 23.14 -7.73 14.75
CA THR D 39 22.23 -7.29 13.71
C THR D 39 20.79 -7.69 14.05
N VAL D 40 20.03 -6.72 14.60
CA VAL D 40 18.64 -6.91 15.02
C VAL D 40 17.77 -7.35 13.83
N PHE D 41 17.99 -6.70 12.69
CA PHE D 41 17.43 -7.10 11.39
C PHE D 41 18.35 -6.44 10.39
N ALA D 42 18.17 -6.67 9.09
CA ALA D 42 19.01 -5.97 8.12
C ALA D 42 18.24 -5.38 6.95
N GLU D 43 18.83 -4.37 6.32
CA GLU D 43 18.33 -3.79 5.05
C GLU D 43 17.91 -4.91 4.08
N GLY D 44 16.66 -4.88 3.64
CA GLY D 44 16.15 -5.80 2.63
C GLY D 44 15.28 -6.92 3.20
N GLU D 45 15.54 -7.24 4.46
CA GLU D 45 14.82 -8.26 5.24
C GLU D 45 13.37 -7.86 5.46
N PRO D 46 12.45 -8.84 5.55
CA PRO D 46 11.09 -8.41 5.86
C PRO D 46 10.98 -8.00 7.32
N GLY D 47 10.00 -7.17 7.63
CA GLY D 47 9.84 -6.68 8.99
C GLY D 47 8.38 -6.59 9.36
N ASP D 48 8.07 -6.97 10.59
CA ASP D 48 6.74 -6.85 11.22
C ASP D 48 6.95 -6.50 12.70
N ARG D 49 8.14 -5.97 13.02
CA ARG D 49 8.52 -5.72 14.41
C ARG D 49 9.10 -4.31 14.61
N LEU D 50 8.54 -3.57 15.58
CA LEU D 50 8.99 -2.21 15.97
C LEU D 50 9.77 -2.21 17.28
N TYR D 51 10.79 -1.37 17.38
CA TYR D 51 11.69 -1.44 18.51
C TYR D 51 11.81 -0.12 19.23
N ILE D 52 11.80 -0.18 20.54
CA ILE D 52 11.94 0.99 21.39
C ILE D 52 13.10 0.76 22.38
N ILE D 53 14.21 1.48 22.20
CA ILE D 53 15.38 1.32 23.04
C ILE D 53 15.13 1.76 24.47
N ILE D 54 15.48 0.88 25.40
CA ILE D 54 15.49 1.22 26.83
C ILE D 54 16.86 1.80 27.17
N SER D 55 17.93 1.06 26.88
CA SER D 55 19.26 1.65 26.94
C SER D 55 20.21 1.01 25.95
N GLY D 56 21.32 1.69 25.70
CA GLY D 56 22.25 1.31 24.65
C GLY D 56 21.95 2.16 23.43
N LYS D 57 22.90 2.20 22.51
CA LYS D 57 22.75 2.97 21.29
C LYS D 57 22.77 2.03 20.08
N VAL D 58 21.99 2.35 19.05
CA VAL D 58 21.93 1.52 17.86
C VAL D 58 22.11 2.40 16.63
N LYS D 59 23.03 2.00 15.75
CA LYS D 59 23.20 2.72 14.48
C LYS D 59 22.27 2.17 13.41
N ILE D 60 22.06 2.96 12.36
CA ILE D 60 21.14 2.62 11.30
C ILE D 60 21.94 2.66 10.02
N GLY D 61 22.05 1.52 9.35
CA GLY D 61 23.02 1.41 8.27
C GLY D 61 22.50 1.01 6.92
N ARG D 62 22.84 1.82 5.91
CA ARG D 62 22.62 1.47 4.50
C ARG D 62 23.96 1.32 3.83
N ARG D 63 24.14 0.22 3.12
CA ARG D 63 25.40 -0.04 2.42
C ARG D 63 25.31 0.36 0.96
N ALA D 64 26.43 0.89 0.44
CA ALA D 64 26.53 1.38 -0.93
C ALA D 64 26.54 0.24 -1.95
N PRO D 65 26.31 0.57 -3.25
CA PRO D 65 26.47 -0.43 -4.31
C PRO D 65 27.84 -1.10 -4.21
N ASP D 66 28.84 -0.31 -3.78
CA ASP D 66 30.20 -0.79 -3.55
C ASP D 66 30.29 -1.67 -2.28
N GLY D 67 30.25 -1.03 -1.12
CA GLY D 67 30.53 -1.69 0.14
C GLY D 67 30.74 -0.64 1.22
N ARG D 68 31.14 0.55 0.76
CA ARG D 68 31.15 1.76 1.58
C ARG D 68 29.78 2.02 2.19
N GLU D 69 29.74 2.77 3.28
CA GLU D 69 28.53 2.85 4.10
C GLU D 69 28.02 4.27 4.37
N ASN D 70 26.71 4.38 4.31
CA ASN D 70 26.03 5.55 4.80
C ASN D 70 25.21 5.10 5.99
N LEU D 71 25.86 5.02 7.15
CA LEU D 71 25.11 4.74 8.35
C LEU D 71 24.35 6.03 8.68
N LEU D 72 23.03 5.90 8.73
CA LEU D 72 22.09 7.02 8.68
C LEU D 72 21.98 7.84 9.95
N THR D 73 22.02 7.18 11.11
CA THR D 73 21.84 7.85 12.40
C THR D 73 22.05 6.92 13.59
N ILE D 74 22.33 7.51 14.75
CA ILE D 74 22.45 6.75 15.99
C ILE D 74 21.24 7.03 16.88
N MET D 75 20.75 5.97 17.51
CA MET D 75 19.57 6.06 18.36
C MET D 75 19.90 5.70 19.80
N GLY D 76 19.10 6.22 20.74
CA GLY D 76 19.21 5.88 22.16
C GLY D 76 17.88 5.57 22.84
N PRO D 77 17.81 5.72 24.19
CA PRO D 77 16.62 5.39 24.99
C PRO D 77 15.32 6.16 24.63
N SER D 78 14.21 5.44 24.50
CA SER D 78 12.89 5.99 24.08
C SER D 78 12.76 6.37 22.58
N ASP D 79 13.81 6.06 21.80
CA ASP D 79 13.74 6.08 20.35
C ASP D 79 13.12 4.78 19.80
N MET D 80 12.15 4.91 18.87
CA MET D 80 11.59 3.76 18.17
C MET D 80 12.53 3.45 17.04
N PHE D 81 12.58 2.19 16.64
CA PHE D 81 13.18 1.90 15.35
C PHE D 81 12.49 0.77 14.64
N GLY D 82 12.66 0.76 13.33
CA GLY D 82 12.07 -0.25 12.46
C GLY D 82 10.63 -0.02 12.07
N GLU D 83 10.16 1.20 12.25
CA GLU D 83 8.73 1.50 12.11
C GLU D 83 8.33 1.67 10.66
N LEU D 84 9.26 1.99 9.78
CA LEU D 84 8.88 2.18 8.37
C LEU D 84 8.30 0.94 7.70
N SER D 85 8.69 -0.25 8.17
CA SER D 85 8.18 -1.52 7.63
C SER D 85 6.84 -1.89 8.26
N ILE D 86 6.57 -1.43 9.47
CA ILE D 86 5.22 -1.54 9.95
C ILE D 86 4.19 -0.66 9.22
N PHE D 87 4.50 0.62 9.03
CA PHE D 87 3.55 1.58 8.48
C PHE D 87 3.39 1.48 6.97
N ASP D 88 4.51 1.56 6.24
CA ASP D 88 4.54 1.26 4.80
C ASP D 88 5.24 -0.10 4.65
N PRO D 89 4.44 -1.18 4.65
CA PRO D 89 4.94 -2.56 4.65
C PRO D 89 5.92 -2.83 3.50
N GLY D 90 6.73 -3.86 3.70
CA GLY D 90 7.80 -4.16 2.76
C GLY D 90 9.16 -4.17 3.44
N PRO D 91 10.23 -4.19 2.62
CA PRO D 91 11.54 -4.49 3.18
C PRO D 91 12.01 -3.40 4.14
N ARG D 92 12.92 -3.75 5.04
CA ARG D 92 13.49 -2.78 5.97
C ARG D 92 14.40 -1.87 5.18
N THR D 93 14.07 -0.57 5.20
CA THR D 93 14.75 0.44 4.41
C THR D 93 16.24 0.41 4.63
N SER D 94 16.62 0.24 5.89
CA SER D 94 17.99 0.25 6.30
C SER D 94 18.18 -0.87 7.31
N SER D 95 19.40 -1.00 7.83
CA SER D 95 19.78 -2.07 8.74
C SER D 95 20.03 -1.53 10.14
N ALA D 96 19.54 -2.25 11.14
CA ALA D 96 19.78 -1.85 12.52
C ALA D 96 20.84 -2.74 13.15
N THR D 97 21.96 -2.12 13.55
CA THR D 97 23.00 -2.82 14.32
C THR D 97 23.21 -2.17 15.67
N THR D 98 23.14 -2.98 16.74
CA THR D 98 23.43 -2.48 18.09
C THR D 98 24.90 -2.12 18.14
N ILE D 99 25.20 -0.95 18.70
CA ILE D 99 26.59 -0.54 18.76
C ILE D 99 27.15 -0.76 20.18
N THR D 100 26.29 -0.71 21.19
CA THR D 100 26.69 -0.98 22.57
C THR D 100 25.87 -2.11 23.22
N GLU D 101 25.53 -1.93 24.50
CA GLU D 101 24.81 -2.92 25.27
C GLU D 101 23.33 -2.58 25.20
N VAL D 102 22.61 -3.28 24.33
CA VAL D 102 21.25 -2.86 24.02
C VAL D 102 20.17 -3.73 24.61
N ARG D 103 19.36 -3.12 25.47
CA ARG D 103 18.10 -3.69 25.93
C ARG D 103 16.96 -2.81 25.42
N ALA D 104 15.90 -3.48 24.95
CA ALA D 104 14.78 -2.82 24.29
C ALA D 104 13.43 -3.50 24.57
N VAL D 105 12.39 -3.07 23.85
CA VAL D 105 11.09 -3.76 23.79
C VAL D 105 10.53 -3.77 22.37
N SER D 106 9.55 -4.64 22.13
CA SER D 106 9.04 -4.86 20.79
C SER D 106 7.51 -4.94 20.67
N MET D 107 7.06 -4.66 19.46
CA MET D 107 5.65 -4.59 19.11
C MET D 107 5.54 -5.11 17.71
N ASP D 108 4.43 -5.77 17.36
CA ASP D 108 4.27 -6.23 15.98
C ASP D 108 3.08 -5.55 15.32
N ARG D 109 3.03 -5.59 13.99
CA ARG D 109 2.04 -4.81 13.26
C ARG D 109 0.65 -4.99 13.85
N ASP D 110 0.43 -6.14 14.45
CA ASP D 110 -0.88 -6.49 14.96
C ASP D 110 -1.13 -5.89 16.34
N ALA D 111 -0.15 -5.96 17.22
CA ALA D 111 -0.23 -5.28 18.49
C ALA D 111 -0.41 -3.80 18.22
N LEU D 112 0.57 -3.17 17.56
CA LEU D 112 0.55 -1.72 17.36
C LEU D 112 -0.85 -1.28 16.96
N ARG D 113 -1.39 -1.91 15.93
CA ARG D 113 -2.68 -1.48 15.39
C ARG D 113 -3.74 -1.54 16.47
N SER D 114 -3.57 -2.46 17.39
CA SER D 114 -4.58 -2.64 18.41
C SER D 114 -4.36 -1.60 19.50
N TRP D 115 -3.11 -1.29 19.81
CA TRP D 115 -2.87 -0.13 20.65
C TRP D 115 -3.47 1.14 20.09
N ILE D 116 -3.33 1.35 18.79
CA ILE D 116 -3.89 2.49 18.11
C ILE D 116 -5.40 2.49 18.22
N ALA D 117 -6.01 1.32 18.09
CA ALA D 117 -7.46 1.26 18.17
C ALA D 117 -7.87 1.67 19.58
N ASP D 118 -7.26 1.03 20.57
CA ASP D 118 -7.50 1.26 22.01
C ASP D 118 -7.24 2.73 22.38
N ARG D 119 -6.18 3.30 21.80
CA ARG D 119 -5.66 4.60 22.24
C ARG D 119 -5.18 5.43 21.04
N PRO D 120 -6.14 6.03 20.33
CA PRO D 120 -5.97 6.76 19.04
C PRO D 120 -4.88 7.86 19.00
N GLU D 121 -4.37 8.27 20.16
CA GLU D 121 -3.38 9.36 20.28
C GLU D 121 -1.98 8.88 19.92
N ILE D 122 -1.67 7.66 20.32
CA ILE D 122 -0.50 6.95 19.87
C ILE D 122 -0.23 7.37 18.40
N SER D 123 -1.30 7.49 17.62
CA SER D 123 -1.18 7.94 16.23
C SER D 123 -0.58 9.34 16.01
N GLU D 124 -0.94 10.29 16.86
CA GLU D 124 -0.40 11.65 16.78
C GLU D 124 1.09 11.55 17.06
N GLN D 125 1.42 11.00 18.23
CA GLN D 125 2.81 10.82 18.65
C GLN D 125 3.64 10.15 17.54
N LEU D 126 3.07 9.17 16.86
CA LEU D 126 3.81 8.50 15.82
C LEU D 126 4.03 9.45 14.64
N LEU D 127 3.00 10.21 14.26
CA LEU D 127 3.21 11.21 13.19
C LEU D 127 4.21 12.27 13.60
N ARG D 128 4.18 12.64 14.88
CA ARG D 128 5.18 13.57 15.37
C ARG D 128 6.60 12.95 15.29
N VAL D 129 6.77 11.71 15.71
CA VAL D 129 8.11 11.08 15.62
C VAL D 129 8.60 11.06 14.19
N LEU D 130 7.71 10.71 13.24
CA LEU D 130 8.13 10.56 11.84
C LEU D 130 8.44 11.86 11.13
N ALA D 131 7.65 12.89 11.37
CA ALA D 131 7.98 14.19 10.81
C ALA D 131 9.35 14.74 11.30
N ARG D 132 9.66 14.67 12.60
CA ARG D 132 11.01 15.00 13.06
C ARG D 132 12.03 14.26 12.20
N ARG D 133 11.83 12.95 12.05
CA ARG D 133 12.76 12.15 11.30
C ARG D 133 13.09 12.78 9.95
N LEU D 134 12.06 13.22 9.24
CA LEU D 134 12.21 13.63 7.83
C LEU D 134 12.84 15.00 7.74
N ARG D 135 12.69 15.72 8.85
CA ARG D 135 13.23 17.06 9.03
C ARG D 135 14.77 16.94 9.07
N ARG D 136 15.31 16.32 10.13
CA ARG D 136 16.73 16.00 10.15
C ARG D 136 17.17 15.55 8.77
N THR D 137 16.36 14.68 8.16
CA THR D 137 16.83 13.93 7.04
C THR D 137 16.86 14.81 5.82
N ASN D 138 16.11 15.89 5.85
CA ASN D 138 16.21 16.91 4.81
C ASN D 138 17.45 17.74 4.95
N ASN D 139 17.69 18.23 6.17
CA ASN D 139 18.89 19.00 6.49
C ASN D 139 20.16 18.27 6.09
N ASN D 140 20.25 16.99 6.43
CA ASN D 140 21.42 16.19 6.14
C ASN D 140 21.68 16.16 4.65
N LEU D 141 20.59 16.08 3.89
CA LEU D 141 20.67 16.03 2.44
C LEU D 141 21.13 17.38 1.92
N ALA D 142 20.44 18.45 2.30
CA ALA D 142 20.86 19.81 1.95
C ALA D 142 22.37 19.93 2.15
N ASP D 143 22.83 19.48 3.32
CA ASP D 143 24.22 19.51 3.70
C ASP D 143 25.12 18.76 2.74
N LEU D 144 24.65 17.64 2.23
CA LEU D 144 25.41 16.94 1.19
C LEU D 144 25.66 17.79 -0.06
N ILE D 145 24.67 18.62 -0.43
CA ILE D 145 24.80 19.47 -1.62
C ILE D 145 25.50 20.78 -1.31
N PHE D 146 24.95 21.49 -0.32
CA PHE D 146 25.31 22.87 -0.05
C PHE D 146 26.61 23.08 0.75
N THR D 147 26.81 22.26 1.78
CA THR D 147 27.87 22.45 2.76
C THR D 147 29.14 21.71 2.34
N ASP D 148 30.30 22.31 2.63
CA ASP D 148 31.56 21.61 2.37
C ASP D 148 31.76 20.46 3.38
N VAL D 149 32.95 19.83 3.37
CA VAL D 149 33.24 18.70 4.27
C VAL D 149 33.77 19.04 5.69
N PRO D 150 34.47 20.19 5.88
CA PRO D 150 34.64 20.70 7.25
C PRO D 150 33.33 20.96 8.00
N GLY D 151 32.33 21.53 7.32
CA GLY D 151 31.06 21.95 7.94
C GLY D 151 30.03 20.86 8.22
N ARG D 152 30.22 19.71 7.59
CA ARG D 152 29.40 18.52 7.85
C ARG D 152 29.95 17.66 8.99
N VAL D 153 31.26 17.75 9.21
CA VAL D 153 31.87 17.14 10.39
C VAL D 153 31.41 17.92 11.63
N ALA D 154 31.42 19.25 11.52
CA ALA D 154 30.94 20.13 12.57
C ALA D 154 29.58 19.65 13.14
N LYS D 155 28.53 19.72 12.31
CA LYS D 155 27.17 19.33 12.71
C LYS D 155 27.05 17.90 13.27
N GLN D 156 27.77 16.97 12.67
CA GLN D 156 27.74 15.58 13.14
C GLN D 156 28.28 15.40 14.54
N LEU D 157 29.28 16.20 14.89
CA LEU D 157 29.80 16.27 16.25
C LEU D 157 28.82 17.05 17.13
N LEU D 158 28.16 18.04 16.51
CA LEU D 158 27.20 18.90 17.23
C LEU D 158 25.87 18.23 17.61
N GLN D 159 25.17 17.66 16.61
CA GLN D 159 23.93 16.93 16.87
C GLN D 159 24.12 15.85 17.95
N LEU D 160 25.20 15.07 17.87
CA LEU D 160 25.45 13.98 18.81
C LEU D 160 25.71 14.48 20.23
N ALA D 161 26.35 15.64 20.32
CA ALA D 161 26.52 16.35 21.58
C ALA D 161 25.21 17.03 22.07
N GLN D 162 24.44 17.62 21.17
CA GLN D 162 23.09 18.14 21.50
C GLN D 162 22.20 17.04 22.09
N ARG D 163 22.37 15.81 21.57
CA ARG D 163 21.67 14.62 22.03
C ARG D 163 22.18 14.15 23.39
N PHE D 164 23.42 13.68 23.44
CA PHE D 164 23.98 12.99 24.61
C PHE D 164 24.49 13.87 25.76
N GLY D 165 24.79 15.13 25.45
CA GLY D 165 25.54 16.05 26.33
C GLY D 165 25.07 16.35 27.74
N THR D 166 25.76 15.76 28.72
CA THR D 166 25.52 15.97 30.15
C THR D 166 26.79 16.43 30.89
N GLN D 167 26.60 17.35 31.84
CA GLN D 167 27.68 17.90 32.63
C GLN D 167 27.43 17.70 34.13
N GLU D 168 28.39 17.07 34.82
CA GLU D 168 28.34 16.83 36.26
C GLU D 168 29.68 17.23 36.93
N GLY D 169 30.67 17.55 36.11
CA GLY D 169 31.99 18.01 36.58
C GLY D 169 32.52 19.19 35.79
N GLY D 170 32.38 19.14 34.46
CA GLY D 170 32.87 20.20 33.58
C GLY D 170 32.58 20.00 32.10
N ALA D 171 33.26 19.05 31.47
CA ALA D 171 33.13 18.80 30.05
C ALA D 171 31.84 18.04 29.71
N LEU D 172 31.11 18.51 28.70
CA LEU D 172 29.85 17.88 28.30
C LEU D 172 30.05 16.55 27.58
N ARG D 173 29.51 15.49 28.20
CA ARG D 173 29.70 14.11 27.77
C ARG D 173 29.08 13.77 26.40
N VAL D 174 29.87 13.09 25.57
CA VAL D 174 29.43 12.57 24.29
C VAL D 174 30.17 11.25 24.04
N THR D 175 29.85 10.23 24.84
CA THR D 175 30.42 8.88 24.70
C THR D 175 29.86 8.18 23.45
N HIS D 176 30.34 8.58 22.28
CA HIS D 176 29.66 8.26 21.02
C HIS D 176 29.95 6.91 20.41
N ASP D 177 31.02 6.25 20.85
CA ASP D 177 31.29 4.86 20.45
C ASP D 177 31.42 4.64 18.93
N LEU D 178 31.72 5.72 18.20
CA LEU D 178 31.86 5.64 16.75
C LEU D 178 33.32 5.75 16.31
N THR D 179 33.83 4.70 15.66
CA THR D 179 35.18 4.72 15.10
C THR D 179 35.30 5.85 14.07
N GLN D 180 36.53 6.16 13.69
CA GLN D 180 36.84 7.10 12.61
C GLN D 180 35.78 6.98 11.52
N GLU D 181 35.62 5.77 11.01
CA GLU D 181 34.72 5.43 9.92
C GLU D 181 33.27 5.86 10.20
N GLU D 182 32.74 5.39 11.32
CA GLU D 182 31.33 5.61 11.70
C GLU D 182 30.92 7.08 11.69
N ILE D 183 31.84 7.98 12.03
CA ILE D 183 31.56 9.42 12.00
C ILE D 183 31.48 9.94 10.57
N ALA D 184 32.40 9.50 9.73
CA ALA D 184 32.43 9.83 8.30
C ALA D 184 31.19 9.32 7.59
N GLN D 185 30.82 8.08 7.89
CA GLN D 185 29.61 7.46 7.33
C GLN D 185 28.37 8.32 7.55
N LEU D 186 28.36 9.06 8.66
CA LEU D 186 27.29 10.01 8.99
C LEU D 186 27.49 11.33 8.26
N VAL D 187 28.76 11.68 8.07
CA VAL D 187 29.13 12.91 7.39
C VAL D 187 28.86 12.74 5.90
N GLY D 188 29.13 11.55 5.38
CA GLY D 188 28.99 11.27 3.96
C GLY D 188 30.15 11.81 3.13
N ALA D 189 31.31 11.95 3.77
CA ALA D 189 32.57 12.27 3.10
C ALA D 189 33.61 11.19 3.34
N SER D 190 34.70 11.23 2.58
CA SER D 190 35.78 10.23 2.66
C SER D 190 36.58 10.30 3.96
N ARG D 191 36.55 9.20 4.72
CA ARG D 191 37.12 9.09 6.08
C ARG D 191 38.48 9.75 6.33
N GLU D 192 39.32 9.82 5.30
CA GLU D 192 40.61 10.52 5.36
C GLU D 192 40.40 12.01 5.68
N THR D 193 39.80 12.74 4.72
CA THR D 193 39.56 14.18 4.85
C THR D 193 38.48 14.52 5.91
N VAL D 194 37.77 13.50 6.39
CA VAL D 194 36.85 13.65 7.51
C VAL D 194 37.64 13.64 8.82
N ASN D 195 38.51 12.64 8.99
CA ASN D 195 39.36 12.57 10.19
C ASN D 195 40.48 13.60 10.16
N LYS D 196 40.72 14.18 8.98
CA LYS D 196 41.61 15.32 8.82
C LYS D 196 40.90 16.68 9.07
N ALA D 197 39.58 16.68 8.96
CA ALA D 197 38.78 17.87 9.23
C ALA D 197 38.60 18.10 10.73
N LEU D 198 38.37 17.02 11.48
CA LEU D 198 38.32 17.13 12.94
C LEU D 198 39.72 17.07 13.54
N ALA D 199 40.70 16.75 12.70
CA ALA D 199 42.11 16.98 13.04
C ALA D 199 42.39 18.48 13.00
N ASP D 200 41.92 19.14 11.94
CA ASP D 200 42.03 20.60 11.77
C ASP D 200 41.20 21.34 12.83
N PHE D 201 40.77 20.60 13.85
CA PHE D 201 39.94 21.10 14.95
C PHE D 201 40.65 20.95 16.31
N ALA D 202 41.33 19.83 16.52
CA ALA D 202 42.11 19.58 17.74
C ALA D 202 43.34 20.48 17.76
N HIS D 203 43.92 20.65 16.55
CA HIS D 203 45.05 21.60 16.38
C HIS D 203 44.60 23.03 16.36
N ARG D 204 43.31 23.20 16.69
CA ARG D 204 42.67 24.48 16.81
C ARG D 204 42.24 24.89 18.18
N GLY D 205 41.63 23.93 18.92
CA GLY D 205 41.22 24.22 20.27
C GLY D 205 39.81 23.94 20.65
N TRP D 206 39.22 22.85 20.15
CA TRP D 206 37.87 22.53 20.51
C TRP D 206 37.67 21.26 21.31
N ILE D 207 38.24 20.19 20.74
CA ILE D 207 37.96 18.80 21.02
C ILE D 207 39.13 17.95 21.40
N ARG D 208 38.84 16.90 22.16
CA ARG D 208 39.75 15.80 22.43
C ARG D 208 39.18 14.53 21.79
N LEU D 209 39.60 14.22 20.55
CA LEU D 209 39.21 12.97 19.88
C LEU D 209 39.81 11.74 20.60
N GLU D 210 39.28 11.48 21.81
CA GLU D 210 39.80 10.47 22.73
C GLU D 210 39.24 9.07 22.43
N GLY D 211 39.93 8.34 21.56
CA GLY D 211 39.59 6.94 21.27
C GLY D 211 38.18 6.70 20.75
N LYS D 212 37.24 6.45 21.67
CA LYS D 212 35.83 6.21 21.33
C LYS D 212 34.84 6.90 22.29
N SER D 213 35.29 7.13 23.53
CA SER D 213 34.50 7.84 24.56
C SER D 213 34.46 9.36 24.34
N VAL D 214 35.51 9.86 23.67
CA VAL D 214 35.68 11.27 23.17
C VAL D 214 35.17 12.44 24.04
N LEU D 215 36.12 13.27 24.50
CA LEU D 215 35.84 14.45 25.33
C LEU D 215 35.66 15.74 24.50
N ILE D 216 34.45 16.29 24.52
CA ILE D 216 34.10 17.48 23.74
C ILE D 216 33.57 18.60 24.63
N SER D 217 34.14 19.80 24.47
CA SER D 217 33.78 20.95 25.31
C SER D 217 33.21 22.16 24.58
N ASP D 218 34.01 22.75 23.68
CA ASP D 218 33.62 23.98 22.99
C ASP D 218 32.53 23.72 21.94
N SER D 219 31.57 24.65 21.84
CA SER D 219 30.37 24.43 21.03
C SER D 219 29.84 25.66 20.30
N GLU D 220 29.67 26.77 21.01
CA GLU D 220 29.07 27.98 20.42
C GLU D 220 29.96 28.56 19.31
N ARG D 221 31.28 28.45 19.50
CA ARG D 221 32.24 28.91 18.49
C ARG D 221 32.57 27.81 17.48
N LEU D 222 31.90 26.66 17.62
CA LEU D 222 32.05 25.52 16.71
C LEU D 222 30.87 25.39 15.73
N ALA D 223 29.72 25.92 16.15
CA ALA D 223 28.53 26.01 15.31
C ALA D 223 28.76 26.97 14.16
N ARG D 224 29.66 27.93 14.39
CA ARG D 224 30.10 28.89 13.40
C ARG D 224 30.96 28.21 12.31
N ARG D 225 31.25 26.92 12.51
CA ARG D 225 31.94 26.10 11.51
C ARG D 225 30.95 25.18 10.78
N ALA D 226 29.81 24.94 11.42
CA ALA D 226 28.63 24.37 10.76
C ALA D 226 27.77 25.51 10.23
N ARG D 227 28.40 26.68 10.13
CA ARG D 227 27.80 27.98 9.80
C ARG D 227 26.83 27.97 8.61
N MET E 4 -25.85 -1.10 -35.37
CA MET E 4 -25.01 -1.14 -34.13
C MET E 4 -25.65 -1.98 -33.02
N ASP E 5 -26.99 -1.91 -32.93
CA ASP E 5 -27.80 -2.67 -31.96
C ASP E 5 -27.51 -4.18 -31.91
N GLU E 6 -26.71 -4.63 -32.87
CA GLU E 6 -26.10 -5.94 -32.86
C GLU E 6 -25.58 -6.24 -31.43
N ILE E 7 -24.57 -5.49 -31.00
CA ILE E 7 -23.86 -5.68 -29.71
C ILE E 7 -24.77 -5.57 -28.48
N LEU E 8 -25.67 -4.59 -28.49
CA LEU E 8 -26.59 -4.33 -27.39
C LEU E 8 -27.63 -5.44 -27.23
N ALA E 9 -27.79 -6.27 -28.25
CA ALA E 9 -28.79 -7.34 -28.24
C ALA E 9 -28.30 -8.51 -27.41
N ARG E 10 -26.99 -8.66 -27.37
CA ARG E 10 -26.35 -9.79 -26.69
C ARG E 10 -26.24 -9.63 -25.15
N ALA E 11 -26.80 -8.52 -24.64
CA ALA E 11 -26.87 -8.23 -23.21
C ALA E 11 -27.90 -9.11 -22.50
N GLY E 12 -27.60 -9.49 -21.27
CA GLY E 12 -28.46 -10.32 -20.45
C GLY E 12 -29.50 -9.45 -19.79
N ILE E 13 -30.58 -9.19 -20.52
CA ILE E 13 -31.61 -8.25 -20.15
C ILE E 13 -32.48 -8.15 -21.40
N PHE E 14 -31.83 -8.34 -22.55
CA PHE E 14 -32.52 -8.51 -23.82
C PHE E 14 -32.42 -9.98 -24.26
N GLN E 15 -32.53 -10.88 -23.28
CA GLN E 15 -32.50 -12.31 -23.57
C GLN E 15 -33.87 -12.78 -24.07
N GLY E 16 -34.80 -13.01 -23.14
CA GLY E 16 -36.13 -13.48 -23.50
C GLY E 16 -36.99 -12.38 -24.11
N VAL E 17 -36.73 -12.08 -25.38
CA VAL E 17 -37.44 -11.03 -26.11
C VAL E 17 -37.99 -11.52 -27.46
N GLU E 18 -38.26 -10.55 -28.35
CA GLU E 18 -38.55 -10.79 -29.75
C GLU E 18 -37.54 -9.95 -30.55
N PRO E 19 -36.70 -10.59 -31.39
CA PRO E 19 -35.61 -9.93 -32.15
C PRO E 19 -35.92 -8.54 -32.74
N SER E 20 -37.14 -8.35 -33.28
CA SER E 20 -37.53 -7.07 -33.92
C SER E 20 -38.08 -6.04 -32.93
N ALA E 21 -38.68 -6.53 -31.83
CA ALA E 21 -39.23 -5.68 -30.78
C ALA E 21 -38.14 -5.07 -29.89
N ILE E 22 -36.88 -5.42 -30.19
CA ILE E 22 -35.73 -4.85 -29.50
C ILE E 22 -35.60 -3.35 -29.78
N ALA E 23 -35.85 -2.95 -31.03
CA ALA E 23 -35.75 -1.54 -31.44
C ALA E 23 -36.72 -0.57 -30.73
N ALA E 24 -37.92 -1.06 -30.40
CA ALA E 24 -38.93 -0.27 -29.68
C ALA E 24 -38.47 0.05 -28.26
N LEU E 25 -37.72 -0.89 -27.68
CA LEU E 25 -37.15 -0.73 -26.35
C LEU E 25 -35.81 -0.02 -26.43
N THR E 26 -34.89 -0.56 -27.22
CA THR E 26 -33.50 -0.08 -27.25
C THR E 26 -33.34 1.41 -27.54
N LYS E 27 -34.12 1.93 -28.49
CA LYS E 27 -34.05 3.36 -28.83
C LYS E 27 -34.80 4.24 -27.80
N GLN E 28 -34.85 3.75 -26.56
CA GLN E 28 -35.37 4.51 -25.41
C GLN E 28 -34.37 4.46 -24.26
N LEU E 29 -33.10 4.67 -24.60
CA LEU E 29 -32.03 4.72 -23.61
C LEU E 29 -31.40 6.12 -23.59
N GLN E 30 -30.10 6.21 -23.33
CA GLN E 30 -29.43 7.50 -23.31
C GLN E 30 -28.04 7.40 -23.96
N PRO E 31 -27.99 7.11 -25.28
CA PRO E 31 -26.73 6.74 -25.95
C PRO E 31 -25.62 7.76 -25.72
N VAL E 32 -24.51 7.30 -25.16
CA VAL E 32 -23.41 8.20 -24.78
C VAL E 32 -22.00 7.67 -25.09
N ASP E 33 -21.04 8.59 -24.99
CA ASP E 33 -19.63 8.35 -25.30
C ASP E 33 -18.77 8.91 -24.18
N PHE E 34 -17.63 8.27 -23.96
CA PHE E 34 -16.64 8.78 -23.02
C PHE E 34 -15.34 8.43 -23.67
N PRO E 35 -14.30 9.27 -23.50
CA PRO E 35 -12.96 9.04 -24.02
C PRO E 35 -12.28 7.78 -23.48
N ARG E 36 -11.03 7.93 -23.04
CA ARG E 36 -10.28 6.84 -22.44
C ARG E 36 -9.97 7.28 -21.02
N GLY E 37 -9.73 6.30 -20.13
CA GLY E 37 -9.37 6.54 -18.72
C GLY E 37 -10.30 7.53 -18.05
N HIS E 38 -11.54 7.59 -18.53
CA HIS E 38 -12.56 8.50 -17.99
C HIS E 38 -13.45 7.84 -16.97
N THR E 39 -13.63 8.55 -15.85
CA THR E 39 -14.35 8.03 -14.71
C THR E 39 -15.85 8.30 -14.85
N VAL E 40 -16.58 7.21 -15.08
CA VAL E 40 -18.02 7.23 -15.31
C VAL E 40 -18.76 7.53 -14.00
N PHE E 41 -18.25 6.96 -12.91
CA PHE E 41 -18.69 7.20 -11.53
C PHE E 41 -17.63 6.56 -10.62
N ALA E 42 -17.55 6.99 -9.37
CA ALA E 42 -16.50 6.47 -8.50
C ALA E 42 -17.05 5.82 -7.26
N GLU E 43 -16.24 4.93 -6.71
CA GLU E 43 -16.62 4.14 -5.57
C GLU E 43 -17.25 5.10 -4.56
N GLY E 44 -18.55 4.99 -4.33
CA GLY E 44 -19.19 5.71 -3.22
C GLY E 44 -20.12 6.88 -3.52
N GLU E 45 -20.10 7.41 -4.74
CA GLU E 45 -21.03 8.45 -5.13
C GLU E 45 -22.41 7.86 -5.05
N PRO E 46 -23.43 8.70 -4.84
CA PRO E 46 -24.70 8.03 -5.04
C PRO E 46 -24.80 7.77 -6.52
N GLY E 47 -25.76 6.96 -6.91
CA GLY E 47 -26.00 6.77 -8.30
C GLY E 47 -27.30 6.04 -8.46
N ASP E 48 -28.06 6.43 -9.46
CA ASP E 48 -29.01 5.52 -10.00
C ASP E 48 -28.94 5.58 -11.51
N ARG E 49 -27.82 5.10 -12.06
CA ARG E 49 -27.68 4.93 -13.49
C ARG E 49 -26.90 3.69 -13.87
N LEU E 50 -27.63 2.80 -14.53
CA LEU E 50 -27.17 1.50 -14.96
C LEU E 50 -26.65 1.68 -16.38
N TYR E 51 -25.54 1.03 -16.71
CA TYR E 51 -24.96 1.15 -18.05
C TYR E 51 -24.73 -0.18 -18.76
N ILE E 52 -25.23 -0.25 -19.99
CA ILE E 52 -24.78 -1.29 -20.91
C ILE E 52 -23.78 -0.72 -21.92
N ILE E 53 -22.64 -1.39 -22.07
CA ILE E 53 -21.54 -0.98 -22.95
C ILE E 53 -21.68 -1.54 -24.37
N ILE E 54 -21.63 -0.67 -25.38
CA ILE E 54 -21.60 -1.11 -26.79
C ILE E 54 -20.19 -1.34 -27.36
N SER E 55 -19.21 -0.54 -26.95
CA SER E 55 -17.85 -0.70 -27.51
C SER E 55 -16.70 -0.47 -26.54
N GLY E 56 -15.75 -1.41 -26.54
CA GLY E 56 -14.54 -1.32 -25.73
C GLY E 56 -14.69 -1.84 -24.30
N LYS E 57 -13.62 -1.73 -23.52
CA LYS E 57 -13.61 -2.20 -22.13
C LYS E 57 -13.82 -1.09 -21.12
N VAL E 58 -14.25 -1.49 -19.92
CA VAL E 58 -14.33 -0.63 -18.73
C VAL E 58 -13.84 -1.42 -17.54
N LYS E 59 -12.84 -0.88 -16.85
CA LYS E 59 -12.32 -1.52 -15.65
C LYS E 59 -13.16 -1.19 -14.43
N ILE E 60 -13.34 -2.18 -13.56
CA ILE E 60 -14.17 -2.05 -12.35
C ILE E 60 -13.29 -2.17 -11.12
N GLY E 61 -13.11 -1.06 -10.42
CA GLY E 61 -12.04 -0.97 -9.42
C GLY E 61 -12.42 -0.49 -8.04
N ARG E 62 -11.59 -0.89 -7.08
CA ARG E 62 -11.82 -0.56 -5.68
C ARG E 62 -10.69 0.30 -5.12
N ARG E 63 -10.68 0.47 -3.80
CA ARG E 63 -9.72 1.32 -3.11
C ARG E 63 -9.45 0.68 -1.77
N ALA E 64 -8.19 0.35 -1.50
CA ALA E 64 -7.79 -0.04 -0.15
C ALA E 64 -7.65 1.24 0.65
N PRO E 65 -8.08 1.23 1.93
CA PRO E 65 -7.70 2.34 2.81
C PRO E 65 -6.19 2.57 2.80
N ASP E 66 -5.45 1.68 2.14
CA ASP E 66 -4.01 1.80 1.86
C ASP E 66 -3.81 2.70 0.64
N GLY E 67 -3.69 2.09 -0.54
CA GLY E 67 -3.51 2.79 -1.79
C GLY E 67 -3.97 1.93 -2.95
N ARG E 68 -3.23 0.85 -3.19
CA ARG E 68 -3.52 -0.08 -4.30
C ARG E 68 -4.93 -0.68 -4.28
N GLU E 69 -5.36 -1.15 -5.45
CA GLU E 69 -6.74 -1.61 -5.67
C GLU E 69 -6.79 -3.09 -6.04
N ASN E 70 -7.91 -3.72 -5.69
CA ASN E 70 -8.30 -4.97 -6.30
C ASN E 70 -9.40 -4.61 -7.27
N LEU E 71 -9.12 -4.70 -8.56
CA LEU E 71 -10.20 -4.56 -9.50
C LEU E 71 -10.77 -5.94 -9.79
N LEU E 72 -12.10 -5.97 -9.94
CA LEU E 72 -12.87 -7.19 -9.79
C LEU E 72 -12.96 -7.97 -11.11
N THR E 73 -13.70 -7.40 -12.06
CA THR E 73 -13.87 -7.93 -13.41
C THR E 73 -13.37 -6.87 -14.40
N ILE E 74 -13.35 -7.21 -15.68
CA ILE E 74 -13.25 -6.18 -16.73
C ILE E 74 -14.56 -6.20 -17.52
N MET E 75 -15.04 -5.04 -17.95
CA MET E 75 -16.35 -5.00 -18.59
C MET E 75 -16.29 -4.67 -20.10
N GLY E 76 -16.31 -5.74 -20.88
CA GLY E 76 -16.37 -5.62 -22.34
C GLY E 76 -17.78 -5.44 -22.85
N PRO E 77 -17.92 -5.15 -24.16
CA PRO E 77 -19.19 -5.01 -24.89
C PRO E 77 -20.25 -6.07 -24.51
N SER E 78 -21.48 -5.60 -24.30
CA SER E 78 -22.64 -6.42 -23.85
C SER E 78 -22.88 -6.43 -22.34
N ASP E 79 -21.84 -6.13 -21.57
CA ASP E 79 -21.92 -6.17 -20.11
C ASP E 79 -22.62 -4.96 -19.54
N MET E 80 -23.50 -5.23 -18.56
CA MET E 80 -24.02 -4.19 -17.67
C MET E 80 -22.94 -3.83 -16.69
N PHE E 81 -23.04 -2.62 -16.16
CA PHE E 81 -22.37 -2.28 -14.91
C PHE E 81 -23.15 -1.17 -14.27
N GLY E 82 -23.00 -1.03 -12.96
CA GLY E 82 -23.66 0.06 -12.28
C GLY E 82 -25.03 -0.31 -11.80
N GLU E 83 -25.37 -1.58 -11.94
CA GLU E 83 -26.71 -2.02 -11.57
C GLU E 83 -26.93 -2.21 -10.07
N LEU E 84 -25.88 -2.54 -9.30
CA LEU E 84 -26.09 -2.90 -7.89
C LEU E 84 -26.86 -1.85 -7.14
N SER E 85 -26.30 -0.64 -7.07
CA SER E 85 -26.93 0.49 -6.38
C SER E 85 -28.32 0.91 -6.93
N ILE E 86 -28.74 0.36 -8.07
CA ILE E 86 -30.13 0.46 -8.46
C ILE E 86 -30.99 -0.54 -7.70
N PHE E 87 -30.58 -1.81 -7.68
CA PHE E 87 -31.36 -2.85 -6.99
C PHE E 87 -31.25 -2.71 -5.51
N ASP E 88 -30.11 -2.20 -5.06
CA ASP E 88 -29.87 -1.95 -3.65
C ASP E 88 -29.45 -0.49 -3.44
N PRO E 89 -30.44 0.43 -3.44
CA PRO E 89 -30.10 1.84 -3.32
C PRO E 89 -29.10 2.10 -2.21
N GLY E 90 -28.05 2.82 -2.57
CA GLY E 90 -26.94 3.10 -1.67
C GLY E 90 -25.79 3.72 -2.47
N PRO E 91 -24.58 3.69 -1.90
CA PRO E 91 -23.41 4.20 -2.63
C PRO E 91 -22.88 3.19 -3.65
N ARG E 92 -22.22 3.68 -4.69
CA ARG E 92 -21.57 2.82 -5.68
C ARG E 92 -20.52 1.96 -4.98
N THR E 93 -20.42 0.70 -5.35
CA THR E 93 -19.60 -0.25 -4.58
C THR E 93 -18.16 -0.34 -5.06
N SER E 94 -17.85 0.46 -6.07
CA SER E 94 -16.59 0.40 -6.77
C SER E 94 -16.70 1.34 -7.95
N SER E 95 -15.55 1.71 -8.50
CA SER E 95 -15.48 2.74 -9.52
C SER E 95 -15.48 2.06 -10.85
N ALA E 96 -15.95 2.77 -11.87
CA ALA E 96 -15.86 2.28 -13.25
C ALA E 96 -15.18 3.26 -14.18
N THR E 97 -13.87 3.08 -14.37
CA THR E 97 -13.15 3.92 -15.32
C THR E 97 -13.07 3.22 -16.69
N THR E 98 -13.37 3.97 -17.75
CA THR E 98 -13.15 3.49 -19.15
C THR E 98 -11.66 3.26 -19.41
N ILE E 99 -11.30 2.19 -20.10
CA ILE E 99 -9.91 2.05 -20.57
C ILE E 99 -9.75 2.37 -22.07
N THR E 100 -10.84 2.23 -22.82
CA THR E 100 -10.92 2.64 -24.23
C THR E 100 -12.04 3.66 -24.42
N GLU E 101 -12.21 4.12 -25.67
CA GLU E 101 -13.41 4.83 -26.06
C GLU E 101 -14.58 3.91 -25.78
N VAL E 102 -15.57 4.45 -25.09
CA VAL E 102 -16.72 3.66 -24.77
C VAL E 102 -17.95 4.29 -25.44
N ARG E 103 -18.63 3.48 -26.23
CA ARG E 103 -20.00 3.80 -26.61
C ARG E 103 -20.83 2.94 -25.67
N ALA E 104 -21.88 3.55 -25.11
CA ALA E 104 -22.67 2.90 -24.08
C ALA E 104 -24.03 3.56 -23.91
N VAL E 105 -25.04 2.75 -23.54
CA VAL E 105 -26.34 3.28 -23.15
C VAL E 105 -26.48 3.36 -21.64
N SER E 106 -27.57 3.97 -21.19
CA SER E 106 -27.73 4.31 -19.79
C SER E 106 -29.22 4.35 -19.48
N MET E 107 -29.57 4.21 -18.20
CA MET E 107 -30.95 4.40 -17.75
C MET E 107 -31.03 4.42 -16.24
N ASP E 108 -31.81 5.35 -15.71
CA ASP E 108 -31.86 5.56 -14.28
C ASP E 108 -32.85 4.61 -13.65
N ARG E 109 -32.84 4.57 -12.32
CA ARG E 109 -33.70 3.69 -11.54
C ARG E 109 -35.16 3.65 -12.01
N ASP E 110 -35.69 4.83 -12.35
CA ASP E 110 -37.13 4.99 -12.65
C ASP E 110 -37.51 4.48 -14.04
N ALA E 111 -36.62 4.74 -14.99
CA ALA E 111 -36.71 4.09 -16.29
C ALA E 111 -36.83 2.58 -16.03
N LEU E 112 -35.80 2.00 -15.41
CA LEU E 112 -35.80 0.59 -15.12
C LEU E 112 -37.09 0.08 -14.49
N ARG E 113 -37.52 0.70 -13.39
CA ARG E 113 -38.67 0.17 -12.63
C ARG E 113 -39.98 0.20 -13.43
N SER E 114 -40.01 1.02 -14.47
CA SER E 114 -41.15 1.12 -15.37
C SER E 114 -41.00 0.11 -16.52
N TRP E 115 -39.79 -0.03 -17.04
CA TRP E 115 -39.53 -1.17 -17.91
C TRP E 115 -39.91 -2.47 -17.26
N ILE E 116 -39.65 -2.62 -15.96
CA ILE E 116 -40.00 -3.85 -15.23
C ILE E 116 -41.50 -3.96 -14.99
N ALA E 117 -42.18 -2.82 -14.92
CA ALA E 117 -43.63 -2.85 -14.86
C ALA E 117 -44.21 -3.34 -16.21
N ASP E 118 -43.66 -2.83 -17.31
CA ASP E 118 -44.09 -3.18 -18.68
C ASP E 118 -43.75 -4.63 -19.03
N ARG E 119 -42.52 -5.01 -18.72
CA ARG E 119 -42.07 -6.35 -19.06
C ARG E 119 -41.38 -7.07 -17.90
N PRO E 120 -42.17 -7.67 -16.98
CA PRO E 120 -41.72 -8.52 -15.86
C PRO E 120 -40.68 -9.60 -16.20
N GLU E 121 -40.56 -9.91 -17.48
CA GLU E 121 -39.58 -10.86 -17.97
C GLU E 121 -38.17 -10.37 -17.62
N ILE E 122 -37.99 -9.06 -17.72
CA ILE E 122 -36.74 -8.41 -17.42
C ILE E 122 -36.20 -8.87 -16.06
N SER E 123 -37.07 -8.91 -15.05
CA SER E 123 -36.71 -9.21 -13.66
C SER E 123 -35.90 -10.46 -13.46
N GLU E 124 -36.49 -11.61 -13.79
CA GLU E 124 -35.84 -12.90 -13.62
C GLU E 124 -34.52 -12.94 -14.37
N GLN E 125 -34.54 -12.41 -15.58
CA GLN E 125 -33.36 -12.37 -16.40
C GLN E 125 -32.22 -11.55 -15.79
N LEU E 126 -32.56 -10.68 -14.83
CA LEU E 126 -31.57 -9.88 -14.12
C LEU E 126 -31.05 -10.65 -12.91
N LEU E 127 -31.89 -11.52 -12.38
CA LEU E 127 -31.44 -12.48 -11.41
C LEU E 127 -30.47 -13.49 -12.05
N ARG E 128 -30.64 -13.81 -13.33
CA ARG E 128 -29.63 -14.65 -13.99
C ARG E 128 -28.28 -13.93 -13.92
N VAL E 129 -28.24 -12.66 -14.33
CA VAL E 129 -27.01 -11.86 -14.32
C VAL E 129 -26.38 -11.70 -12.93
N LEU E 130 -27.17 -11.29 -11.93
CA LEU E 130 -26.66 -11.13 -10.57
C LEU E 130 -26.14 -12.44 -10.05
N ALA E 131 -27.00 -13.47 -10.11
CA ALA E 131 -26.58 -14.80 -9.64
C ALA E 131 -25.26 -15.24 -10.29
N ARG E 132 -25.11 -15.04 -11.60
CA ARG E 132 -23.82 -15.30 -12.27
C ARG E 132 -22.64 -14.59 -11.62
N ARG E 133 -22.77 -13.28 -11.46
CA ARG E 133 -21.74 -12.51 -10.80
C ARG E 133 -21.36 -13.08 -9.44
N LEU E 134 -22.35 -13.54 -8.67
CA LEU E 134 -22.08 -14.14 -7.37
C LEU E 134 -21.31 -15.45 -7.47
N ARG E 135 -21.59 -16.24 -8.52
CA ARG E 135 -20.75 -17.41 -8.82
C ARG E 135 -19.31 -17.03 -9.10
N ARG E 136 -19.12 -16.18 -10.11
CA ARG E 136 -17.79 -15.78 -10.44
C ARG E 136 -17.14 -15.20 -9.20
N THR E 137 -17.86 -14.37 -8.44
CA THR E 137 -17.26 -13.70 -7.33
C THR E 137 -16.89 -14.74 -6.28
N ASN E 138 -17.79 -15.71 -6.06
CA ASN E 138 -17.51 -16.76 -5.11
C ASN E 138 -16.25 -17.48 -5.41
N ASN E 139 -15.98 -17.69 -6.70
CA ASN E 139 -14.77 -18.40 -7.16
C ASN E 139 -13.52 -17.59 -6.92
N ASN E 140 -13.51 -16.34 -7.33
CA ASN E 140 -12.34 -15.52 -7.09
C ASN E 140 -12.01 -15.57 -5.60
N LEU E 141 -13.01 -15.32 -4.77
CA LEU E 141 -12.80 -15.36 -3.35
C LEU E 141 -12.24 -16.74 -2.96
N ALA E 142 -12.94 -17.81 -3.35
CA ALA E 142 -12.47 -19.20 -3.10
C ALA E 142 -11.00 -19.41 -3.44
N ASP E 143 -10.62 -19.12 -4.68
CA ASP E 143 -9.23 -19.17 -5.16
C ASP E 143 -8.29 -18.43 -4.22
N LEU E 144 -8.69 -17.24 -3.77
CA LEU E 144 -7.77 -16.42 -3.00
C LEU E 144 -7.37 -17.11 -1.71
N ILE E 145 -8.25 -17.92 -1.13
CA ILE E 145 -7.84 -18.62 0.10
C ILE E 145 -7.20 -19.98 -0.11
N PHE E 146 -7.61 -20.71 -1.14
CA PHE E 146 -7.16 -22.09 -1.31
C PHE E 146 -6.00 -22.26 -2.31
N THR E 147 -5.58 -21.15 -2.92
CA THR E 147 -4.78 -21.27 -4.13
C THR E 147 -3.64 -20.30 -4.22
N ASP E 148 -2.44 -20.87 -4.41
CA ASP E 148 -1.19 -20.12 -4.52
C ASP E 148 -1.21 -18.97 -5.54
N VAL E 149 -0.15 -18.16 -5.55
CA VAL E 149 -0.05 -17.00 -6.43
C VAL E 149 0.15 -17.33 -7.92
N PRO E 150 0.70 -18.54 -8.26
CA PRO E 150 0.70 -18.95 -9.68
C PRO E 150 -0.61 -19.56 -10.19
N GLY E 151 -1.34 -20.30 -9.34
CA GLY E 151 -2.60 -20.94 -9.73
C GLY E 151 -3.65 -19.97 -10.23
N ARG E 152 -3.73 -18.83 -9.56
CA ARG E 152 -4.63 -17.74 -9.95
C ARG E 152 -3.94 -16.75 -10.90
N VAL E 153 -2.67 -16.98 -11.22
CA VAL E 153 -2.03 -16.25 -12.29
C VAL E 153 -2.51 -16.87 -13.61
N ALA E 154 -2.66 -18.19 -13.59
CA ALA E 154 -3.25 -18.95 -14.69
C ALA E 154 -4.68 -18.46 -14.93
N LYS E 155 -5.53 -18.72 -13.95
CA LYS E 155 -6.96 -18.53 -14.06
C LYS E 155 -7.35 -17.18 -14.61
N GLN E 156 -6.59 -16.16 -14.24
CA GLN E 156 -6.89 -14.79 -14.65
C GLN E 156 -6.59 -14.54 -16.12
N LEU E 157 -5.53 -15.19 -16.60
CA LEU E 157 -5.19 -15.16 -18.02
C LEU E 157 -6.21 -16.00 -18.79
N LEU E 158 -6.58 -17.14 -18.20
CA LEU E 158 -7.67 -17.98 -18.71
C LEU E 158 -9.00 -17.23 -18.86
N GLN E 159 -9.55 -16.74 -17.75
CA GLN E 159 -10.80 -15.95 -17.74
C GLN E 159 -10.71 -14.64 -18.51
N LEU E 160 -9.48 -14.20 -18.81
CA LEU E 160 -9.25 -13.05 -19.66
C LEU E 160 -9.18 -13.46 -21.12
N ALA E 161 -8.91 -14.74 -21.34
CA ALA E 161 -8.82 -15.31 -22.69
C ALA E 161 -10.12 -15.98 -23.13
N GLN E 162 -10.76 -16.74 -22.23
CA GLN E 162 -12.09 -17.26 -22.53
C GLN E 162 -13.15 -16.16 -22.49
N ARG E 163 -12.69 -14.91 -22.50
CA ARG E 163 -13.56 -13.72 -22.55
C ARG E 163 -13.08 -12.68 -23.56
N PHE E 164 -11.76 -12.54 -23.69
CA PHE E 164 -11.19 -11.57 -24.62
C PHE E 164 -10.17 -12.23 -25.53
N GLY E 165 -10.40 -13.49 -25.83
CA GLY E 165 -9.47 -14.27 -26.66
C GLY E 165 -9.83 -14.31 -28.13
N THR E 166 -9.15 -13.47 -28.91
CA THR E 166 -9.12 -13.64 -30.36
C THR E 166 -8.35 -14.91 -30.66
N GLN E 167 -8.86 -15.68 -31.63
CA GLN E 167 -8.30 -16.98 -31.94
C GLN E 167 -7.22 -16.88 -33.02
N GLU E 168 -6.11 -17.59 -32.80
CA GLU E 168 -4.97 -17.60 -33.73
C GLU E 168 -4.17 -18.91 -33.60
N GLY E 169 -3.26 -19.13 -34.56
CA GLY E 169 -2.37 -20.29 -34.55
C GLY E 169 -1.64 -20.44 -33.23
N GLY E 170 -2.16 -21.34 -32.40
CA GLY E 170 -1.61 -21.63 -31.08
C GLY E 170 -2.69 -22.18 -30.16
N ALA E 171 -3.09 -21.36 -29.20
CA ALA E 171 -4.25 -21.67 -28.36
C ALA E 171 -5.22 -20.49 -28.33
N LEU E 172 -4.84 -19.41 -27.64
CA LEU E 172 -5.67 -18.18 -27.55
C LEU E 172 -4.81 -16.93 -27.34
N ARG E 173 -5.32 -15.78 -27.80
CA ARG E 173 -4.60 -14.50 -27.73
C ARG E 173 -5.51 -13.34 -27.28
N VAL E 174 -4.98 -12.41 -26.47
CA VAL E 174 -5.79 -11.36 -25.82
C VAL E 174 -5.32 -9.90 -26.02
N THR E 175 -6.26 -9.01 -26.36
CA THR E 175 -6.08 -7.55 -26.23
C THR E 175 -6.93 -7.10 -25.02
N HIS E 176 -6.34 -6.31 -24.13
CA HIS E 176 -7.08 -5.90 -22.93
C HIS E 176 -6.81 -4.50 -22.44
N ASP E 177 -5.68 -3.91 -22.84
CA ASP E 177 -5.32 -2.52 -22.49
C ASP E 177 -5.12 -2.31 -20.96
N LEU E 178 -4.72 -3.38 -20.29
CA LEU E 178 -4.40 -3.36 -18.86
C LEU E 178 -2.96 -2.93 -18.62
N THR E 179 -2.38 -3.48 -17.55
CA THR E 179 -0.95 -3.35 -17.25
C THR E 179 -0.53 -4.60 -16.49
N GLN E 180 0.78 -4.68 -16.24
CA GLN E 180 1.34 -5.61 -15.26
C GLN E 180 0.70 -5.31 -13.89
N GLU E 181 0.39 -4.03 -13.66
CA GLU E 181 -0.30 -3.59 -12.46
C GLU E 181 -1.69 -4.21 -12.41
N GLU E 182 -2.47 -3.99 -13.47
CA GLU E 182 -3.78 -4.59 -13.60
C GLU E 182 -3.76 -6.11 -13.38
N ILE E 183 -2.93 -6.82 -14.12
CA ILE E 183 -2.91 -8.29 -14.00
C ILE E 183 -2.65 -8.81 -12.57
N ALA E 184 -1.83 -8.07 -11.83
CA ALA E 184 -1.65 -8.28 -10.39
C ALA E 184 -2.93 -7.91 -9.64
N GLN E 185 -3.38 -6.66 -9.83
CA GLN E 185 -4.58 -6.12 -9.18
C GLN E 185 -5.77 -7.08 -9.23
N LEU E 186 -5.92 -7.74 -10.38
CA LEU E 186 -7.00 -8.69 -10.60
C LEU E 186 -6.86 -9.88 -9.69
N VAL E 187 -5.73 -10.57 -9.82
CA VAL E 187 -5.41 -11.71 -8.95
C VAL E 187 -5.15 -11.20 -7.53
N GLY E 188 -5.36 -9.89 -7.36
CA GLY E 188 -5.20 -9.20 -6.07
C GLY E 188 -3.84 -9.42 -5.44
N ALA E 189 -2.78 -9.06 -6.17
CA ALA E 189 -1.41 -9.35 -5.72
C ALA E 189 -0.39 -8.28 -6.12
N SER E 190 0.86 -8.61 -5.88
CA SER E 190 1.98 -7.66 -5.86
C SER E 190 2.76 -7.52 -7.19
N ARG E 191 3.44 -6.38 -7.34
CA ARG E 191 4.40 -6.19 -8.42
C ARG E 191 5.26 -7.45 -8.60
N GLU E 192 6.07 -7.75 -7.57
CA GLU E 192 7.02 -8.86 -7.60
C GLU E 192 6.41 -10.24 -7.91
N THR E 193 5.70 -10.84 -6.95
CA THR E 193 5.24 -12.24 -7.04
C THR E 193 4.50 -12.60 -8.34
N VAL E 194 3.87 -11.60 -8.97
CA VAL E 194 3.15 -11.80 -10.24
C VAL E 194 4.12 -11.77 -11.42
N ASN E 195 5.06 -10.84 -11.39
CA ASN E 195 6.16 -10.78 -12.35
C ASN E 195 6.91 -12.11 -12.48
N LYS E 196 6.99 -12.86 -11.38
CA LYS E 196 7.58 -14.19 -11.35
C LYS E 196 6.67 -15.22 -12.05
N ALA E 197 5.68 -14.71 -12.78
CA ALA E 197 4.77 -15.51 -13.59
C ALA E 197 4.50 -14.86 -14.95
N LEU E 198 4.89 -13.60 -15.10
CA LEU E 198 4.95 -12.94 -16.41
C LEU E 198 6.12 -13.52 -17.20
N ALA E 199 7.26 -13.62 -16.51
CA ALA E 199 8.52 -14.09 -17.07
C ALA E 199 8.66 -15.60 -17.01
N ASP E 200 8.19 -16.22 -15.91
CA ASP E 200 8.32 -17.66 -15.74
C ASP E 200 7.53 -18.45 -16.77
N PHE E 201 6.36 -17.94 -17.15
CA PHE E 201 5.54 -18.62 -18.14
C PHE E 201 6.00 -18.39 -19.59
N ALA E 202 6.73 -17.30 -19.82
CA ALA E 202 7.31 -17.02 -21.14
C ALA E 202 8.66 -17.71 -21.35
N HIS E 203 9.32 -18.05 -20.24
CA HIS E 203 10.57 -18.85 -20.26
C HIS E 203 10.24 -20.32 -20.37
N ARG E 204 9.37 -20.79 -19.48
CA ARG E 204 9.00 -22.21 -19.33
C ARG E 204 8.23 -22.77 -20.53
N GLY E 205 7.91 -21.90 -21.48
CA GLY E 205 7.21 -22.30 -22.70
C GLY E 205 5.77 -22.75 -22.50
N TRP E 206 5.13 -22.27 -21.44
CA TRP E 206 3.69 -22.47 -21.24
C TRP E 206 2.87 -21.41 -21.97
N ILE E 207 3.43 -20.21 -22.07
CA ILE E 207 2.82 -19.09 -22.85
C ILE E 207 3.87 -18.16 -23.49
N ARG E 208 3.36 -17.12 -24.15
CA ARG E 208 4.14 -15.97 -24.63
C ARG E 208 3.41 -14.68 -24.26
N LEU E 209 4.14 -13.55 -24.24
CA LEU E 209 3.53 -12.26 -23.89
C LEU E 209 4.18 -11.09 -24.65
N GLU E 210 3.49 -9.95 -24.70
CA GLU E 210 4.04 -8.70 -25.25
C GLU E 210 3.26 -7.48 -24.70
N GLY E 211 3.15 -7.39 -23.38
CA GLY E 211 2.45 -6.29 -22.71
C GLY E 211 0.94 -6.45 -22.69
N LYS E 212 0.29 -5.93 -23.73
CA LYS E 212 -1.16 -6.10 -23.92
C LYS E 212 -1.47 -7.17 -24.97
N SER E 213 -0.48 -8.01 -25.28
CA SER E 213 -0.62 -9.16 -26.18
C SER E 213 -0.33 -10.43 -25.39
N VAL E 214 -0.81 -11.58 -25.88
CA VAL E 214 -0.52 -12.88 -25.26
C VAL E 214 -0.80 -14.02 -26.23
N LEU E 215 -0.40 -15.24 -25.84
CA LEU E 215 -0.84 -16.47 -26.48
C LEU E 215 -0.55 -17.61 -25.52
N ILE E 216 -1.60 -18.26 -25.04
CA ILE E 216 -1.43 -19.41 -24.12
C ILE E 216 -0.99 -20.67 -24.85
N SER E 217 0.33 -20.84 -24.92
CA SER E 217 0.95 -21.94 -25.65
C SER E 217 0.63 -23.32 -25.09
N ASP E 218 -0.24 -23.40 -24.08
CA ASP E 218 -0.63 -24.69 -23.50
C ASP E 218 -1.70 -24.57 -22.40
N SER E 219 -2.95 -24.42 -22.82
CA SER E 219 -4.06 -24.33 -21.85
C SER E 219 -4.16 -25.56 -20.95
N GLU E 220 -4.05 -26.75 -21.54
CA GLU E 220 -4.28 -28.03 -20.85
C GLU E 220 -3.53 -28.17 -19.51
N ARG E 221 -2.22 -27.93 -19.50
CA ARG E 221 -1.43 -28.01 -18.27
C ARG E 221 -1.56 -26.78 -17.36
N LEU E 222 -2.14 -25.70 -17.87
CA LEU E 222 -2.29 -24.45 -17.14
C LEU E 222 -3.31 -24.60 -16.01
N ALA E 223 -4.33 -25.41 -16.26
CA ALA E 223 -5.37 -25.74 -15.26
C ALA E 223 -4.97 -26.96 -14.43
N ARG E 224 -4.08 -27.80 -14.95
CA ARG E 224 -3.35 -28.78 -14.15
C ARG E 224 -2.60 -28.00 -13.07
N ARG E 225 -2.17 -26.79 -13.44
CA ARG E 225 -1.56 -25.85 -12.50
C ARG E 225 -2.60 -25.26 -11.56
N ALA E 226 -3.60 -24.58 -12.12
CA ALA E 226 -4.62 -23.85 -11.34
C ALA E 226 -5.43 -24.65 -10.33
N ARG E 227 -5.57 -25.97 -10.56
CA ARG E 227 -6.30 -26.85 -9.66
C ARG E 227 -5.45 -27.29 -8.48
N SER F 2 -47.39 -19.73 19.00
CA SER F 2 -46.03 -20.23 19.35
C SER F 2 -45.29 -20.72 18.10
N MET F 4 -44.86 -19.18 13.73
CA MET F 4 -43.96 -19.50 12.62
C MET F 4 -43.98 -18.41 11.56
N ASP F 5 -45.15 -18.15 11.00
CA ASP F 5 -45.26 -17.29 9.81
C ASP F 5 -44.74 -15.86 9.96
N GLU F 6 -44.59 -15.40 11.21
CA GLU F 6 -43.99 -14.10 11.52
C GLU F 6 -42.52 -14.11 11.10
N ILE F 7 -41.86 -15.24 11.37
CA ILE F 7 -40.47 -15.45 10.96
C ILE F 7 -40.40 -15.60 9.44
N LEU F 8 -41.40 -16.25 8.85
CA LEU F 8 -41.47 -16.43 7.40
C LEU F 8 -41.60 -15.10 6.67
N ALA F 9 -42.67 -14.36 6.96
CA ALA F 9 -42.93 -13.07 6.33
C ALA F 9 -41.69 -12.18 6.32
N ARG F 10 -40.89 -12.22 7.38
CA ARG F 10 -39.69 -11.40 7.46
C ARG F 10 -38.65 -11.72 6.36
N ALA F 11 -38.95 -12.71 5.51
CA ALA F 11 -38.00 -13.17 4.49
C ALA F 11 -37.90 -12.16 3.37
N GLY F 12 -36.67 -11.82 2.97
CA GLY F 12 -36.44 -10.95 1.82
C GLY F 12 -37.50 -11.20 0.77
N ILE F 13 -37.75 -12.47 0.49
CA ILE F 13 -38.77 -12.90 -0.47
C ILE F 13 -40.23 -12.52 -0.13
N PHE F 14 -40.60 -12.55 1.16
CA PHE F 14 -41.96 -12.17 1.61
C PHE F 14 -42.14 -10.69 1.98
N GLN F 15 -41.05 -9.93 1.93
CA GLN F 15 -41.08 -8.48 2.08
C GLN F 15 -41.57 -7.88 0.77
N GLY F 16 -42.53 -6.95 0.87
CA GLY F 16 -43.17 -6.37 -0.33
C GLY F 16 -44.34 -7.20 -0.81
N VAL F 17 -44.71 -8.21 -0.02
CA VAL F 17 -45.83 -9.07 -0.35
C VAL F 17 -46.99 -8.71 0.57
N GLU F 18 -48.17 -8.54 -0.04
CA GLU F 18 -49.42 -8.29 0.66
C GLU F 18 -49.64 -9.38 1.71
N PRO F 19 -49.60 -9.00 3.00
CA PRO F 19 -49.62 -10.00 4.08
C PRO F 19 -51.00 -10.62 4.38
N SER F 20 -52.04 -10.20 3.65
CA SER F 20 -53.35 -10.84 3.74
C SER F 20 -53.36 -12.21 3.04
N ALA F 21 -52.39 -12.43 2.14
CA ALA F 21 -52.23 -13.71 1.45
C ALA F 21 -50.79 -14.28 1.51
N ILE F 22 -49.96 -13.69 2.38
CA ILE F 22 -48.68 -14.30 2.78
C ILE F 22 -48.93 -15.69 3.39
N ALA F 23 -49.94 -15.77 4.27
CA ALA F 23 -50.35 -17.03 4.88
C ALA F 23 -51.06 -17.96 3.89
N ALA F 24 -51.72 -17.37 2.88
CA ALA F 24 -52.31 -18.13 1.77
C ALA F 24 -51.22 -18.83 0.94
N LEU F 25 -50.06 -18.19 0.84
CA LEU F 25 -48.88 -18.74 0.15
C LEU F 25 -48.17 -19.84 0.96
N THR F 26 -47.93 -19.57 2.25
CA THR F 26 -47.11 -20.41 3.13
C THR F 26 -47.72 -21.76 3.53
N LYS F 27 -48.87 -22.11 2.97
CA LYS F 27 -49.43 -23.46 3.10
C LYS F 27 -49.13 -24.34 1.86
N GLN F 28 -48.28 -23.83 0.98
CA GLN F 28 -47.82 -24.59 -0.18
C GLN F 28 -46.33 -24.86 -0.07
N LEU F 29 -45.80 -24.75 1.15
CA LEU F 29 -44.39 -24.96 1.40
C LEU F 29 -44.20 -26.14 2.33
N GLN F 30 -43.73 -27.24 1.75
CA GLN F 30 -43.41 -28.46 2.50
C GLN F 30 -42.35 -28.08 3.53
N PRO F 31 -42.62 -28.32 4.83
CA PRO F 31 -41.73 -27.94 5.94
C PRO F 31 -40.79 -29.09 6.30
N VAL F 32 -39.69 -28.77 6.99
CA VAL F 32 -38.57 -29.71 7.18
C VAL F 32 -37.83 -29.48 8.50
N ASP F 33 -37.29 -30.56 9.04
CA ASP F 33 -36.44 -30.49 10.23
C ASP F 33 -35.08 -31.18 10.03
N PHE F 34 -34.04 -30.48 10.44
CA PHE F 34 -32.68 -30.93 10.22
C PHE F 34 -32.04 -30.95 11.57
N PRO F 35 -31.27 -32.00 11.85
CA PRO F 35 -30.54 -31.91 13.09
C PRO F 35 -29.33 -30.96 12.92
N ARG F 36 -28.79 -30.51 14.05
CA ARG F 36 -27.49 -29.89 14.06
C ARG F 36 -26.58 -30.73 13.21
N GLY F 37 -25.54 -30.10 12.67
CA GLY F 37 -24.50 -30.79 11.94
C GLY F 37 -24.85 -31.45 10.62
N HIS F 38 -26.02 -31.18 10.04
CA HIS F 38 -26.42 -31.87 8.80
C HIS F 38 -26.18 -31.10 7.52
N THR F 39 -25.51 -31.74 6.58
CA THR F 39 -25.38 -31.18 5.23
C THR F 39 -26.67 -31.34 4.48
N VAL F 40 -27.25 -30.20 4.11
CA VAL F 40 -28.47 -30.16 3.33
C VAL F 40 -28.10 -30.42 1.87
N PHE F 41 -26.96 -29.89 1.47
CA PHE F 41 -26.44 -30.16 0.14
C PHE F 41 -24.99 -29.70 0.09
N ALA F 42 -24.27 -30.11 -0.95
CA ALA F 42 -22.84 -29.83 -1.07
C ALA F 42 -22.45 -29.01 -2.32
N GLU F 43 -21.38 -28.26 -2.15
CA GLU F 43 -20.72 -27.54 -3.23
C GLU F 43 -20.65 -28.39 -4.50
N GLY F 44 -21.22 -27.90 -5.59
CA GLY F 44 -21.19 -28.65 -6.86
C GLY F 44 -22.35 -29.60 -7.15
N GLU F 45 -23.11 -30.01 -6.15
CA GLU F 45 -24.19 -30.98 -6.38
C GLU F 45 -25.32 -30.37 -7.17
N PRO F 46 -26.10 -31.20 -7.88
CA PRO F 46 -27.27 -30.61 -8.52
C PRO F 46 -28.31 -30.20 -7.48
N GLY F 47 -28.98 -29.08 -7.73
CA GLY F 47 -30.00 -28.55 -6.82
C GLY F 47 -31.06 -27.87 -7.64
N ASP F 48 -32.31 -27.94 -7.18
CA ASP F 48 -33.44 -27.36 -7.90
C ASP F 48 -34.37 -26.69 -6.88
N ARG F 49 -33.88 -26.59 -5.65
CA ARG F 49 -34.72 -26.32 -4.50
C ARG F 49 -34.09 -25.20 -3.67
N LEU F 50 -34.92 -24.49 -2.90
CA LEU F 50 -34.51 -23.31 -2.17
C LEU F 50 -35.12 -23.34 -0.79
N TYR F 51 -34.38 -22.85 0.19
CA TYR F 51 -34.76 -23.04 1.57
C TYR F 51 -34.91 -21.72 2.33
N ILE F 52 -35.99 -21.59 3.08
CA ILE F 52 -36.12 -20.47 3.95
C ILE F 52 -36.08 -21.04 5.35
N ILE F 53 -35.43 -20.32 6.26
CA ILE F 53 -35.11 -20.83 7.58
C ILE F 53 -36.06 -20.27 8.62
N ILE F 54 -36.83 -21.15 9.23
CA ILE F 54 -37.65 -20.74 10.35
C ILE F 54 -36.84 -20.57 11.61
N SER F 55 -35.99 -21.54 11.94
CA SER F 55 -35.16 -21.41 13.16
C SER F 55 -33.81 -22.09 13.03
N GLY F 56 -32.89 -21.72 13.92
CA GLY F 56 -31.54 -22.25 13.85
C GLY F 56 -30.76 -21.61 12.71
N LYS F 57 -29.47 -21.93 12.69
CA LYS F 57 -28.47 -21.31 11.81
C LYS F 57 -27.79 -22.31 10.85
N VAL F 58 -27.28 -21.81 9.75
CA VAL F 58 -26.77 -22.64 8.67
C VAL F 58 -25.50 -22.01 8.07
N LYS F 59 -24.34 -22.61 8.33
CA LYS F 59 -23.08 -22.16 7.73
C LYS F 59 -23.09 -22.45 6.23
N ILE F 60 -22.40 -21.64 5.43
CA ILE F 60 -22.40 -21.76 3.96
C ILE F 60 -20.93 -21.80 3.69
N GLY F 61 -20.51 -22.83 2.95
CA GLY F 61 -19.11 -23.23 2.89
C GLY F 61 -18.71 -23.64 1.48
N ARG F 62 -17.41 -23.49 1.21
CA ARG F 62 -16.73 -24.05 0.06
C ARG F 62 -15.65 -24.96 0.61
N ARG F 63 -15.31 -25.99 -0.16
CA ARG F 63 -14.39 -27.00 0.32
C ARG F 63 -13.25 -27.08 -0.65
N ALA F 64 -12.06 -27.12 -0.09
CA ALA F 64 -10.84 -27.28 -0.84
C ALA F 64 -10.56 -28.78 -1.05
N PRO F 65 -9.85 -29.11 -2.14
CA PRO F 65 -9.29 -30.46 -2.36
C PRO F 65 -8.58 -31.05 -1.12
N ASP F 66 -8.05 -30.16 -0.26
CA ASP F 66 -7.25 -30.52 0.91
C ASP F 66 -8.13 -30.85 2.12
N GLY F 67 -9.43 -30.61 1.97
CA GLY F 67 -10.35 -30.67 3.10
C GLY F 67 -10.44 -29.33 3.81
N ARG F 68 -9.59 -28.38 3.40
CA ARG F 68 -9.66 -26.98 3.86
C ARG F 68 -11.01 -26.38 3.51
N GLU F 69 -11.70 -25.82 4.50
CA GLU F 69 -13.02 -25.23 4.31
C GLU F 69 -12.96 -23.70 4.39
N ASN F 70 -13.96 -23.05 3.81
CA ASN F 70 -14.14 -21.61 4.02
C ASN F 70 -15.60 -21.23 4.07
N LEU F 71 -15.99 -20.53 5.12
CA LEU F 71 -17.37 -20.11 5.21
C LEU F 71 -17.59 -18.72 4.62
N LEU F 72 -18.54 -18.63 3.71
CA LEU F 72 -18.84 -17.40 3.05
C LEU F 72 -19.71 -16.54 3.95
N THR F 73 -20.46 -17.16 4.83
CA THR F 73 -21.53 -16.47 5.53
C THR F 73 -22.43 -17.44 6.28
N ILE F 74 -23.26 -16.89 7.15
CA ILE F 74 -23.94 -17.67 8.17
C ILE F 74 -25.43 -17.27 8.30
N MET F 75 -26.27 -18.09 7.70
CA MET F 75 -27.69 -17.86 7.61
C MET F 75 -28.41 -18.09 8.94
N GLY F 76 -29.58 -17.48 9.09
CA GLY F 76 -30.32 -17.54 10.36
C GLY F 76 -31.77 -17.48 9.97
N PRO F 77 -32.69 -17.39 10.97
CA PRO F 77 -34.13 -17.28 10.69
C PRO F 77 -34.42 -16.18 9.65
N SER F 78 -35.25 -16.50 8.68
CA SER F 78 -35.72 -15.56 7.64
C SER F 78 -34.80 -15.48 6.42
N ASP F 79 -33.61 -16.09 6.53
CA ASP F 79 -32.76 -16.21 5.34
C ASP F 79 -33.20 -17.25 4.31
N MET F 80 -32.97 -16.93 3.03
CA MET F 80 -33.11 -17.86 1.93
C MET F 80 -31.75 -18.48 1.72
N PHE F 81 -31.72 -19.72 1.26
CA PHE F 81 -30.49 -20.25 0.73
C PHE F 81 -30.80 -21.29 -0.28
N GLY F 82 -29.96 -21.37 -1.30
CA GLY F 82 -30.14 -22.30 -2.39
C GLY F 82 -30.84 -21.71 -3.58
N GLU F 83 -30.86 -20.39 -3.67
CA GLU F 83 -31.55 -19.74 -4.78
C GLU F 83 -30.69 -19.61 -6.05
N LEU F 84 -29.40 -19.33 -5.91
CA LEU F 84 -28.52 -19.21 -7.11
C LEU F 84 -28.73 -20.31 -8.16
N SER F 85 -28.80 -21.57 -7.75
CA SER F 85 -28.96 -22.65 -8.75
C SER F 85 -30.25 -22.46 -9.50
N ILE F 86 -31.24 -21.90 -8.80
CA ILE F 86 -32.56 -21.69 -9.37
C ILE F 86 -32.59 -20.48 -10.31
N PHE F 87 -31.91 -19.42 -9.92
CA PHE F 87 -31.84 -18.20 -10.71
C PHE F 87 -30.88 -18.32 -11.89
N ASP F 88 -29.83 -19.14 -11.73
CA ASP F 88 -28.82 -19.37 -12.77
C ASP F 88 -28.56 -20.87 -12.92
N PRO F 89 -29.36 -21.54 -13.75
CA PRO F 89 -29.45 -22.99 -13.60
C PRO F 89 -28.07 -23.61 -13.73
N GLY F 90 -27.85 -24.63 -12.92
CA GLY F 90 -26.53 -25.19 -12.70
C GLY F 90 -26.37 -25.75 -11.29
N PRO F 91 -25.17 -26.19 -10.99
CA PRO F 91 -24.83 -26.79 -9.69
C PRO F 91 -24.70 -25.75 -8.55
N ARG F 92 -24.92 -26.20 -7.32
CA ARG F 92 -24.82 -25.39 -6.13
C ARG F 92 -23.48 -24.72 -6.10
N THR F 93 -23.46 -23.48 -5.66
CA THR F 93 -22.27 -22.68 -5.85
C THR F 93 -21.40 -22.95 -4.66
N SER F 94 -22.03 -23.50 -3.62
CA SER F 94 -21.38 -23.78 -2.36
C SER F 94 -22.27 -24.74 -1.57
N SER F 95 -21.83 -25.12 -0.38
CA SER F 95 -22.58 -26.08 0.40
C SER F 95 -23.26 -25.47 1.62
N ALA F 96 -24.35 -26.10 2.04
CA ALA F 96 -25.08 -25.59 3.19
C ALA F 96 -25.21 -26.69 4.27
N THR F 97 -24.76 -26.39 5.49
CA THR F 97 -24.70 -27.34 6.61
C THR F 97 -25.27 -26.68 7.87
N THR F 98 -26.21 -27.33 8.57
CA THR F 98 -26.72 -26.75 9.82
C THR F 98 -25.63 -26.64 10.86
N ILE F 99 -25.75 -25.70 11.78
CA ILE F 99 -24.87 -25.58 12.97
C ILE F 99 -25.66 -25.63 14.25
N THR F 100 -26.97 -25.68 14.12
CA THR F 100 -27.86 -25.98 15.25
C THR F 100 -28.94 -26.77 14.55
N GLU F 101 -29.90 -27.30 15.30
CA GLU F 101 -31.06 -27.95 14.67
C GLU F 101 -31.83 -26.85 13.98
N VAL F 102 -32.38 -27.14 12.82
CA VAL F 102 -32.92 -26.07 12.03
C VAL F 102 -34.27 -26.49 11.55
N ARG F 103 -35.28 -25.71 11.92
CA ARG F 103 -36.56 -25.81 11.26
C ARG F 103 -36.49 -24.87 10.08
N ALA F 104 -37.02 -25.32 8.96
CA ALA F 104 -36.95 -24.55 7.74
C ALA F 104 -38.00 -25.09 6.77
N VAL F 105 -38.19 -24.39 5.65
CA VAL F 105 -39.23 -24.73 4.69
C VAL F 105 -38.70 -24.59 3.27
N SER F 106 -39.18 -25.44 2.39
CA SER F 106 -38.58 -25.61 1.09
C SER F 106 -39.59 -25.41 -0.03
N MET F 107 -39.10 -24.82 -1.12
CA MET F 107 -39.88 -24.68 -2.32
C MET F 107 -38.92 -24.84 -3.49
N ASP F 108 -39.44 -25.30 -4.62
CA ASP F 108 -38.63 -25.75 -5.75
C ASP F 108 -38.75 -24.87 -7.00
N ARG F 109 -38.01 -25.26 -8.04
CA ARG F 109 -37.80 -24.47 -9.27
C ARG F 109 -39.03 -23.74 -9.81
N ASP F 110 -40.18 -24.42 -9.76
CA ASP F 110 -41.40 -23.99 -10.42
C ASP F 110 -42.41 -23.38 -9.46
N ALA F 111 -42.58 -23.98 -8.29
CA ALA F 111 -43.44 -23.41 -7.28
C ALA F 111 -43.11 -21.92 -7.10
N LEU F 112 -41.85 -21.57 -7.33
CA LEU F 112 -41.39 -20.17 -7.20
C LEU F 112 -41.56 -19.33 -8.49
N ARG F 113 -41.25 -19.91 -9.66
CA ARG F 113 -41.58 -19.26 -10.94
C ARG F 113 -43.06 -18.89 -10.96
N SER F 114 -43.88 -19.70 -10.30
CA SER F 114 -45.32 -19.48 -10.15
C SER F 114 -45.65 -18.36 -9.17
N TRP F 115 -44.63 -17.76 -8.57
CA TRP F 115 -44.82 -16.58 -7.73
C TRP F 115 -44.34 -15.38 -8.45
N ILE F 116 -43.08 -15.42 -8.87
CA ILE F 116 -42.48 -14.38 -9.70
C ILE F 116 -43.48 -13.89 -10.76
N ALA F 117 -44.05 -14.85 -11.50
CA ALA F 117 -45.08 -14.54 -12.49
C ALA F 117 -46.13 -13.60 -11.91
N ASP F 118 -46.90 -14.10 -10.93
CA ASP F 118 -48.01 -13.33 -10.36
C ASP F 118 -47.59 -12.07 -9.60
N ARG F 119 -46.47 -12.15 -8.89
CA ARG F 119 -46.10 -11.07 -7.98
C ARG F 119 -44.67 -10.56 -8.24
N PRO F 120 -44.55 -9.46 -9.02
CA PRO F 120 -43.27 -8.88 -9.45
C PRO F 120 -42.48 -8.25 -8.32
N GLU F 121 -43.12 -8.13 -7.17
CA GLU F 121 -42.51 -7.46 -6.02
C GLU F 121 -41.72 -8.49 -5.23
N ILE F 122 -41.86 -9.75 -5.64
CA ILE F 122 -40.90 -10.78 -5.28
C ILE F 122 -39.58 -10.43 -5.99
N SER F 123 -39.62 -10.38 -7.33
CA SER F 123 -38.45 -10.01 -8.11
C SER F 123 -37.67 -8.80 -7.56
N GLU F 124 -38.34 -7.65 -7.43
CA GLU F 124 -37.70 -6.47 -6.84
C GLU F 124 -36.90 -6.92 -5.61
N GLN F 125 -37.52 -7.75 -4.78
CA GLN F 125 -36.93 -8.19 -3.51
C GLN F 125 -35.74 -9.12 -3.60
N LEU F 126 -35.82 -10.11 -4.48
CA LEU F 126 -34.75 -11.08 -4.62
C LEU F 126 -33.55 -10.38 -5.23
N LEU F 127 -33.81 -9.52 -6.22
CA LEU F 127 -32.75 -8.67 -6.78
C LEU F 127 -32.09 -7.86 -5.70
N ARG F 128 -32.89 -7.34 -4.77
CA ARG F 128 -32.30 -6.64 -3.66
C ARG F 128 -31.31 -7.52 -2.89
N VAL F 129 -31.71 -8.73 -2.47
CA VAL F 129 -30.89 -9.50 -1.52
C VAL F 129 -29.64 -10.06 -2.18
N LEU F 130 -29.79 -10.43 -3.44
CA LEU F 130 -28.66 -10.82 -4.25
C LEU F 130 -27.66 -9.67 -4.30
N ALA F 131 -28.19 -8.46 -4.46
CA ALA F 131 -27.36 -7.28 -4.62
C ALA F 131 -26.62 -6.98 -3.33
N ARG F 132 -27.29 -7.19 -2.19
CA ARG F 132 -26.57 -7.08 -0.92
C ARG F 132 -25.52 -8.20 -0.78
N ARG F 133 -25.89 -9.40 -1.20
CA ARG F 133 -24.99 -10.50 -0.98
C ARG F 133 -23.72 -10.28 -1.81
N LEU F 134 -23.86 -9.83 -3.04
CA LEU F 134 -22.68 -9.44 -3.83
C LEU F 134 -21.83 -8.38 -3.13
N ARG F 135 -22.49 -7.31 -2.73
CA ARG F 135 -21.86 -6.23 -2.03
C ARG F 135 -20.99 -6.78 -0.92
N ARG F 136 -21.54 -7.69 -0.13
CA ARG F 136 -20.85 -8.21 1.05
C ARG F 136 -19.66 -9.16 0.74
N THR F 137 -19.84 -10.00 -0.30
CA THR F 137 -18.79 -10.91 -0.75
C THR F 137 -17.61 -10.12 -1.35
N ASN F 138 -17.94 -9.12 -2.16
CA ASN F 138 -16.97 -8.12 -2.58
C ASN F 138 -16.05 -7.62 -1.46
N ASN F 139 -16.65 -7.19 -0.34
CA ASN F 139 -15.87 -6.72 0.80
C ASN F 139 -14.97 -7.82 1.32
N ASN F 140 -15.51 -9.02 1.50
CA ASN F 140 -14.74 -10.11 2.10
C ASN F 140 -13.54 -10.39 1.25
N LEU F 141 -13.78 -10.37 -0.06
CA LEU F 141 -12.74 -10.56 -1.04
C LEU F 141 -11.63 -9.53 -0.86
N ALA F 142 -12.02 -8.25 -0.90
CA ALA F 142 -11.16 -7.13 -0.54
C ALA F 142 -10.43 -7.39 0.77
N ASP F 143 -11.19 -7.73 1.79
CA ASP F 143 -10.63 -7.93 3.11
C ASP F 143 -9.48 -8.92 3.08
N LEU F 144 -9.67 -10.01 2.37
CA LEU F 144 -8.63 -11.04 2.25
C LEU F 144 -7.31 -10.60 1.63
N ILE F 145 -7.35 -9.57 0.81
CA ILE F 145 -6.15 -9.04 0.20
C ILE F 145 -5.45 -8.01 1.10
N PHE F 146 -6.23 -7.09 1.66
CA PHE F 146 -5.68 -5.94 2.39
C PHE F 146 -5.70 -6.04 3.90
N THR F 147 -6.87 -6.37 4.45
CA THR F 147 -7.07 -6.40 5.89
C THR F 147 -6.30 -7.57 6.47
N ASP F 148 -5.67 -7.33 7.62
CA ASP F 148 -5.00 -8.37 8.37
C ASP F 148 -5.97 -9.21 9.22
N VAL F 149 -5.42 -10.19 9.92
CA VAL F 149 -6.28 -11.19 10.46
C VAL F 149 -7.12 -10.62 11.58
N PRO F 150 -6.49 -9.88 12.52
CA PRO F 150 -7.31 -9.39 13.63
C PRO F 150 -8.34 -8.39 13.11
N GLY F 151 -7.94 -7.56 12.16
CA GLY F 151 -8.85 -6.79 11.35
C GLY F 151 -10.09 -7.58 10.98
N ARG F 152 -9.92 -8.70 10.28
CA ARG F 152 -11.10 -9.41 9.76
C ARG F 152 -11.88 -10.08 10.89
N VAL F 153 -11.18 -10.56 11.93
CA VAL F 153 -11.88 -11.13 13.08
C VAL F 153 -12.84 -10.10 13.69
N ALA F 154 -12.31 -8.87 13.89
CA ALA F 154 -13.11 -7.75 14.35
C ALA F 154 -14.28 -7.55 13.42
N LYS F 155 -13.97 -7.46 12.14
CA LYS F 155 -14.98 -7.26 11.11
C LYS F 155 -16.06 -8.30 11.13
N GLN F 156 -15.67 -9.56 11.39
CA GLN F 156 -16.63 -10.70 11.43
C GLN F 156 -17.51 -10.69 12.64
N LEU F 157 -16.98 -10.32 13.80
CA LEU F 157 -17.83 -10.30 15.00
C LEU F 157 -18.85 -9.22 14.86
N LEU F 158 -18.44 -8.07 14.34
CA LEU F 158 -19.38 -6.99 14.08
C LEU F 158 -20.39 -7.43 13.04
N GLN F 159 -19.95 -8.08 11.98
CA GLN F 159 -20.95 -8.60 11.08
C GLN F 159 -21.94 -9.55 11.83
N LEU F 160 -21.42 -10.28 12.80
CA LEU F 160 -22.21 -11.35 13.40
C LEU F 160 -23.21 -10.73 14.27
N ALA F 161 -22.71 -9.75 15.04
CA ALA F 161 -23.52 -8.90 15.92
C ALA F 161 -24.68 -8.27 15.17
N GLN F 162 -24.37 -7.58 14.08
CA GLN F 162 -25.36 -6.97 13.18
C GLN F 162 -26.52 -7.90 12.85
N ARG F 163 -26.22 -9.14 12.52
CA ARG F 163 -27.21 -10.14 12.11
C ARG F 163 -27.95 -10.77 13.30
N PHE F 164 -27.26 -11.00 14.42
CA PHE F 164 -27.80 -11.86 15.52
C PHE F 164 -27.71 -11.35 16.93
N GLY F 165 -27.00 -10.25 17.13
CA GLY F 165 -26.78 -9.73 18.48
C GLY F 165 -28.03 -9.18 19.10
N THR F 166 -27.89 -8.76 20.36
CA THR F 166 -28.98 -8.26 21.15
C THR F 166 -28.39 -7.64 22.40
N GLN F 167 -29.04 -6.59 22.91
CA GLN F 167 -28.57 -5.91 24.13
C GLN F 167 -28.80 -6.68 25.42
N GLU F 168 -27.73 -6.78 26.20
CA GLU F 168 -27.81 -7.20 27.59
C GLU F 168 -27.53 -5.94 28.45
N GLY F 169 -27.79 -4.78 27.86
CA GLY F 169 -27.63 -3.50 28.55
C GLY F 169 -26.27 -2.89 28.33
N GLY F 170 -26.18 -2.02 27.32
CA GLY F 170 -24.95 -1.29 27.00
C GLY F 170 -23.82 -2.18 26.51
N ALA F 171 -24.20 -3.29 25.88
CA ALA F 171 -23.27 -4.24 25.29
C ALA F 171 -24.05 -5.11 24.32
N LEU F 172 -23.36 -5.88 23.49
CA LEU F 172 -24.02 -6.82 22.59
C LEU F 172 -23.70 -8.25 22.96
N ARG F 173 -24.76 -8.99 23.26
CA ARG F 173 -24.69 -10.41 23.32
C ARG F 173 -24.87 -10.93 21.88
N VAL F 174 -23.80 -11.46 21.31
CA VAL F 174 -23.91 -12.19 20.06
C VAL F 174 -23.79 -13.68 20.29
N THR F 175 -24.89 -14.37 20.00
CA THR F 175 -24.93 -15.82 20.15
C THR F 175 -24.91 -16.45 18.77
N HIS F 176 -23.71 -16.76 18.33
CA HIS F 176 -23.44 -17.10 16.93
C HIS F 176 -23.49 -18.60 16.63
N ASP F 177 -23.30 -19.44 17.65
CA ASP F 177 -23.36 -20.90 17.54
C ASP F 177 -22.14 -21.60 16.92
N LEU F 178 -21.06 -20.87 16.70
CA LEU F 178 -19.92 -21.30 15.89
C LEU F 178 -18.75 -21.88 16.65
N THR F 179 -17.99 -22.74 16.00
CA THR F 179 -16.79 -23.29 16.60
C THR F 179 -15.70 -22.23 16.46
N GLN F 180 -14.87 -22.13 17.48
CA GLN F 180 -13.52 -21.68 17.34
C GLN F 180 -13.05 -21.93 15.90
N GLU F 181 -13.35 -23.12 15.38
CA GLU F 181 -12.89 -23.50 14.07
C GLU F 181 -13.71 -22.77 13.00
N GLU F 182 -15.02 -22.84 13.14
CA GLU F 182 -15.95 -22.18 12.21
C GLU F 182 -15.67 -20.67 12.05
N ILE F 183 -15.57 -19.96 13.17
CA ILE F 183 -15.14 -18.55 13.15
C ILE F 183 -13.90 -18.32 12.25
N ALA F 184 -12.80 -19.00 12.58
CA ALA F 184 -11.60 -18.91 11.75
C ALA F 184 -11.93 -19.09 10.30
N GLN F 185 -12.95 -19.89 10.01
CA GLN F 185 -13.22 -20.26 8.64
C GLN F 185 -13.90 -19.11 7.93
N LEU F 186 -14.74 -18.39 8.68
CA LEU F 186 -15.35 -17.13 8.23
C LEU F 186 -14.31 -16.13 7.83
N VAL F 187 -13.28 -16.01 8.66
CA VAL F 187 -12.25 -15.01 8.51
C VAL F 187 -11.24 -15.41 7.46
N GLY F 188 -11.14 -16.71 7.18
CA GLY F 188 -10.22 -17.17 6.17
C GLY F 188 -8.80 -17.22 6.70
N ALA F 189 -8.66 -17.81 7.88
CA ALA F 189 -7.34 -18.09 8.41
C ALA F 189 -7.37 -19.13 9.57
N SER F 190 -6.18 -19.42 10.10
CA SER F 190 -5.91 -20.48 11.07
C SER F 190 -6.60 -20.34 12.41
N ARG F 191 -7.39 -21.35 12.76
CA ARG F 191 -7.86 -21.57 14.13
C ARG F 191 -7.04 -20.79 15.18
N GLU F 192 -5.70 -20.92 15.12
CA GLU F 192 -4.82 -20.31 16.14
C GLU F 192 -4.61 -18.79 16.00
N THR F 193 -4.43 -18.30 14.78
CA THR F 193 -4.28 -16.86 14.56
C THR F 193 -5.57 -16.13 14.93
N VAL F 194 -6.71 -16.75 14.61
CA VAL F 194 -8.00 -16.22 15.02
C VAL F 194 -8.20 -16.35 16.54
N ASN F 195 -7.38 -17.14 17.20
CA ASN F 195 -7.53 -17.26 18.64
C ASN F 195 -6.65 -16.26 19.37
N LYS F 196 -5.44 -16.02 18.84
CA LYS F 196 -4.55 -14.97 19.36
C LYS F 196 -5.31 -13.66 19.36
N ALA F 197 -5.90 -13.33 18.21
CA ALA F 197 -6.64 -12.09 18.01
C ALA F 197 -7.79 -11.99 18.98
N LEU F 198 -8.68 -12.97 18.94
CA LEU F 198 -9.82 -12.97 19.86
C LEU F 198 -9.38 -12.79 21.31
N ALA F 199 -8.28 -13.44 21.69
CA ALA F 199 -7.81 -13.38 23.08
C ALA F 199 -7.21 -12.01 23.44
N ASP F 200 -6.74 -11.29 22.42
CA ASP F 200 -6.27 -9.92 22.61
C ASP F 200 -7.49 -8.98 22.74
N PHE F 201 -8.50 -9.19 21.90
CA PHE F 201 -9.71 -8.39 22.01
C PHE F 201 -10.32 -8.56 23.38
N ALA F 202 -10.33 -9.80 23.88
CA ALA F 202 -10.93 -10.04 25.18
C ALA F 202 -10.03 -9.46 26.28
N HIS F 203 -8.73 -9.70 26.18
CA HIS F 203 -7.78 -9.06 27.12
C HIS F 203 -7.95 -7.55 27.25
N ARG F 204 -8.19 -6.86 26.14
CA ARG F 204 -8.36 -5.39 26.16
C ARG F 204 -9.73 -4.98 26.65
N GLY F 205 -10.60 -5.97 26.83
CA GLY F 205 -11.93 -5.73 27.39
C GLY F 205 -12.99 -5.33 26.39
N TRP F 206 -12.76 -5.62 25.11
CA TRP F 206 -13.74 -5.30 24.07
C TRP F 206 -14.87 -6.30 23.99
N ILE F 207 -14.58 -7.55 24.38
CA ILE F 207 -15.49 -8.67 24.25
C ILE F 207 -15.24 -9.71 25.33
N ARG F 208 -16.33 -10.33 25.78
CA ARG F 208 -16.25 -11.48 26.68
C ARG F 208 -16.69 -12.78 25.95
N LEU F 209 -15.72 -13.70 25.76
CA LEU F 209 -15.94 -15.02 25.17
C LEU F 209 -16.67 -16.00 26.10
N GLU F 210 -17.65 -16.73 25.57
CA GLU F 210 -18.52 -17.62 26.34
C GLU F 210 -18.97 -18.82 25.52
N GLY F 211 -18.06 -19.73 25.26
CA GLY F 211 -18.37 -20.87 24.41
C GLY F 211 -18.77 -20.37 23.03
N LYS F 212 -20.02 -20.64 22.64
CA LYS F 212 -20.47 -20.29 21.30
C LYS F 212 -21.16 -18.93 21.24
N SER F 213 -20.71 -18.03 22.12
CA SER F 213 -21.32 -16.73 22.29
C SER F 213 -20.29 -15.71 22.72
N VAL F 214 -20.41 -14.52 22.16
CA VAL F 214 -19.46 -13.46 22.44
C VAL F 214 -20.23 -12.24 22.93
N LEU F 215 -19.67 -11.55 23.92
CA LEU F 215 -20.22 -10.30 24.46
C LEU F 215 -19.37 -9.11 24.00
N ILE F 216 -19.96 -8.19 23.27
CA ILE F 216 -19.18 -7.06 22.81
C ILE F 216 -19.36 -5.91 23.80
N SER F 217 -18.40 -5.70 24.70
CA SER F 217 -18.47 -4.56 25.63
C SER F 217 -18.34 -3.23 24.87
N ASP F 218 -17.54 -3.25 23.80
CA ASP F 218 -17.04 -2.05 23.17
C ASP F 218 -17.07 -2.04 21.66
N SER F 219 -18.28 -2.10 21.09
CA SER F 219 -18.44 -1.90 19.64
C SER F 219 -17.49 -0.84 19.05
N GLU F 220 -17.16 0.19 19.82
CA GLU F 220 -16.46 1.34 19.24
C GLU F 220 -15.02 0.96 18.91
N ARG F 221 -14.30 0.47 19.92
CA ARG F 221 -12.92 0.02 19.79
C ARG F 221 -12.77 -1.15 18.81
N LEU F 222 -13.69 -2.08 18.89
CA LEU F 222 -13.69 -3.23 18.00
C LEU F 222 -13.76 -2.72 16.60
N ALA F 223 -14.70 -1.78 16.38
CA ALA F 223 -14.96 -1.25 15.03
C ALA F 223 -13.78 -0.48 14.47
N ARG F 224 -12.89 0.02 15.33
CA ARG F 224 -11.73 0.77 14.87
C ARG F 224 -10.73 -0.22 14.34
N ARG F 225 -10.52 -1.29 15.11
CA ARG F 225 -9.61 -2.36 14.70
C ARG F 225 -10.02 -3.04 13.37
N ALA F 226 -11.31 -2.98 13.01
CA ALA F 226 -11.77 -3.39 11.67
C ALA F 226 -11.16 -2.51 10.60
N ARG F 227 -11.76 -1.33 10.44
CA ARG F 227 -11.28 -0.14 9.65
C ARG F 227 -9.84 -0.16 9.11
N MET G 4 -36.04 -58.25 -8.32
CA MET G 4 -35.65 -56.82 -8.20
C MET G 4 -35.55 -56.39 -6.72
N ASP G 5 -36.69 -56.12 -6.08
CA ASP G 5 -36.67 -55.68 -4.66
C ASP G 5 -36.35 -56.78 -3.63
N GLU G 6 -36.07 -57.99 -4.13
CA GLU G 6 -35.55 -59.10 -3.32
C GLU G 6 -34.03 -58.97 -3.22
N ILE G 7 -33.39 -58.57 -4.33
CA ILE G 7 -31.95 -58.31 -4.37
C ILE G 7 -31.63 -57.03 -3.60
N LEU G 8 -32.58 -56.09 -3.63
CA LEU G 8 -32.47 -54.82 -2.89
C LEU G 8 -32.55 -54.94 -1.36
N ALA G 9 -33.32 -55.91 -0.86
CA ALA G 9 -33.54 -56.05 0.57
C ALA G 9 -32.36 -56.67 1.34
N ARG G 10 -31.40 -57.24 0.60
CA ARG G 10 -30.14 -57.75 1.17
C ARG G 10 -29.17 -56.60 1.48
N ALA G 11 -29.36 -55.48 0.77
CA ALA G 11 -28.37 -54.42 0.64
C ALA G 11 -28.26 -53.59 1.90
N GLY G 12 -27.04 -53.42 2.40
CA GLY G 12 -26.76 -52.65 3.61
C GLY G 12 -27.88 -51.69 4.03
N ILE G 13 -28.20 -50.78 3.13
CA ILE G 13 -29.17 -49.73 3.40
C ILE G 13 -30.61 -50.21 3.66
N PHE G 14 -31.00 -51.30 3.00
CA PHE G 14 -32.36 -51.86 3.07
C PHE G 14 -32.45 -53.01 4.05
N GLN G 15 -31.30 -53.55 4.43
CA GLN G 15 -31.23 -54.78 5.22
C GLN G 15 -31.87 -54.58 6.58
N GLY G 16 -31.48 -53.51 7.25
CA GLY G 16 -32.03 -53.14 8.54
C GLY G 16 -33.55 -53.05 8.59
N VAL G 17 -34.15 -52.46 7.55
CA VAL G 17 -35.61 -52.23 7.50
C VAL G 17 -36.39 -53.55 7.60
N GLU G 18 -37.48 -53.52 8.35
CA GLU G 18 -38.38 -54.65 8.51
C GLU G 18 -38.64 -55.23 7.12
N PRO G 19 -38.36 -56.54 6.94
CA PRO G 19 -38.42 -57.24 5.63
C PRO G 19 -39.75 -57.03 4.87
N SER G 20 -40.82 -56.84 5.64
CA SER G 20 -42.11 -56.37 5.13
C SER G 20 -41.94 -54.95 4.58
N ALA G 21 -41.67 -54.03 5.49
CA ALA G 21 -41.56 -52.60 5.19
C ALA G 21 -40.67 -52.25 3.98
N ILE G 22 -39.70 -53.11 3.67
CA ILE G 22 -38.82 -52.93 2.48
C ILE G 22 -39.66 -52.97 1.19
N ALA G 23 -40.67 -53.84 1.18
CA ALA G 23 -41.58 -54.01 0.03
C ALA G 23 -42.69 -52.95 0.00
N ALA G 24 -42.43 -51.77 0.57
CA ALA G 24 -43.38 -50.65 0.61
C ALA G 24 -42.73 -49.37 0.10
N LEU G 25 -41.40 -49.38 0.02
CA LEU G 25 -40.64 -48.14 -0.17
C LEU G 25 -39.77 -48.12 -1.43
N THR G 26 -39.54 -49.31 -2.00
CA THR G 26 -38.68 -49.49 -3.19
C THR G 26 -39.23 -48.81 -4.46
N LYS G 27 -40.56 -48.75 -4.58
CA LYS G 27 -41.16 -48.31 -5.84
C LYS G 27 -41.23 -46.78 -5.96
N GLN G 28 -40.27 -46.12 -5.34
CA GLN G 28 -40.15 -44.67 -5.34
C GLN G 28 -38.80 -44.23 -5.96
N LEU G 29 -37.73 -44.90 -5.54
CA LEU G 29 -36.35 -44.63 -5.96
C LEU G 29 -36.13 -44.92 -7.46
N GLN G 30 -35.38 -44.05 -8.12
CA GLN G 30 -35.15 -44.08 -9.58
C GLN G 30 -34.44 -45.35 -10.08
N PRO G 31 -35.16 -46.25 -10.79
CA PRO G 31 -34.56 -47.44 -11.40
C PRO G 31 -33.78 -47.09 -12.66
N VAL G 32 -32.62 -47.71 -12.87
CA VAL G 32 -31.73 -47.39 -13.97
C VAL G 32 -31.06 -48.61 -14.58
N ASP G 33 -30.73 -48.52 -15.86
CA ASP G 33 -29.96 -49.53 -16.55
C ASP G 33 -28.74 -48.90 -17.12
N PHE G 34 -27.60 -49.52 -16.88
CA PHE G 34 -26.38 -49.08 -17.50
C PHE G 34 -25.82 -50.13 -18.46
N PRO G 35 -25.29 -49.65 -19.58
CA PRO G 35 -24.43 -50.38 -20.49
C PRO G 35 -23.22 -50.95 -19.77
N ARG G 36 -22.73 -52.08 -20.28
CA ARG G 36 -21.41 -52.59 -19.94
C ARG G 36 -20.43 -51.49 -20.31
N GLY G 37 -19.43 -51.26 -19.47
CA GLY G 37 -18.37 -50.29 -19.79
C GLY G 37 -18.71 -48.82 -19.51
N HIS G 38 -19.92 -48.55 -19.02
CA HIS G 38 -20.36 -47.17 -18.79
C HIS G 38 -19.82 -46.60 -17.50
N THR G 39 -19.10 -45.48 -17.58
CA THR G 39 -18.70 -44.74 -16.40
C THR G 39 -19.91 -44.10 -15.71
N VAL G 40 -20.12 -44.43 -14.45
CA VAL G 40 -21.27 -43.89 -13.71
C VAL G 40 -20.90 -42.56 -13.03
N PHE G 41 -19.66 -42.43 -12.59
CA PHE G 41 -19.13 -41.11 -12.24
C PHE G 41 -17.61 -41.16 -12.20
N ALA G 42 -16.98 -40.00 -12.07
CA ALA G 42 -15.52 -39.95 -12.14
C ALA G 42 -14.96 -39.56 -10.81
N GLU G 43 -13.75 -40.01 -10.54
CA GLU G 43 -13.06 -39.61 -9.32
C GLU G 43 -13.09 -38.10 -9.32
N GLY G 44 -13.20 -37.50 -8.14
CA GLY G 44 -13.05 -36.07 -8.01
C GLY G 44 -14.23 -35.19 -8.40
N GLU G 45 -15.29 -35.73 -8.97
CA GLU G 45 -16.48 -34.92 -9.25
C GLU G 45 -17.52 -34.92 -8.12
N PRO G 46 -18.43 -33.89 -8.05
CA PRO G 46 -19.56 -33.80 -7.13
C PRO G 46 -20.56 -34.91 -7.33
N GLY G 47 -21.35 -35.13 -6.27
CA GLY G 47 -22.19 -36.30 -6.19
C GLY G 47 -23.08 -36.33 -4.94
N ASP G 48 -24.31 -36.09 -5.23
CA ASP G 48 -25.51 -36.09 -4.42
C ASP G 48 -26.09 -37.51 -4.25
N ARG G 49 -25.55 -38.43 -5.07
CA ARG G 49 -26.10 -39.70 -5.40
C ARG G 49 -25.44 -40.93 -4.84
N LEU G 50 -26.29 -41.93 -4.70
CA LEU G 50 -25.94 -43.24 -4.07
C LEU G 50 -26.65 -44.31 -4.87
N TYR G 51 -26.05 -45.46 -5.03
CA TYR G 51 -26.68 -46.48 -5.91
C TYR G 51 -26.60 -47.80 -5.23
N ILE G 52 -27.63 -48.61 -5.46
CA ILE G 52 -27.62 -50.02 -5.09
C ILE G 52 -27.80 -50.90 -6.29
N ILE G 53 -26.89 -51.84 -6.49
CA ILE G 53 -26.93 -52.71 -7.64
C ILE G 53 -28.07 -53.72 -7.52
N ILE G 54 -28.63 -54.11 -8.66
CA ILE G 54 -29.63 -55.14 -8.68
C ILE G 54 -29.04 -56.30 -9.47
N SER G 55 -28.63 -56.02 -10.69
CA SER G 55 -27.93 -57.02 -11.48
C SER G 55 -26.68 -56.38 -12.03
N GLY G 56 -25.65 -57.20 -12.25
CA GLY G 56 -24.43 -56.75 -12.90
C GLY G 56 -23.34 -56.41 -11.92
N LYS G 57 -22.12 -56.22 -12.43
CA LYS G 57 -21.01 -55.74 -11.61
C LYS G 57 -20.59 -54.33 -11.99
N VAL G 58 -19.99 -53.62 -11.04
CA VAL G 58 -19.36 -52.33 -11.25
C VAL G 58 -17.98 -52.37 -10.64
N LYS G 59 -17.00 -51.83 -11.34
CA LYS G 59 -15.70 -51.71 -10.74
C LYS G 59 -15.47 -50.30 -10.15
N ILE G 60 -14.63 -50.23 -9.13
CA ILE G 60 -14.42 -48.99 -8.42
C ILE G 60 -12.95 -48.64 -8.58
N GLY G 61 -12.67 -47.58 -9.33
CA GLY G 61 -11.31 -47.28 -9.70
C GLY G 61 -10.68 -45.97 -9.26
N ARG G 62 -9.37 -45.95 -9.20
CA ARG G 62 -8.65 -44.70 -9.16
C ARG G 62 -7.73 -44.54 -10.34
N ARG G 63 -7.38 -43.29 -10.63
CA ARG G 63 -6.59 -42.93 -11.80
C ARG G 63 -5.59 -41.89 -11.43
N ALA G 64 -4.30 -42.17 -11.67
CA ALA G 64 -3.25 -41.13 -11.50
C ALA G 64 -2.93 -40.50 -12.87
N PRO G 65 -2.43 -39.24 -12.87
CA PRO G 65 -2.32 -38.46 -14.11
C PRO G 65 -1.62 -39.23 -15.24
N ASP G 66 -0.54 -39.90 -14.88
CA ASP G 66 0.18 -40.77 -15.81
C ASP G 66 -0.57 -42.10 -16.09
N GLY G 67 -1.90 -42.03 -16.07
CA GLY G 67 -2.77 -43.00 -16.75
C GLY G 67 -3.07 -44.33 -16.06
N ARG G 68 -2.23 -44.71 -15.11
CA ARG G 68 -2.36 -46.04 -14.51
C ARG G 68 -3.41 -46.07 -13.40
N GLU G 69 -4.10 -47.21 -13.31
CA GLU G 69 -5.27 -47.38 -12.47
C GLU G 69 -5.06 -48.40 -11.38
N ASN G 70 -5.46 -48.06 -10.16
CA ASN G 70 -5.75 -49.06 -9.17
C ASN G 70 -7.24 -49.32 -9.19
N LEU G 71 -7.62 -50.56 -8.93
CA LEU G 71 -9.02 -50.90 -8.70
C LEU G 71 -9.17 -51.22 -7.21
N LEU G 72 -10.05 -50.44 -6.59
CA LEU G 72 -10.29 -50.48 -5.16
C LEU G 72 -11.16 -51.67 -4.80
N THR G 73 -12.10 -52.01 -5.67
CA THR G 73 -12.96 -53.14 -5.42
C THR G 73 -13.88 -53.34 -6.58
N ILE G 74 -14.49 -54.52 -6.58
CA ILE G 74 -15.56 -54.84 -7.47
C ILE G 74 -16.83 -54.99 -6.70
N MET G 75 -17.90 -54.38 -7.21
CA MET G 75 -19.20 -54.43 -6.56
C MET G 75 -20.19 -55.23 -7.39
N GLY G 76 -21.11 -55.90 -6.69
CA GLY G 76 -22.06 -56.79 -7.34
C GLY G 76 -23.45 -56.51 -6.86
N PRO G 77 -24.41 -57.34 -7.28
CA PRO G 77 -25.80 -57.21 -6.84
C PRO G 77 -25.91 -57.02 -5.34
N SER G 78 -26.76 -56.09 -4.94
CA SER G 78 -26.95 -55.77 -3.53
C SER G 78 -25.96 -54.77 -2.91
N ASP G 79 -24.79 -54.59 -3.55
CA ASP G 79 -23.79 -53.65 -3.05
C ASP G 79 -24.25 -52.24 -3.29
N MET G 80 -24.00 -51.38 -2.31
CA MET G 80 -24.25 -49.96 -2.37
C MET G 80 -22.99 -49.23 -2.81
N PHE G 81 -23.10 -48.21 -3.67
CA PHE G 81 -21.91 -47.40 -3.97
C PHE G 81 -22.23 -45.94 -4.22
N GLY G 82 -21.24 -45.07 -4.03
CA GLY G 82 -21.47 -43.63 -4.04
C GLY G 82 -21.89 -43.06 -2.70
N GLU G 83 -21.72 -43.82 -1.63
CA GLU G 83 -22.16 -43.34 -0.33
C GLU G 83 -21.18 -42.38 0.32
N LEU G 84 -19.91 -42.47 -0.08
CA LEU G 84 -18.86 -41.73 0.61
C LEU G 84 -18.91 -40.19 0.41
N SER G 85 -19.19 -39.74 -0.81
CA SER G 85 -19.32 -38.31 -1.05
C SER G 85 -20.61 -37.74 -0.46
N ILE G 86 -21.47 -38.62 0.01
CA ILE G 86 -22.64 -38.22 0.70
C ILE G 86 -22.38 -38.09 2.17
N PHE G 87 -21.62 -39.00 2.77
CA PHE G 87 -21.53 -39.02 4.26
C PHE G 87 -20.36 -38.20 4.71
N ASP G 88 -19.39 -38.04 3.82
CA ASP G 88 -18.28 -37.13 4.03
C ASP G 88 -18.32 -36.16 2.89
N PRO G 89 -19.31 -35.23 2.90
CA PRO G 89 -19.65 -34.43 1.76
C PRO G 89 -18.41 -33.86 1.19
N GLY G 90 -18.24 -34.06 -0.11
CA GLY G 90 -17.01 -33.70 -0.81
C GLY G 90 -17.19 -34.38 -2.14
N PRO G 91 -16.21 -34.28 -3.02
CA PRO G 91 -16.19 -35.03 -4.30
C PRO G 91 -16.13 -36.55 -4.15
N ARG G 92 -16.47 -37.24 -5.24
CA ARG G 92 -16.28 -38.69 -5.39
C ARG G 92 -14.85 -39.10 -5.12
N THR G 93 -14.68 -40.05 -4.21
CA THR G 93 -13.35 -40.56 -3.87
C THR G 93 -12.76 -41.44 -4.97
N SER G 94 -13.56 -41.77 -5.97
CA SER G 94 -13.10 -42.67 -7.04
C SER G 94 -14.13 -42.80 -8.14
N SER G 95 -13.70 -43.32 -9.29
CA SER G 95 -14.66 -43.68 -10.36
C SER G 95 -15.56 -44.90 -10.03
N ALA G 96 -16.69 -44.98 -10.71
CA ALA G 96 -17.52 -46.14 -10.64
C ALA G 96 -17.91 -46.49 -12.05
N THR G 97 -17.58 -47.70 -12.44
CA THR G 97 -17.62 -48.12 -13.83
C THR G 97 -18.05 -49.57 -13.96
N THR G 98 -19.21 -49.78 -14.55
CA THR G 98 -19.74 -51.10 -14.91
C THR G 98 -18.78 -51.94 -15.77
N ILE G 99 -18.76 -53.24 -15.51
CA ILE G 99 -18.01 -54.16 -16.34
C ILE G 99 -19.02 -55.09 -16.99
N THR G 100 -20.26 -54.63 -17.03
CA THR G 100 -21.39 -55.48 -17.30
C THR G 100 -22.59 -54.58 -17.39
N GLU G 101 -23.48 -54.86 -18.32
CA GLU G 101 -24.82 -54.33 -18.16
C GLU G 101 -25.11 -54.36 -16.65
N VAL G 102 -25.71 -53.29 -16.15
CA VAL G 102 -25.97 -53.15 -14.74
C VAL G 102 -27.37 -52.60 -14.64
N ARG G 103 -28.10 -53.06 -13.63
CA ARG G 103 -29.34 -52.48 -13.28
C ARG G 103 -29.13 -52.11 -11.84
N ALA G 104 -29.57 -50.91 -11.49
CA ALA G 104 -29.43 -50.35 -10.14
C ALA G 104 -30.58 -49.44 -9.86
N VAL G 105 -30.62 -49.02 -8.62
CA VAL G 105 -31.57 -48.04 -8.20
C VAL G 105 -30.75 -46.97 -7.45
N SER G 106 -31.28 -45.76 -7.34
CA SER G 106 -30.46 -44.72 -6.73
C SER G 106 -31.27 -43.82 -5.85
N MET G 107 -30.59 -43.11 -4.97
CA MET G 107 -31.24 -42.18 -4.08
C MET G 107 -30.24 -41.11 -3.72
N ASP G 108 -30.76 -39.89 -3.60
CA ASP G 108 -29.93 -38.72 -3.48
C ASP G 108 -29.95 -38.28 -2.04
N ARG G 109 -29.13 -37.26 -1.78
CA ARG G 109 -28.81 -36.84 -0.45
C ARG G 109 -29.99 -36.80 0.49
N ASP G 110 -31.13 -36.31 -0.01
CA ASP G 110 -32.20 -35.93 0.88
C ASP G 110 -33.23 -37.02 0.95
N ALA G 111 -33.48 -37.69 -0.17
CA ALA G 111 -34.16 -38.99 -0.12
C ALA G 111 -33.51 -39.77 1.01
N LEU G 112 -32.20 -39.89 0.96
CA LEU G 112 -31.45 -40.55 2.00
C LEU G 112 -31.71 -39.97 3.39
N ARG G 113 -31.82 -38.64 3.46
CA ARG G 113 -32.05 -37.97 4.73
C ARG G 113 -33.37 -38.51 5.34
N SER G 114 -34.45 -38.45 4.57
CA SER G 114 -35.78 -38.72 5.13
C SER G 114 -35.96 -40.20 5.33
N TRP G 115 -35.23 -40.99 4.56
CA TRP G 115 -35.32 -42.43 4.68
C TRP G 115 -34.63 -42.92 5.91
N ILE G 116 -33.58 -42.22 6.32
CA ILE G 116 -32.97 -42.52 7.59
C ILE G 116 -33.73 -41.83 8.73
N ALA G 117 -34.42 -40.73 8.45
CA ALA G 117 -35.26 -40.11 9.47
C ALA G 117 -36.35 -41.10 9.96
N ASP G 118 -36.87 -41.89 9.02
CA ASP G 118 -37.90 -42.89 9.31
C ASP G 118 -37.32 -44.20 9.86
N ARG G 119 -36.15 -44.60 9.38
CA ARG G 119 -35.59 -45.91 9.70
C ARG G 119 -34.16 -45.86 10.31
N PRO G 120 -34.04 -45.46 11.58
CA PRO G 120 -32.76 -45.41 12.31
C PRO G 120 -31.91 -46.68 12.38
N GLU G 121 -32.54 -47.85 12.19
CA GLU G 121 -31.78 -49.10 12.06
C GLU G 121 -30.87 -49.08 10.83
N ILE G 122 -31.16 -48.23 9.85
CA ILE G 122 -30.34 -48.22 8.67
C ILE G 122 -28.95 -47.65 8.97
N SER G 123 -28.89 -46.59 9.77
CA SER G 123 -27.62 -45.99 10.13
C SER G 123 -26.65 -47.06 10.58
N GLU G 124 -27.09 -47.83 11.58
CA GLU G 124 -26.39 -48.96 12.19
C GLU G 124 -25.78 -49.83 11.12
N GLN G 125 -26.55 -50.08 10.07
CA GLN G 125 -26.12 -51.01 9.07
C GLN G 125 -25.07 -50.37 8.21
N LEU G 126 -25.33 -49.12 7.82
CA LEU G 126 -24.41 -48.39 6.95
C LEU G 126 -23.08 -48.29 7.67
N LEU G 127 -23.14 -48.01 8.96
CA LEU G 127 -21.93 -48.01 9.74
C LEU G 127 -21.14 -49.30 9.55
N ARG G 128 -21.84 -50.42 9.71
CA ARG G 128 -21.25 -51.74 9.68
C ARG G 128 -20.62 -51.90 8.32
N VAL G 129 -21.28 -51.31 7.33
CA VAL G 129 -20.79 -51.43 5.97
C VAL G 129 -19.46 -50.65 5.80
N LEU G 130 -19.43 -49.38 6.21
CA LEU G 130 -18.20 -48.62 6.13
C LEU G 130 -17.15 -49.31 6.94
N ALA G 131 -17.47 -49.65 8.19
CA ALA G 131 -16.48 -50.42 8.94
C ALA G 131 -15.95 -51.67 8.23
N ARG G 132 -16.80 -52.53 7.63
CA ARG G 132 -16.19 -53.63 6.81
C ARG G 132 -15.26 -53.08 5.75
N ARG G 133 -15.65 -51.99 5.10
CA ARG G 133 -14.85 -51.47 4.00
C ARG G 133 -13.49 -50.96 4.47
N LEU G 134 -13.47 -50.35 5.65
CA LEU G 134 -12.22 -49.87 6.21
C LEU G 134 -11.30 -51.06 6.45
N ARG G 135 -11.83 -52.09 7.09
CA ARG G 135 -11.15 -53.38 7.15
C ARG G 135 -10.55 -53.89 5.81
N ARG G 136 -11.35 -54.05 4.76
CA ARG G 136 -10.73 -54.64 3.61
C ARG G 136 -9.62 -53.73 3.10
N THR G 137 -9.92 -52.42 3.03
CA THR G 137 -8.94 -51.47 2.52
C THR G 137 -7.63 -51.53 3.32
N ASN G 138 -7.74 -51.57 4.64
CA ASN G 138 -6.58 -51.80 5.50
C ASN G 138 -5.75 -53.03 5.11
N ASN G 139 -6.41 -54.18 4.97
CA ASN G 139 -5.75 -55.39 4.47
C ASN G 139 -5.14 -55.11 3.10
N ASN G 140 -5.89 -54.46 2.21
CA ASN G 140 -5.37 -54.22 0.86
C ASN G 140 -4.14 -53.35 0.97
N LEU G 141 -4.20 -52.35 1.83
CA LEU G 141 -3.12 -51.39 1.97
C LEU G 141 -1.91 -52.12 2.52
N ALA G 142 -2.07 -52.79 3.67
CA ALA G 142 -0.99 -53.63 4.20
C ALA G 142 -0.38 -54.66 3.20
N ASP G 143 -1.15 -55.11 2.20
CA ASP G 143 -0.59 -56.07 1.25
C ASP G 143 0.25 -55.40 0.22
N LEU G 144 0.05 -54.12 0.00
CA LEU G 144 0.84 -53.47 -1.04
C LEU G 144 2.25 -53.28 -0.50
N ILE G 145 2.34 -53.24 0.82
CA ILE G 145 3.57 -53.06 1.53
C ILE G 145 4.20 -54.43 1.83
N PHE G 146 3.42 -55.37 2.36
CA PHE G 146 3.99 -56.62 2.90
C PHE G 146 3.86 -57.90 2.06
N THR G 147 3.03 -57.90 1.02
CA THR G 147 2.75 -59.14 0.28
C THR G 147 3.25 -59.06 -1.19
N ASP G 148 3.82 -60.18 -1.67
CA ASP G 148 4.33 -60.26 -3.01
C ASP G 148 3.17 -60.48 -3.98
N VAL G 149 3.42 -60.19 -5.25
CA VAL G 149 2.37 -60.25 -6.24
C VAL G 149 1.58 -61.55 -6.25
N PRO G 150 2.25 -62.70 -6.37
CA PRO G 150 1.39 -63.90 -6.47
C PRO G 150 0.59 -64.09 -5.18
N GLY G 151 1.20 -63.67 -4.07
CA GLY G 151 0.54 -63.66 -2.76
C GLY G 151 -0.73 -62.86 -2.91
N ARG G 152 -0.62 -61.67 -3.53
CA ARG G 152 -1.78 -60.80 -3.73
C ARG G 152 -2.79 -61.32 -4.74
N VAL G 153 -2.31 -61.96 -5.81
CA VAL G 153 -3.24 -62.50 -6.81
C VAL G 153 -4.08 -63.62 -6.21
N ALA G 154 -3.41 -64.49 -5.45
CA ALA G 154 -4.05 -65.55 -4.67
C ALA G 154 -5.19 -65.01 -3.81
N LYS G 155 -4.89 -63.92 -3.09
CA LYS G 155 -5.83 -63.22 -2.22
C LYS G 155 -7.01 -62.65 -3.01
N GLN G 156 -6.71 -61.96 -4.11
CA GLN G 156 -7.74 -61.37 -4.95
C GLN G 156 -8.65 -62.42 -5.54
N LEU G 157 -8.04 -63.48 -6.07
CA LEU G 157 -8.80 -64.58 -6.59
C LEU G 157 -9.72 -65.12 -5.51
N LEU G 158 -9.23 -65.16 -4.28
CA LEU G 158 -10.05 -65.74 -3.24
C LEU G 158 -11.10 -64.77 -2.73
N GLN G 159 -10.79 -63.48 -2.85
CA GLN G 159 -11.80 -62.53 -2.44
C GLN G 159 -12.92 -62.52 -3.46
N LEU G 160 -12.55 -62.62 -4.73
CA LEU G 160 -13.59 -62.79 -5.75
C LEU G 160 -14.52 -63.96 -5.41
N ALA G 161 -13.93 -65.04 -4.91
CA ALA G 161 -14.65 -66.25 -4.61
C ALA G 161 -15.61 -66.08 -3.45
N GLN G 162 -15.13 -65.50 -2.33
CA GLN G 162 -16.00 -65.12 -1.18
C GLN G 162 -17.32 -64.53 -1.67
N ARG G 163 -17.20 -63.65 -2.65
CA ARG G 163 -18.21 -62.68 -3.03
C ARG G 163 -19.08 -63.20 -4.16
N PHE G 164 -18.43 -63.67 -5.23
CA PHE G 164 -19.12 -63.97 -6.49
C PHE G 164 -19.05 -65.46 -6.85
N GLY G 165 -18.27 -66.23 -6.09
CA GLY G 165 -18.06 -67.65 -6.38
C GLY G 165 -19.28 -68.52 -6.13
N THR G 166 -19.40 -69.60 -6.93
CA THR G 166 -20.46 -70.62 -6.79
C THR G 166 -19.90 -72.06 -6.92
N GLN G 167 -20.57 -73.01 -6.27
CA GLN G 167 -20.20 -74.44 -6.40
C GLN G 167 -20.63 -75.09 -7.69
N GLU G 168 -19.65 -75.64 -8.40
CA GLU G 168 -19.94 -76.65 -9.40
C GLU G 168 -20.08 -78.03 -8.72
N GLY G 169 -19.89 -78.05 -7.40
CA GLY G 169 -19.77 -79.27 -6.60
C GLY G 169 -18.28 -79.59 -6.50
N GLY G 170 -17.69 -79.32 -5.34
CA GLY G 170 -16.23 -79.48 -5.15
C GLY G 170 -15.43 -78.22 -5.41
N ALA G 171 -15.26 -77.86 -6.69
CA ALA G 171 -14.58 -76.60 -7.11
C ALA G 171 -15.56 -75.42 -7.17
N LEU G 172 -15.05 -74.19 -6.99
CA LEU G 172 -15.87 -72.98 -7.15
C LEU G 172 -15.69 -72.29 -8.52
N ARG G 173 -16.81 -72.09 -9.21
CA ARG G 173 -16.82 -71.20 -10.35
C ARG G 173 -16.88 -69.79 -9.79
N VAL G 174 -15.96 -68.97 -10.23
CA VAL G 174 -15.97 -67.58 -9.91
C VAL G 174 -16.00 -66.84 -11.22
N THR G 175 -17.22 -66.42 -11.60
CA THR G 175 -17.45 -65.59 -12.78
C THR G 175 -17.27 -64.14 -12.36
N HIS G 176 -16.15 -63.55 -12.77
CA HIS G 176 -15.72 -62.28 -12.20
C HIS G 176 -15.82 -61.14 -13.16
N ASP G 177 -16.18 -61.46 -14.38
CA ASP G 177 -16.32 -60.50 -15.47
C ASP G 177 -15.18 -59.49 -15.63
N LEU G 178 -13.96 -59.94 -15.35
CA LEU G 178 -12.78 -59.08 -15.42
C LEU G 178 -11.77 -59.49 -16.48
N THR G 179 -10.99 -58.51 -16.94
CA THR G 179 -9.83 -58.71 -17.79
C THR G 179 -8.65 -59.03 -16.89
N GLN G 180 -7.57 -59.50 -17.46
CA GLN G 180 -6.37 -59.71 -16.66
C GLN G 180 -5.67 -58.38 -16.40
N GLU G 181 -5.96 -57.37 -17.22
CA GLU G 181 -5.53 -55.99 -16.94
C GLU G 181 -6.27 -55.42 -15.72
N GLU G 182 -7.55 -55.78 -15.59
CA GLU G 182 -8.40 -55.37 -14.48
C GLU G 182 -8.05 -56.15 -13.22
N ILE G 183 -7.70 -57.42 -13.42
CA ILE G 183 -7.23 -58.26 -12.32
C ILE G 183 -5.92 -57.68 -11.84
N ALA G 184 -5.03 -57.28 -12.75
CA ALA G 184 -3.75 -56.71 -12.29
C ALA G 184 -3.98 -55.42 -11.55
N GLN G 185 -5.03 -54.71 -12.01
CA GLN G 185 -5.44 -53.45 -11.39
C GLN G 185 -5.89 -53.59 -9.93
N LEU G 186 -6.73 -54.59 -9.63
CA LEU G 186 -7.01 -54.95 -8.23
C LEU G 186 -5.74 -55.27 -7.45
N VAL G 187 -4.88 -56.06 -8.06
CA VAL G 187 -3.68 -56.54 -7.39
C VAL G 187 -2.75 -55.34 -7.21
N GLY G 188 -2.83 -54.39 -8.15
CA GLY G 188 -2.01 -53.20 -8.07
C GLY G 188 -0.59 -53.51 -8.45
N ALA G 189 -0.44 -54.28 -9.52
CA ALA G 189 0.86 -54.70 -10.00
C ALA G 189 0.83 -54.86 -11.53
N SER G 190 2.00 -55.06 -12.14
CA SER G 190 2.14 -55.13 -13.61
C SER G 190 1.25 -56.20 -14.26
N ARG G 191 0.92 -56.02 -15.52
CA ARG G 191 0.17 -57.04 -16.26
C ARG G 191 1.03 -58.30 -16.39
N GLU G 192 2.33 -58.15 -16.68
CA GLU G 192 3.23 -59.32 -16.81
C GLU G 192 3.12 -60.16 -15.55
N THR G 193 3.71 -59.60 -14.48
CA THR G 193 3.86 -60.23 -13.19
C THR G 193 2.61 -60.97 -12.79
N VAL G 194 1.46 -60.40 -13.13
CA VAL G 194 0.16 -60.97 -12.74
C VAL G 194 -0.16 -62.20 -13.58
N ASN G 195 0.12 -62.17 -14.88
CA ASN G 195 -0.06 -63.36 -15.74
C ASN G 195 0.76 -64.56 -15.24
N LYS G 196 2.06 -64.34 -15.03
CA LYS G 196 2.98 -65.35 -14.53
C LYS G 196 2.39 -66.07 -13.30
N ALA G 197 2.01 -65.29 -12.30
CA ALA G 197 1.46 -65.87 -11.10
C ALA G 197 0.22 -66.69 -11.46
N LEU G 198 -0.56 -66.18 -12.41
CA LEU G 198 -1.80 -66.80 -12.82
C LEU G 198 -1.52 -68.02 -13.66
N ALA G 199 -0.45 -67.95 -14.46
CA ALA G 199 -0.02 -69.09 -15.28
C ALA G 199 0.41 -70.23 -14.33
N ASP G 200 1.48 -69.98 -13.57
CA ASP G 200 1.87 -70.84 -12.46
C ASP G 200 0.63 -71.45 -11.75
N PHE G 201 -0.36 -70.65 -11.40
CA PHE G 201 -1.46 -71.23 -10.62
C PHE G 201 -2.22 -72.26 -11.42
N ALA G 202 -2.27 -72.07 -12.73
CA ALA G 202 -2.94 -73.01 -13.63
C ALA G 202 -2.08 -74.24 -13.87
N HIS G 203 -0.81 -74.05 -14.27
CA HIS G 203 0.13 -75.15 -14.50
C HIS G 203 0.26 -76.17 -13.38
N ARG G 204 -0.32 -75.90 -12.21
CA ARG G 204 -0.26 -76.83 -11.07
C ARG G 204 -1.65 -77.29 -10.71
N GLY G 205 -2.61 -76.88 -11.53
CA GLY G 205 -4.01 -77.25 -11.37
C GLY G 205 -4.75 -76.72 -10.16
N TRP G 206 -4.29 -75.59 -9.58
CA TRP G 206 -5.04 -74.95 -8.48
C TRP G 206 -6.22 -74.21 -9.04
N ILE G 207 -5.98 -73.45 -10.14
CA ILE G 207 -6.99 -72.68 -10.86
C ILE G 207 -6.97 -72.98 -12.37
N ARG G 208 -8.11 -72.78 -13.02
CA ARG G 208 -8.23 -72.89 -14.47
C ARG G 208 -8.90 -71.61 -15.00
N LEU G 209 -8.25 -70.97 -15.99
CA LEU G 209 -8.73 -69.70 -16.58
C LEU G 209 -9.61 -69.91 -17.83
N GLU G 210 -10.86 -69.49 -17.75
CA GLU G 210 -11.85 -69.77 -18.79
C GLU G 210 -12.72 -68.56 -19.06
N GLY G 211 -12.22 -67.69 -19.94
CA GLY G 211 -12.83 -66.39 -20.19
C GLY G 211 -12.60 -65.48 -19.01
N LYS G 212 -13.49 -64.50 -18.83
CA LYS G 212 -13.50 -63.70 -17.62
C LYS G 212 -14.09 -64.57 -16.50
N SER G 213 -13.34 -65.62 -16.17
CA SER G 213 -13.78 -66.65 -15.24
C SER G 213 -12.58 -67.47 -14.78
N VAL G 214 -12.68 -67.97 -13.55
CA VAL G 214 -11.65 -68.81 -12.99
C VAL G 214 -12.36 -69.93 -12.22
N LEU G 215 -11.85 -71.15 -12.40
CA LEU G 215 -12.33 -72.26 -11.63
C LEU G 215 -11.28 -72.60 -10.62
N ILE G 216 -11.67 -72.64 -9.36
CA ILE G 216 -10.68 -72.95 -8.32
C ILE G 216 -10.84 -74.38 -7.79
N SER G 217 -9.89 -75.23 -8.20
CA SER G 217 -9.87 -76.62 -7.80
C SER G 217 -9.33 -76.75 -6.40
N ASP G 218 -8.29 -75.96 -6.11
CA ASP G 218 -7.56 -76.09 -4.85
C ASP G 218 -7.51 -74.82 -3.98
N SER G 219 -8.63 -74.51 -3.33
CA SER G 219 -8.73 -73.31 -2.47
C SER G 219 -7.83 -73.39 -1.24
N GLU G 220 -7.49 -74.62 -0.85
CA GLU G 220 -6.59 -74.95 0.27
C GLU G 220 -5.19 -74.41 -0.03
N ARG G 221 -4.63 -74.85 -1.14
CA ARG G 221 -3.27 -74.50 -1.57
C ARG G 221 -3.17 -73.08 -2.09
N LEU G 222 -4.19 -72.61 -2.80
CA LEU G 222 -4.27 -71.19 -3.17
C LEU G 222 -4.32 -70.30 -1.92
N ALA G 223 -5.15 -70.66 -0.93
CA ALA G 223 -5.19 -69.90 0.32
C ALA G 223 -3.82 -69.80 0.95
N ARG G 224 -3.07 -70.89 0.85
CA ARG G 224 -1.81 -71.04 1.56
C ARG G 224 -0.72 -70.21 0.87
N ARG G 225 -0.89 -70.00 -0.42
CA ARG G 225 0.01 -69.16 -1.19
C ARG G 225 -0.27 -67.69 -0.93
N ALA G 226 -1.50 -67.37 -0.56
CA ALA G 226 -1.87 -65.99 -0.26
C ALA G 226 -0.90 -65.30 0.74
N ARG G 227 -0.92 -65.70 2.01
CA ARG G 227 0.10 -65.31 3.00
C ARG G 227 1.42 -64.68 2.43
N GLY H 1 -8.93 -29.26 34.12
CA GLY H 1 -10.26 -29.28 34.80
C GLY H 1 -11.36 -29.39 33.78
N SER H 2 -11.59 -28.30 33.04
CA SER H 2 -12.69 -28.18 32.09
C SER H 2 -12.26 -27.93 30.63
N HIS H 3 -10.96 -28.04 30.36
CA HIS H 3 -10.40 -27.80 29.02
C HIS H 3 -10.29 -29.09 28.27
N MET H 4 -11.36 -31.06 29.55
CA MET H 4 -12.19 -32.16 29.06
C MET H 4 -13.32 -31.65 28.15
N ASP H 5 -14.21 -30.84 28.72
CA ASP H 5 -15.36 -30.28 28.01
C ASP H 5 -15.10 -29.89 26.54
N GLU H 6 -14.33 -28.84 26.32
CA GLU H 6 -14.12 -28.30 24.98
C GLU H 6 -13.37 -29.26 24.06
N ILE H 7 -12.44 -30.05 24.62
CA ILE H 7 -11.73 -31.08 23.85
C ILE H 7 -12.64 -32.25 23.44
N LEU H 8 -13.32 -32.83 24.42
CA LEU H 8 -14.27 -33.88 24.12
C LEU H 8 -15.26 -33.46 23.05
N ALA H 9 -15.74 -32.22 23.15
CA ALA H 9 -16.81 -31.71 22.30
C ALA H 9 -16.32 -31.48 20.87
N ARG H 10 -15.02 -31.26 20.70
CA ARG H 10 -14.44 -31.25 19.38
C ARG H 10 -14.61 -32.60 18.65
N ALA H 11 -14.79 -33.67 19.41
CA ALA H 11 -14.80 -35.04 18.88
C ALA H 11 -15.95 -35.29 17.93
N GLY H 12 -15.63 -35.92 16.80
CA GLY H 12 -16.60 -36.22 15.75
C GLY H 12 -17.95 -36.57 16.33
N ILE H 13 -18.01 -37.72 16.99
CA ILE H 13 -19.21 -38.22 17.65
C ILE H 13 -20.26 -37.19 18.15
N PHE H 14 -19.81 -36.09 18.76
CA PHE H 14 -20.76 -35.08 19.34
C PHE H 14 -21.20 -33.89 18.48
N GLN H 15 -20.78 -33.82 17.22
CA GLN H 15 -21.11 -32.68 16.35
C GLN H 15 -22.58 -32.63 15.91
N GLY H 16 -23.41 -33.48 16.52
CA GLY H 16 -24.84 -33.53 16.19
C GLY H 16 -25.70 -33.29 17.41
N VAL H 17 -25.02 -33.10 18.54
CA VAL H 17 -25.62 -32.79 19.83
C VAL H 17 -25.60 -31.30 20.20
N GLU H 18 -26.74 -30.77 20.68
CA GLU H 18 -26.77 -29.39 21.19
C GLU H 18 -25.78 -29.26 22.35
N PRO H 19 -24.75 -28.39 22.21
CA PRO H 19 -23.62 -28.30 23.17
C PRO H 19 -24.05 -28.27 24.65
N SER H 20 -25.27 -27.81 24.89
CA SER H 20 -25.94 -27.91 26.20
C SER H 20 -25.93 -29.34 26.81
N ALA H 21 -26.18 -30.37 25.99
CA ALA H 21 -26.27 -31.76 26.45
C ALA H 21 -24.96 -32.59 26.49
N ILE H 22 -23.93 -32.14 25.77
CA ILE H 22 -22.64 -32.86 25.74
C ILE H 22 -22.16 -33.14 27.16
N ALA H 23 -22.27 -32.13 28.03
CA ALA H 23 -22.05 -32.33 29.47
C ALA H 23 -22.74 -33.62 29.95
N ALA H 24 -24.06 -33.66 29.88
CA ALA H 24 -24.83 -34.83 30.30
C ALA H 24 -24.12 -36.09 29.87
N LEU H 25 -23.77 -36.14 28.59
CA LEU H 25 -23.20 -37.32 27.98
C LEU H 25 -21.78 -37.63 28.45
N THR H 26 -20.89 -36.64 28.40
CA THR H 26 -19.48 -36.81 28.80
C THR H 26 -19.32 -37.28 30.26
N LYS H 27 -20.38 -37.08 31.04
CA LYS H 27 -20.48 -37.64 32.39
C LYS H 27 -20.39 -39.15 32.29
N GLN H 28 -21.31 -39.76 31.53
CA GLN H 28 -21.31 -41.21 31.29
C GLN H 28 -19.94 -41.87 31.20
N LEU H 29 -18.94 -41.16 30.69
CA LEU H 29 -17.65 -41.76 30.33
C LEU H 29 -16.66 -41.78 31.49
N GLN H 30 -15.88 -42.85 31.59
CA GLN H 30 -14.84 -42.97 32.65
C GLN H 30 -13.40 -42.84 32.11
N PRO H 31 -12.62 -41.92 32.71
CA PRO H 31 -11.32 -41.57 32.13
C PRO H 31 -10.25 -42.61 32.39
N VAL H 32 -9.19 -42.58 31.59
CA VAL H 32 -8.12 -43.53 31.71
C VAL H 32 -6.86 -42.74 31.40
N ASP H 33 -5.81 -42.96 32.19
CA ASP H 33 -4.52 -42.33 31.95
C ASP H 33 -3.52 -43.43 31.60
N PHE H 34 -2.69 -43.17 30.60
CA PHE H 34 -1.72 -44.16 30.19
C PHE H 34 -0.37 -43.54 30.19
N PRO H 35 0.61 -44.28 30.75
CA PRO H 35 2.04 -44.13 30.53
C PRO H 35 2.37 -44.04 29.05
N ARG H 36 3.46 -43.35 28.73
CA ARG H 36 4.05 -43.40 27.40
C ARG H 36 4.24 -44.87 27.00
N GLY H 37 4.37 -45.12 25.69
CA GLY H 37 4.61 -46.45 25.12
C GLY H 37 3.68 -47.60 25.50
N HIS H 38 2.52 -47.29 26.06
CA HIS H 38 1.54 -48.30 26.45
C HIS H 38 0.76 -48.87 25.30
N THR H 39 0.26 -50.09 25.47
CA THR H 39 -0.57 -50.72 24.46
C THR H 39 -1.95 -50.77 25.02
N VAL H 40 -2.82 -49.89 24.51
CA VAL H 40 -4.23 -49.82 24.93
C VAL H 40 -4.89 -51.18 24.61
N PHE H 41 -4.65 -51.66 23.41
CA PHE H 41 -5.17 -52.92 22.96
C PHE H 41 -4.36 -53.27 21.73
N ALA H 42 -4.51 -54.50 21.24
CA ALA H 42 -3.55 -55.03 20.28
C ALA H 42 -4.31 -55.65 19.15
N GLU H 43 -3.68 -55.71 17.98
CA GLU H 43 -4.30 -56.35 16.82
C GLU H 43 -4.90 -57.68 17.22
N GLY H 44 -6.02 -58.02 16.59
CA GLY H 44 -6.65 -59.32 16.76
C GLY H 44 -7.29 -59.61 18.10
N GLU H 45 -7.11 -58.73 19.08
CA GLU H 45 -7.82 -58.87 20.35
C GLU H 45 -9.33 -58.66 20.17
N PRO H 46 -10.15 -59.22 21.07
CA PRO H 46 -11.56 -58.82 20.99
C PRO H 46 -11.73 -57.48 21.67
N GLY H 47 -12.54 -56.61 21.09
CA GLY H 47 -12.69 -55.31 21.68
C GLY H 47 -14.11 -54.92 21.71
N ASP H 48 -14.56 -54.40 22.85
CA ASP H 48 -15.90 -53.82 22.96
C ASP H 48 -15.82 -52.42 23.59
N ARG H 49 -14.67 -51.78 23.43
CA ARG H 49 -14.35 -50.53 24.12
C ARG H 49 -13.93 -49.56 23.02
N LEU H 50 -14.46 -48.35 23.06
CA LEU H 50 -14.08 -47.27 22.17
C LEU H 50 -13.44 -46.12 23.00
N TYR H 51 -12.40 -45.49 22.47
CA TYR H 51 -11.69 -44.44 23.18
C TYR H 51 -11.72 -43.07 22.49
N ILE H 52 -11.97 -42.01 23.27
CA ILE H 52 -11.65 -40.64 22.84
C ILE H 52 -10.52 -40.09 23.69
N ILE H 53 -9.48 -39.63 23.02
CA ILE H 53 -8.33 -39.01 23.67
C ILE H 53 -8.65 -37.64 24.25
N ILE H 54 -8.39 -37.43 25.53
CA ILE H 54 -8.42 -36.07 26.06
C ILE H 54 -7.10 -35.36 25.76
N SER H 55 -5.98 -35.99 26.13
CA SER H 55 -4.63 -35.46 25.83
C SER H 55 -3.59 -36.54 25.53
N GLY H 56 -2.62 -36.20 24.69
CA GLY H 56 -1.57 -37.11 24.29
C GLY H 56 -1.85 -37.69 22.91
N LYS H 57 -0.89 -38.44 22.38
CA LYS H 57 -1.01 -39.02 21.06
C LYS H 57 -1.05 -40.53 21.14
N VAL H 58 -1.69 -41.15 20.15
CA VAL H 58 -1.83 -42.59 20.11
C VAL H 58 -1.55 -43.05 18.70
N LYS H 59 -0.68 -44.03 18.61
CA LYS H 59 -0.26 -44.51 17.33
C LYS H 59 -1.03 -45.80 16.98
N ILE H 60 -1.58 -45.80 15.76
CA ILE H 60 -2.41 -46.92 15.27
C ILE H 60 -1.62 -47.84 14.31
N GLY H 61 -1.13 -48.94 14.85
CA GLY H 61 -0.17 -49.77 14.13
C GLY H 61 -0.57 -51.17 13.72
N ARG H 62 0.15 -51.70 12.76
CA ARG H 62 -0.17 -52.99 12.21
C ARG H 62 1.10 -53.80 12.02
N ARG H 63 1.19 -54.93 12.75
CA ARG H 63 2.30 -55.91 12.62
C ARG H 63 2.22 -56.77 11.36
N ALA H 64 3.30 -56.83 10.58
CA ALA H 64 3.45 -57.79 9.48
C ALA H 64 4.08 -59.11 9.95
N PRO H 65 3.68 -60.26 9.33
CA PRO H 65 4.31 -61.58 9.60
C PRO H 65 5.83 -61.50 9.70
N ASP H 66 6.43 -60.83 8.73
CA ASP H 66 7.86 -60.62 8.60
C ASP H 66 8.37 -59.52 9.54
N GLY H 67 8.05 -59.63 10.83
CA GLY H 67 8.48 -58.65 11.84
C GLY H 67 7.89 -57.24 11.76
N ARG H 68 8.06 -56.60 10.60
CA ARG H 68 7.74 -55.18 10.35
C ARG H 68 6.36 -54.63 10.74
N GLU H 69 6.23 -53.30 10.71
CA GLU H 69 5.01 -52.59 11.08
C GLU H 69 4.58 -51.58 10.04
N ASN H 70 3.27 -51.50 9.85
CA ASN H 70 2.63 -50.41 9.11
C ASN H 70 2.02 -49.41 10.11
N LEU H 71 1.95 -48.13 9.73
CA LEU H 71 1.27 -47.12 10.60
C LEU H 71 0.16 -46.35 9.89
N LEU H 72 -1.06 -46.56 10.35
CA LEU H 72 -2.20 -46.04 9.62
C LEU H 72 -2.42 -44.56 9.86
N THR H 73 -2.14 -44.10 11.10
CA THR H 73 -2.38 -42.73 11.55
C THR H 73 -2.05 -42.55 13.02
N ILE H 74 -1.81 -41.31 13.44
CA ILE H 74 -1.68 -40.99 14.87
C ILE H 74 -2.82 -40.10 15.34
N MET H 75 -3.36 -40.44 16.50
CA MET H 75 -4.56 -39.81 17.03
C MET H 75 -4.12 -38.89 18.13
N GLY H 76 -4.78 -37.76 18.25
CA GLY H 76 -4.47 -36.83 19.33
C GLY H 76 -5.76 -36.34 19.91
N PRO H 77 -5.71 -35.29 20.74
CA PRO H 77 -6.90 -34.85 21.48
C PRO H 77 -8.13 -34.71 20.58
N SER H 78 -9.24 -35.31 21.01
CA SER H 78 -10.53 -35.22 20.29
C SER H 78 -10.77 -36.37 19.31
N ASP H 79 -9.68 -36.99 18.88
CA ASP H 79 -9.72 -38.20 18.05
C ASP H 79 -10.35 -39.39 18.79
N MET H 80 -11.25 -40.09 18.10
CA MET H 80 -11.80 -41.35 18.63
C MET H 80 -11.11 -42.52 17.94
N PHE H 81 -10.85 -43.58 18.68
CA PHE H 81 -10.33 -44.77 18.04
C PHE H 81 -10.87 -45.99 18.76
N GLY H 82 -10.73 -47.15 18.10
CA GLY H 82 -11.25 -48.40 18.59
C GLY H 82 -12.74 -48.52 18.35
N GLU H 83 -13.21 -47.97 17.24
CA GLU H 83 -14.64 -47.94 16.98
C GLU H 83 -15.08 -48.99 15.96
N LEU H 84 -14.15 -49.58 15.19
CA LEU H 84 -14.58 -50.46 14.09
C LEU H 84 -15.13 -51.78 14.60
N SER H 85 -14.33 -52.45 15.41
CA SER H 85 -14.73 -53.69 16.05
C SER H 85 -15.97 -53.53 16.97
N ILE H 86 -16.51 -52.32 17.08
CA ILE H 86 -17.86 -52.13 17.62
C ILE H 86 -18.96 -52.05 16.56
N PHE H 87 -18.62 -51.59 15.36
CA PHE H 87 -19.61 -51.41 14.31
C PHE H 87 -19.71 -52.63 13.41
N ASP H 88 -18.57 -53.26 13.21
CA ASP H 88 -18.51 -54.58 12.65
C ASP H 88 -17.80 -55.45 13.70
N PRO H 89 -18.59 -56.04 14.64
CA PRO H 89 -17.96 -56.81 15.73
C PRO H 89 -17.01 -57.90 15.25
N GLY H 90 -15.81 -57.89 15.82
CA GLY H 90 -14.74 -58.73 15.35
C GLY H 90 -13.49 -58.39 16.12
N PRO H 91 -12.34 -58.90 15.67
CA PRO H 91 -11.12 -58.56 16.39
C PRO H 91 -10.61 -57.18 15.95
N ARG H 92 -9.83 -56.50 16.80
CA ARG H 92 -9.28 -55.17 16.45
C ARG H 92 -8.49 -55.24 15.13
N THR H 93 -8.86 -54.39 14.17
CA THR H 93 -8.15 -54.27 12.89
C THR H 93 -6.68 -54.00 13.04
N SER H 94 -6.30 -53.37 14.15
CA SER H 94 -4.92 -52.89 14.36
C SER H 94 -4.65 -52.53 15.79
N SER H 95 -3.41 -52.17 16.07
CA SER H 95 -3.04 -51.92 17.45
C SER H 95 -3.23 -50.46 17.82
N ALA H 96 -3.41 -50.21 19.09
CA ALA H 96 -3.41 -48.86 19.61
C ALA H 96 -2.40 -48.71 20.77
N THR H 97 -1.30 -48.04 20.46
CA THR H 97 -0.19 -47.83 21.40
C THR H 97 0.14 -46.34 21.59
N THR H 98 0.26 -45.93 22.86
CA THR H 98 0.65 -44.57 23.22
C THR H 98 2.07 -44.18 22.81
N ILE H 99 2.23 -42.89 22.54
CA ILE H 99 3.52 -42.33 22.21
C ILE H 99 3.80 -41.12 23.11
N THR H 100 2.97 -40.96 24.13
CA THR H 100 3.11 -39.91 25.10
C THR H 100 2.30 -40.38 26.28
N GLU H 101 2.34 -39.63 27.38
CA GLU H 101 1.31 -39.81 28.37
C GLU H 101 0.03 -39.51 27.63
N VAL H 102 -0.92 -40.42 27.74
CA VAL H 102 -2.23 -40.14 27.20
C VAL H 102 -3.25 -40.17 28.31
N ARG H 103 -4.12 -39.15 28.33
CA ARG H 103 -5.35 -39.13 29.12
C ARG H 103 -6.47 -39.33 28.14
N ALA H 104 -7.48 -40.11 28.52
CA ALA H 104 -8.49 -40.60 27.57
C ALA H 104 -9.80 -40.95 28.24
N VAL H 105 -10.86 -41.07 27.46
CA VAL H 105 -12.13 -41.59 27.97
C VAL H 105 -12.66 -42.74 27.09
N SER H 106 -13.58 -43.52 27.65
CA SER H 106 -13.96 -44.81 27.10
C SER H 106 -15.45 -45.06 27.29
N MET H 107 -16.05 -45.74 26.32
CA MET H 107 -17.40 -46.27 26.44
C MET H 107 -17.39 -47.59 25.73
N ASP H 108 -18.29 -48.48 26.15
CA ASP H 108 -18.36 -49.80 25.56
C ASP H 108 -19.54 -49.84 24.64
N ARG H 109 -19.54 -50.87 23.77
CA ARG H 109 -20.64 -51.19 22.87
C ARG H 109 -22.02 -50.81 23.49
N ASP H 110 -22.33 -51.34 24.67
CA ASP H 110 -23.66 -51.17 25.26
C ASP H 110 -24.04 -49.71 25.39
N ALA H 111 -23.17 -48.94 26.06
CA ALA H 111 -23.33 -47.49 26.23
C ALA H 111 -23.54 -46.81 24.87
N LEU H 112 -22.63 -47.06 23.91
CA LEU H 112 -22.78 -46.45 22.60
C LEU H 112 -24.11 -46.76 21.93
N ARG H 113 -24.51 -48.04 21.94
CA ARG H 113 -25.78 -48.44 21.34
C ARG H 113 -26.94 -47.75 22.06
N SER H 114 -26.85 -47.65 23.37
CA SER H 114 -27.85 -46.92 24.17
C SER H 114 -27.93 -45.45 23.77
N TRP H 115 -26.76 -44.83 23.56
CA TRP H 115 -26.67 -43.44 23.11
C TRP H 115 -27.26 -43.20 21.77
N ILE H 116 -26.89 -44.03 20.81
CA ILE H 116 -27.47 -43.96 19.47
C ILE H 116 -28.98 -44.19 19.45
N ALA H 117 -29.50 -45.03 20.34
CA ALA H 117 -30.96 -45.21 20.38
C ALA H 117 -31.61 -44.01 20.98
N ASP H 118 -30.83 -43.28 21.79
CA ASP H 118 -31.26 -42.04 22.45
C ASP H 118 -31.16 -40.81 21.52
N ARG H 119 -30.02 -40.70 20.82
CA ARG H 119 -29.72 -39.57 19.92
C ARG H 119 -29.09 -40.11 18.64
N PRO H 120 -29.94 -40.39 17.65
CA PRO H 120 -29.71 -40.83 16.26
C PRO H 120 -28.65 -40.04 15.49
N GLU H 121 -28.38 -38.80 15.90
CA GLU H 121 -27.42 -37.93 15.23
C GLU H 121 -25.96 -38.30 15.49
N ILE H 122 -25.72 -39.02 16.57
CA ILE H 122 -24.44 -39.67 16.82
C ILE H 122 -24.14 -40.62 15.69
N SER H 123 -25.17 -41.26 15.16
CA SER H 123 -25.00 -42.14 14.04
C SER H 123 -24.52 -41.36 12.85
N GLU H 124 -25.19 -40.26 12.56
CA GLU H 124 -24.88 -39.46 11.38
C GLU H 124 -23.46 -38.95 11.39
N GLN H 125 -23.08 -38.48 12.56
CA GLN H 125 -21.76 -37.97 12.83
C GLN H 125 -20.66 -39.03 12.72
N LEU H 126 -20.87 -40.20 13.30
CA LEU H 126 -19.93 -41.30 13.12
C LEU H 126 -19.81 -41.74 11.65
N LEU H 127 -20.87 -41.51 10.89
CA LEU H 127 -20.82 -41.98 9.52
C LEU H 127 -19.92 -41.03 8.78
N ARG H 128 -19.91 -39.79 9.24
CA ARG H 128 -19.00 -38.78 8.71
C ARG H 128 -17.55 -39.19 8.93
N VAL H 129 -17.23 -39.47 10.19
CA VAL H 129 -15.91 -39.94 10.63
C VAL H 129 -15.38 -41.17 9.90
N LEU H 130 -16.17 -42.24 9.77
CA LEU H 130 -15.73 -43.45 9.05
C LEU H 130 -15.47 -43.08 7.62
N ALA H 131 -16.49 -42.49 7.01
CA ALA H 131 -16.41 -42.11 5.61
C ALA H 131 -15.17 -41.25 5.32
N ARG H 132 -14.88 -40.28 6.19
CA ARG H 132 -13.70 -39.46 6.07
C ARG H 132 -12.44 -40.36 6.14
N ARG H 133 -12.37 -41.24 7.14
CA ARG H 133 -11.20 -42.11 7.24
C ARG H 133 -11.05 -42.95 6.00
N LEU H 134 -12.18 -43.35 5.44
CA LEU H 134 -12.12 -44.20 4.31
C LEU H 134 -11.61 -43.33 3.17
N ARG H 135 -12.11 -42.11 3.05
CA ARG H 135 -11.58 -41.15 2.04
C ARG H 135 -10.05 -40.99 2.08
N ARG H 136 -9.47 -41.06 3.28
CA ARG H 136 -8.05 -40.77 3.51
C ARG H 136 -7.18 -42.03 3.41
N THR H 137 -7.73 -43.18 3.86
CA THR H 137 -7.05 -44.47 3.73
C THR H 137 -6.91 -44.76 2.25
N ASN H 138 -7.94 -44.42 1.48
CA ASN H 138 -7.87 -44.52 0.03
C ASN H 138 -6.79 -43.63 -0.54
N ASN H 139 -6.56 -42.51 0.12
CA ASN H 139 -5.56 -41.58 -0.34
C ASN H 139 -4.16 -42.17 -0.14
N ASN H 140 -3.94 -42.73 1.05
CA ASN H 140 -2.67 -43.34 1.39
C ASN H 140 -2.29 -44.51 0.51
N LEU H 141 -3.29 -45.32 0.18
CA LEU H 141 -3.12 -46.56 -0.54
C LEU H 141 -2.74 -46.28 -1.98
N ALA H 142 -3.38 -45.31 -2.61
CA ALA H 142 -3.00 -44.92 -3.95
C ALA H 142 -1.62 -44.25 -3.95
N ASP H 143 -1.19 -43.71 -2.81
CA ASP H 143 0.17 -43.16 -2.70
C ASP H 143 1.21 -44.27 -2.73
N LEU H 144 0.96 -45.32 -1.97
CA LEU H 144 1.79 -46.52 -1.98
C LEU H 144 2.03 -47.13 -3.35
N ILE H 145 1.20 -46.78 -4.34
CA ILE H 145 1.33 -47.30 -5.71
C ILE H 145 1.74 -46.23 -6.72
N PHE H 146 1.53 -44.96 -6.36
CA PHE H 146 1.60 -43.92 -7.37
C PHE H 146 2.63 -42.84 -7.10
N THR H 147 3.15 -42.85 -5.89
CA THR H 147 4.06 -41.82 -5.46
C THR H 147 5.31 -42.49 -4.94
N ASP H 148 6.45 -41.90 -5.30
CA ASP H 148 7.79 -42.22 -4.77
C ASP H 148 7.84 -41.95 -3.26
N VAL H 149 8.88 -42.45 -2.58
CA VAL H 149 8.99 -42.24 -1.12
C VAL H 149 9.09 -40.76 -0.70
N PRO H 150 10.03 -39.99 -1.28
CA PRO H 150 10.13 -38.61 -0.79
C PRO H 150 8.81 -37.82 -0.80
N GLY H 151 7.99 -38.01 -1.84
CA GLY H 151 6.66 -37.40 -1.89
C GLY H 151 5.73 -37.87 -0.78
N ARG H 152 5.75 -39.17 -0.51
CA ARG H 152 4.95 -39.76 0.59
C ARG H 152 5.41 -39.29 1.97
N VAL H 153 6.73 -39.09 2.11
CA VAL H 153 7.28 -38.43 3.27
C VAL H 153 6.73 -37.02 3.30
N ALA H 154 6.69 -36.39 2.13
CA ALA H 154 6.18 -35.04 1.99
C ALA H 154 4.77 -34.96 2.54
N LYS H 155 3.90 -35.79 1.97
CA LYS H 155 2.51 -35.94 2.39
C LYS H 155 2.34 -36.07 3.92
N GLN H 156 3.05 -37.04 4.52
CA GLN H 156 3.00 -37.24 5.97
C GLN H 156 3.36 -35.99 6.77
N LEU H 157 4.43 -35.34 6.33
CA LEU H 157 4.90 -34.10 6.95
C LEU H 157 3.80 -33.06 6.84
N LEU H 158 3.30 -32.85 5.61
CA LEU H 158 2.12 -32.03 5.39
C LEU H 158 1.02 -32.34 6.37
N GLN H 159 0.42 -33.54 6.24
CA GLN H 159 -0.71 -33.96 7.08
C GLN H 159 -0.44 -33.96 8.58
N LEU H 160 0.75 -34.37 8.98
CA LEU H 160 1.11 -34.19 10.38
C LEU H 160 0.97 -32.71 10.73
N ALA H 161 1.51 -31.85 9.86
CA ALA H 161 1.36 -30.41 10.00
C ALA H 161 -0.11 -30.07 10.17
N GLN H 162 -0.92 -30.44 9.16
CA GLN H 162 -2.36 -30.13 9.04
C GLN H 162 -3.18 -30.42 10.30
N ARG H 163 -2.62 -31.20 11.21
CA ARG H 163 -3.39 -31.71 12.33
C ARG H 163 -2.72 -31.36 13.66
N PHE H 164 -1.39 -31.24 13.67
CA PHE H 164 -0.67 -30.96 14.91
C PHE H 164 0.06 -29.61 14.97
N GLY H 165 0.30 -29.02 13.80
CA GLY H 165 1.12 -27.80 13.66
C GLY H 165 0.75 -26.59 14.51
N THR H 166 1.76 -25.92 15.05
CA THR H 166 1.59 -24.63 15.74
C THR H 166 2.60 -23.64 15.15
N GLN H 167 2.37 -22.34 15.35
CA GLN H 167 3.28 -21.33 14.81
C GLN H 167 4.56 -21.16 15.63
N GLU H 168 5.67 -21.00 14.91
CA GLU H 168 6.93 -20.57 15.49
C GLU H 168 7.57 -19.59 14.49
N GLY H 169 7.22 -18.31 14.63
CA GLY H 169 7.64 -17.24 13.72
C GLY H 169 7.29 -17.46 12.25
N GLY H 170 5.99 -17.46 11.95
CA GLY H 170 5.51 -17.61 10.56
C GLY H 170 6.01 -18.82 9.76
N ALA H 171 6.43 -19.87 10.47
CA ALA H 171 6.80 -21.17 9.89
C ALA H 171 6.56 -22.25 10.95
N LEU H 172 5.65 -23.19 10.65
CA LEU H 172 4.98 -24.00 11.67
C LEU H 172 5.81 -25.11 12.37
N ARG H 173 5.66 -25.17 13.71
CA ARG H 173 6.24 -26.21 14.59
C ARG H 173 5.34 -27.45 14.72
N VAL H 174 5.91 -28.64 14.50
CA VAL H 174 5.14 -29.87 14.56
C VAL H 174 5.81 -30.90 15.46
N THR H 175 5.48 -30.88 16.75
CA THR H 175 6.02 -31.87 17.65
C THR H 175 5.17 -33.12 17.54
N HIS H 176 5.54 -33.98 16.59
CA HIS H 176 4.75 -35.19 16.31
C HIS H 176 4.91 -36.30 17.32
N ASP H 177 6.10 -36.38 17.92
CA ASP H 177 6.43 -37.34 19.00
C ASP H 177 6.90 -38.72 18.53
N LEU H 178 7.17 -38.81 17.25
CA LEU H 178 7.60 -40.05 16.64
C LEU H 178 9.12 -40.23 16.69
N THR H 179 9.53 -41.49 16.66
CA THR H 179 10.92 -41.84 16.35
C THR H 179 11.07 -41.69 14.84
N GLN H 180 12.22 -42.05 14.30
CA GLN H 180 12.38 -42.01 12.86
C GLN H 180 11.89 -43.33 12.25
N GLU H 181 11.88 -44.37 13.08
CA GLU H 181 11.25 -45.64 12.73
C GLU H 181 9.77 -45.33 12.50
N GLU H 182 9.08 -44.96 13.57
CA GLU H 182 7.68 -44.57 13.51
C GLU H 182 7.30 -43.74 12.28
N ILE H 183 7.89 -42.55 12.14
CA ILE H 183 7.78 -41.81 10.88
C ILE H 183 7.97 -42.69 9.63
N ALA H 184 8.91 -43.62 9.66
CA ALA H 184 9.14 -44.53 8.53
C ALA H 184 7.90 -45.40 8.27
N GLN H 185 7.41 -46.06 9.32
CA GLN H 185 6.28 -46.99 9.27
C GLN H 185 4.99 -46.31 8.79
N LEU H 186 4.94 -45.00 8.95
CA LEU H 186 3.82 -44.19 8.51
C LEU H 186 3.90 -43.93 7.00
N VAL H 187 5.09 -44.10 6.41
CA VAL H 187 5.29 -43.71 5.02
C VAL H 187 5.15 -44.94 4.11
N GLY H 188 5.22 -46.11 4.73
CA GLY H 188 5.24 -47.39 4.02
C GLY H 188 6.65 -47.93 3.81
N ALA H 189 7.60 -47.01 3.69
CA ALA H 189 8.98 -47.32 3.31
C ALA H 189 9.87 -47.73 4.48
N SER H 190 11.14 -48.02 4.12
CA SER H 190 12.21 -48.48 5.05
C SER H 190 12.87 -47.33 5.78
N ARG H 191 13.44 -47.63 6.94
CA ARG H 191 14.20 -46.64 7.70
C ARG H 191 15.19 -45.89 6.80
N GLU H 192 15.90 -46.65 5.97
CA GLU H 192 16.84 -46.09 5.01
C GLU H 192 16.21 -44.98 4.15
N THR H 193 15.31 -45.36 3.25
CA THR H 193 14.83 -44.44 2.22
C THR H 193 14.03 -43.26 2.80
N VAL H 194 13.70 -43.37 4.10
CA VAL H 194 13.08 -42.27 4.84
C VAL H 194 14.14 -41.25 5.31
N ASN H 195 14.94 -41.63 6.31
CA ASN H 195 16.10 -40.86 6.80
C ASN H 195 16.83 -40.14 5.67
N LYS H 196 17.12 -40.87 4.59
CA LYS H 196 17.61 -40.30 3.36
C LYS H 196 16.78 -39.05 3.00
N ALA H 197 15.61 -39.24 2.40
CA ALA H 197 14.75 -38.10 2.04
C ALA H 197 14.44 -37.16 3.23
N LEU H 198 14.94 -37.48 4.42
CA LEU H 198 14.85 -36.56 5.57
C LEU H 198 16.18 -35.86 5.89
N ALA H 199 17.12 -35.99 4.96
CA ALA H 199 18.36 -35.24 4.94
C ALA H 199 18.53 -34.61 3.56
N ASP H 200 17.87 -35.20 2.56
CA ASP H 200 17.77 -34.63 1.21
C ASP H 200 16.68 -33.56 1.22
N PHE H 201 16.25 -33.19 2.43
CA PHE H 201 15.35 -32.07 2.70
C PHE H 201 15.96 -31.15 3.77
N ALA H 202 16.90 -31.69 4.54
CA ALA H 202 17.72 -30.89 5.45
C ALA H 202 18.86 -30.21 4.69
N HIS H 203 19.51 -30.95 3.76
CA HIS H 203 20.45 -30.36 2.78
C HIS H 203 19.71 -29.58 1.72
N ARG H 204 18.50 -29.16 2.08
CA ARG H 204 17.67 -28.26 1.27
C ARG H 204 17.08 -27.16 2.16
N GLY H 205 17.20 -27.32 3.48
CA GLY H 205 16.66 -26.37 4.48
C GLY H 205 15.14 -26.26 4.63
N TRP H 206 14.40 -26.99 3.77
CA TRP H 206 12.92 -27.02 3.74
C TRP H 206 12.34 -27.23 5.10
N ILE H 207 12.96 -28.15 5.85
CA ILE H 207 12.62 -28.44 7.23
C ILE H 207 13.90 -28.52 8.08
N ARG H 208 13.74 -28.66 9.38
CA ARG H 208 14.87 -28.71 10.28
C ARG H 208 14.57 -29.77 11.32
N LEU H 209 14.71 -31.04 10.92
CA LEU H 209 14.40 -32.14 11.80
C LEU H 209 15.14 -31.99 13.14
N GLU H 210 14.38 -31.58 14.17
CA GLU H 210 14.85 -31.60 15.54
C GLU H 210 14.27 -32.82 16.28
N GLY H 211 14.29 -33.96 15.57
CA GLY H 211 13.78 -35.24 16.08
C GLY H 211 12.26 -35.24 16.22
N LYS H 212 11.80 -35.35 17.46
CA LYS H 212 10.38 -35.49 17.80
C LYS H 212 9.54 -34.28 17.39
N SER H 213 10.20 -33.18 17.06
CA SER H 213 9.55 -32.05 16.41
C SER H 213 10.22 -31.78 15.08
N VAL H 214 9.52 -31.07 14.20
CA VAL H 214 10.07 -30.71 12.90
C VAL H 214 9.52 -29.33 12.55
N LEU H 215 10.40 -28.38 12.31
CA LEU H 215 10.01 -27.05 11.88
C LEU H 215 9.89 -27.02 10.35
N ILE H 216 8.73 -26.62 9.85
CA ILE H 216 8.50 -26.58 8.41
C ILE H 216 8.59 -25.12 7.94
N SER H 217 9.48 -24.88 7.00
CA SER H 217 9.81 -23.53 6.56
C SER H 217 9.47 -23.31 5.09
N ASP H 218 9.29 -24.42 4.36
CA ASP H 218 9.02 -24.38 2.93
C ASP H 218 7.81 -25.27 2.56
N SER H 219 6.62 -24.77 2.88
CA SER H 219 5.37 -25.58 2.87
C SER H 219 4.78 -25.92 1.50
N GLU H 220 4.55 -24.90 0.66
CA GLU H 220 3.97 -25.09 -0.66
C GLU H 220 4.97 -25.59 -1.69
N ARG H 221 6.26 -25.35 -1.42
CA ARG H 221 7.32 -25.86 -2.27
C ARG H 221 7.68 -27.28 -1.84
N LEU H 222 7.22 -27.67 -0.65
CA LEU H 222 7.21 -29.07 -0.22
C LEU H 222 5.96 -29.79 -0.76
N ALA H 223 4.89 -29.02 -0.98
CA ALA H 223 3.67 -29.50 -1.65
C ALA H 223 3.73 -29.27 -3.17
N ARG H 224 4.85 -28.70 -3.62
CA ARG H 224 5.25 -28.82 -5.00
C ARG H 224 5.79 -30.24 -5.11
N ARG H 225 6.40 -30.70 -4.02
CA ARG H 225 7.03 -32.02 -3.91
C ARG H 225 6.04 -33.11 -3.50
N ALA H 226 5.14 -32.77 -2.58
CA ALA H 226 4.07 -33.69 -2.16
C ALA H 226 3.11 -34.00 -3.32
N ARG H 227 2.72 -32.95 -4.05
CA ARG H 227 1.94 -33.14 -5.26
C ARG H 227 2.85 -33.79 -6.28
P CMP I . 16.55 51.83 -15.40
O1P CMP I . 15.29 52.02 -16.18
O2P CMP I . 16.98 52.72 -14.25
O5' CMP I . 17.80 51.74 -16.42
C5' CMP I . 19.07 51.31 -15.94
C4' CMP I . 18.83 49.92 -15.36
O4' CMP I . 19.90 49.39 -14.59
C3' CMP I . 17.76 49.93 -14.31
O3' CMP I . 16.54 50.32 -14.88
C2' CMP I . 17.82 48.49 -13.87
O2' CMP I . 17.27 47.69 -14.89
C1' CMP I . 19.32 48.28 -13.87
N9 CMP I . 19.75 48.35 -12.49
C8 CMP I . 19.85 49.46 -11.73
N7 CMP I . 20.28 49.19 -10.48
C5 CMP I . 20.46 47.88 -10.46
C6 CMP I . 20.90 46.96 -9.46
N6 CMP I . 21.22 47.42 -8.23
N1 CMP I . 20.94 45.67 -9.82
C2 CMP I . 20.60 45.21 -11.03
N3 CMP I . 20.19 46.01 -12.01
C4 CMP I . 20.10 47.33 -11.77
P CMP J . 13.30 42.05 4.64
O1P CMP J . 12.22 41.03 4.68
O2P CMP J . 14.67 41.81 4.06
O5' CMP J . 13.57 42.51 6.15
C5' CMP J . 14.35 43.70 6.34
C4' CMP J . 13.67 44.82 5.55
O4' CMP J . 14.34 46.10 5.58
C3' CMP J . 13.59 44.51 4.07
O3' CMP J . 12.73 43.37 3.90
C2' CMP J . 13.16 45.86 3.53
O2' CMP J . 11.79 46.12 3.84
C1' CMP J . 14.01 46.79 4.38
N9 CMP J . 15.22 47.09 3.57
C8 CMP J . 16.26 46.28 3.38
N7 CMP J . 17.16 46.81 2.54
C5 CMP J . 16.70 47.99 2.17
C6 CMP J . 17.17 49.08 1.31
N6 CMP J . 18.34 49.04 0.64
N1 CMP J . 16.36 50.16 1.21
C2 CMP J . 15.20 50.25 1.85
N3 CMP J . 14.72 49.30 2.64
C4 CMP J . 15.43 48.17 2.84
P CMP K . 6.08 21.33 5.94
O1P CMP K . 5.29 21.74 7.14
O2P CMP K . 7.57 21.06 6.14
O5' CMP K . 6.14 22.30 4.69
C5' CMP K . 7.04 21.82 3.72
C4' CMP K . 6.35 20.60 3.16
O4' CMP K . 7.02 19.95 2.10
C3' CMP K . 6.27 19.55 4.22
O3' CMP K . 5.38 20.05 5.19
C2' CMP K . 5.98 18.31 3.44
O2' CMP K . 4.62 18.20 3.06
C1' CMP K . 6.78 18.57 2.17
N9 CMP K . 8.11 17.95 2.32
C8 CMP K . 9.12 18.44 3.05
N7 CMP K . 10.18 17.63 2.97
C5 CMP K . 9.87 16.59 2.17
C6 CMP K . 10.55 15.36 1.71
N6 CMP K . 11.82 15.11 2.06
N1 CMP K . 9.86 14.53 0.89
C2 CMP K . 8.58 14.79 0.52
N3 CMP K . 7.90 15.88 0.93
C4 CMP K . 8.49 16.81 1.74
P CMP L . 12.58 0.13 8.99
O1P CMP L . 11.53 -0.85 9.43
O2P CMP L . 12.64 0.56 7.53
O5' CMP L . 14.04 -0.42 9.33
C5' CMP L . 15.17 0.46 9.31
C4' CMP L . 14.83 1.48 10.37
O4' CMP L . 15.82 2.50 10.63
C3' CMP L . 13.61 2.26 9.92
O3' CMP L . 12.50 1.40 9.97
C2' CMP L . 13.61 3.43 10.89
O2' CMP L . 13.06 2.99 12.12
C1' CMP L . 15.10 3.70 11.00
N9 CMP L . 15.37 4.67 9.93
C8 CMP L . 15.39 4.44 8.59
N7 CMP L . 15.64 5.57 7.88
C5 CMP L . 15.77 6.55 8.79
C6 CMP L . 16.03 7.98 8.74
N6 CMP L . 16.23 8.64 7.56
N1 CMP L . 16.07 8.61 9.95
C2 CMP L . 15.88 8.01 11.14
N3 CMP L . 15.64 6.71 11.25
C4 CMP L . 15.58 5.96 10.13
P CMP M . -22.48 -0.62 -8.61
O1P CMP M . -23.72 0.23 -8.80
O2P CMP M . -21.97 -1.03 -7.25
O5' CMP M . -21.19 0.09 -9.25
C5' CMP M . -20.00 -0.70 -9.36
C4' CMP M . -20.45 -1.88 -10.22
O4' CMP M . -19.43 -2.83 -10.55
C3' CMP M . -21.52 -2.72 -9.55
O3' CMP M . -22.69 -1.94 -9.49
C2' CMP M . -21.60 -3.86 -10.51
O2' CMP M . -22.33 -3.43 -11.66
C1' CMP M . -20.12 -4.05 -10.83
N9 CMP M . -19.60 -5.05 -9.89
C8 CMP M . -19.41 -4.84 -8.56
N7 CMP M . -18.91 -5.95 -7.98
C5 CMP M . -18.77 -6.88 -8.94
C6 CMP M . -18.29 -8.27 -8.99
N6 CMP M . -17.87 -8.86 -7.84
N1 CMP M . -18.28 -8.90 -10.20
C2 CMP M . -18.71 -8.29 -11.32
N3 CMP M . -19.18 -7.03 -11.34
C4 CMP M . -19.22 -6.28 -10.20
P CMP N . -27.02 -22.14 -4.29
O1P CMP N . -28.25 -22.84 -4.83
O2P CMP N . -25.80 -21.93 -5.17
O5' CMP N . -26.41 -22.93 -3.05
C5' CMP N . -25.41 -22.26 -2.34
C4' CMP N . -26.25 -21.18 -1.70
O4' CMP N . -25.65 -20.45 -0.64
C3' CMP N . -26.55 -20.17 -2.73
O3' CMP N . -27.52 -20.79 -3.53
C2' CMP N . -26.97 -19.00 -1.88
O2' CMP N . -28.24 -19.23 -1.28
C1' CMP N . -25.96 -19.08 -0.78
N9 CMP N . -24.72 -18.40 -1.19
C8 CMP N . -23.85 -18.82 -2.10
N7 CMP N . -22.82 -17.97 -2.21
C5 CMP N . -23.04 -16.97 -1.36
C6 CMP N . -22.36 -15.72 -0.99
N6 CMP N . -21.18 -15.39 -1.60
N1 CMP N . -22.93 -14.94 -0.03
C2 CMP N . -24.07 -15.28 0.58
N3 CMP N . -24.73 -16.38 0.27
C4 CMP N . -24.28 -17.25 -0.68
P CMP O . -18.03 -42.31 -3.45
O1P CMP O . -19.24 -41.45 -3.35
O2P CMP O . -16.68 -41.83 -3.04
O5' CMP O . -17.93 -42.85 -4.97
C5' CMP O . -16.94 -43.86 -5.20
C4' CMP O . -17.44 -45.02 -4.35
O4' CMP O . -16.68 -46.23 -4.44
C3' CMP O . -17.38 -44.69 -2.88
O3' CMP O . -18.31 -43.64 -2.61
C2' CMP O . -17.64 -46.06 -2.26
O2' CMP O . -19.02 -46.47 -2.38
C1' CMP O . -16.83 -46.92 -3.19
N9 CMP O . -15.49 -47.03 -2.60
C8 CMP O . -14.49 -46.15 -2.73
N7 CMP O . -13.40 -46.59 -2.05
C5 CMP O . -13.71 -47.77 -1.50
C6 CMP O . -13.04 -48.79 -0.67
N6 CMP O . -11.75 -48.70 -0.24
N1 CMP O . -13.77 -49.86 -0.34
C2 CMP O . -15.00 -50.03 -0.71
N3 CMP O . -15.65 -49.17 -1.47
C4 CMP O . -15.07 -48.05 -1.88
P CMP P . -10.49 -51.04 16.03
O1P CMP P . -11.40 -51.43 17.14
O2P CMP P . -10.39 -51.80 14.72
O5' CMP P . -8.99 -50.94 16.57
C5' CMP P . -8.01 -50.39 15.69
C4' CMP P . -8.49 -48.97 15.52
O4' CMP P . -7.65 -48.12 14.77
C3' CMP P . -9.77 -48.99 14.75
O3' CMP P . -10.74 -49.50 15.64
C2' CMP P . -9.91 -47.54 14.33
O2' CMP P . -10.43 -46.76 15.38
C1' CMP P . -8.47 -47.16 14.08
N9 CMP P . -8.24 -47.39 12.65
C8 CMP P . -8.19 -48.59 12.04
N7 CMP P . -7.99 -48.46 10.71
C5 CMP P . -7.90 -47.15 10.46
C6 CMP P . -7.69 -46.29 9.29
N6 CMP P . -7.52 -46.77 8.05
N1 CMP P . -7.65 -44.97 9.49
C2 CMP P . -7.82 -44.43 10.70
N3 CMP P . -8.03 -45.14 11.81
C4 CMP P . -8.07 -46.47 11.76
#